data_8VAO
#
_entry.id   8VAO
#
_cell.length_a   1.00
_cell.length_b   1.00
_cell.length_c   1.00
_cell.angle_alpha   90.00
_cell.angle_beta   90.00
_cell.angle_gamma   90.00
#
_symmetry.space_group_name_H-M   'P 1'
#
loop_
_entity.id
_entity.type
_entity.pdbx_description
1 polymer 'Spike protein S2'
2 non-polymer 2-acetamido-2-deoxy-beta-D-glucopyranose
#
_entity_poly.entity_id   1
_entity_poly.type   'polypeptide(L)'
_entity_poly.pdbx_seq_one_letter_code
;MSLGAENCVAYSNNSIAIPTNFTISVTTEILPVSMTKTSVDCTMYICGDSTECSNLLLQYGSFCTQLNRALTGIAVEQDK
NTQEVFAQVKQIYCTPPIKDFGGFNFSQILPDPSKPSKRSPIEDLLFNKVTLADAGFIKQYGDCLGDIAARDLICAQKFN
GLTVLPPLLTDEMIAQYTSALLAGTITSGWTFGAGPALQIPFPMQMAYRFNGIGVTQNVLYENQKLIANQFNSAIGKIQD
SLSSTPSALGKLQDVVNQNAEALNTLVKQLSSNFGAISSVLNDILSRLDPPEAEWQIDRLIWGRLQSLQTYVTQQLIRAA
EIRASANLAATKMSECVLGQSKRVDFCGKGYHLMSFPQSAPHGVVFLHVTYVPAQEKNFTTAPAICHDGKAHFPREGVFV
SNGTHWFVTQRNFYEPQIITTDNTFVSGNCDVVIGIVNNTVYDPLQPELDSFKEELDKYFKNHTSPDVDLGDISGINASV
VNIQKEIDRLNEVAKNLNESLIDLQELGKYEQ
;
_entity_poly.pdbx_strand_id   A,B,C
#
# COMPACT_ATOMS: atom_id res chain seq x y z
N CYS A 8 24.93 27.29 9.40
CA CYS A 8 23.71 26.47 9.18
C CYS A 8 22.82 27.11 8.12
N VAL A 9 21.89 26.34 7.57
CA VAL A 9 21.01 26.85 6.54
C VAL A 9 20.12 27.95 7.13
N ALA A 10 19.86 28.98 6.33
CA ALA A 10 19.06 30.11 6.77
C ALA A 10 18.09 30.49 5.66
N TYR A 11 16.85 30.79 6.05
CA TYR A 11 15.85 31.21 5.08
C TYR A 11 16.12 32.63 4.61
N SER A 12 15.64 32.94 3.41
CA SER A 12 15.73 34.29 2.88
C SER A 12 14.58 34.52 1.92
N ASN A 13 14.04 35.74 1.95
CA ASN A 13 12.87 36.09 1.15
C ASN A 13 13.20 36.43 -0.29
N ASN A 14 14.49 36.55 -0.64
CA ASN A 14 14.86 36.96 -1.99
C ASN A 14 16.03 36.14 -2.55
N SER A 15 16.36 35.01 -1.94
CA SER A 15 17.45 34.16 -2.40
C SER A 15 16.93 32.78 -2.74
N ILE A 16 17.41 32.24 -3.87
CA ILE A 16 17.06 30.89 -4.31
C ILE A 16 18.34 30.15 -4.64
N ALA A 17 18.35 28.85 -4.35
CA ALA A 17 19.47 27.97 -4.66
C ALA A 17 19.08 27.06 -5.82
N ILE A 18 19.93 27.03 -6.84
CA ILE A 18 19.69 26.21 -8.03
C ILE A 18 20.90 25.32 -8.24
N PRO A 19 20.73 24.03 -8.53
CA PRO A 19 21.89 23.14 -8.70
C PRO A 19 22.54 23.34 -10.06
N THR A 20 23.88 23.43 -10.05
CA THR A 20 24.66 23.59 -11.26
C THR A 20 25.20 22.27 -11.81
N ASN A 21 25.06 21.17 -11.07
CA ASN A 21 25.56 19.88 -11.50
C ASN A 21 24.66 18.80 -10.95
N PHE A 22 24.98 17.54 -11.28
CA PHE A 22 24.19 16.41 -10.81
C PHE A 22 25.09 15.18 -10.67
N THR A 23 24.67 14.28 -9.80
CA THR A 23 25.35 13.00 -9.60
C THR A 23 24.32 11.88 -9.65
N ILE A 24 24.48 10.96 -10.59
CA ILE A 24 23.62 9.80 -10.68
C ILE A 24 24.06 8.77 -9.63
N SER A 25 23.08 8.17 -8.96
CA SER A 25 23.33 7.19 -7.91
C SER A 25 22.40 6.00 -8.08
N VAL A 26 22.87 4.84 -7.65
CA VAL A 26 22.12 3.59 -7.71
C VAL A 26 22.00 3.04 -6.30
N THR A 27 20.77 2.86 -5.84
CA THR A 27 20.49 2.36 -4.50
C THR A 27 19.72 1.05 -4.61
N THR A 28 20.22 0.01 -3.95
CA THR A 28 19.58 -1.30 -3.95
C THR A 28 18.54 -1.40 -2.85
N GLU A 29 17.45 -2.10 -3.14
CA GLU A 29 16.40 -2.41 -2.17
C GLU A 29 16.08 -3.89 -2.27
N ILE A 30 16.16 -4.58 -1.12
CA ILE A 30 15.96 -6.02 -1.05
C ILE A 30 14.66 -6.29 -0.31
N LEU A 31 13.78 -7.09 -0.93
CA LEU A 31 12.51 -7.44 -0.34
C LEU A 31 12.31 -8.95 -0.43
N PRO A 32 11.91 -9.62 0.66
CA PRO A 32 11.59 -11.04 0.56
C PRO A 32 10.26 -11.25 -0.17
N VAL A 33 10.23 -12.26 -1.04
CA VAL A 33 9.07 -12.52 -1.86
C VAL A 33 8.40 -13.84 -1.55
N SER A 34 9.15 -14.85 -1.11
CA SER A 34 8.59 -16.17 -0.86
C SER A 34 9.29 -16.83 0.32
N MET A 35 8.78 -18.00 0.70
CA MET A 35 9.30 -18.78 1.80
C MET A 35 9.38 -20.24 1.35
N THR A 36 10.23 -21.00 2.03
CA THR A 36 10.37 -22.42 1.72
C THR A 36 9.05 -23.14 1.99
N LYS A 37 8.64 -23.98 1.04
CA LYS A 37 7.37 -24.69 1.10
C LYS A 37 7.42 -25.88 2.07
N THR A 38 7.67 -25.55 3.33
CA THR A 38 7.68 -26.56 4.38
C THR A 38 6.27 -27.06 4.68
N SER A 39 6.17 -28.32 5.06
CA SER A 39 4.90 -28.93 5.42
C SER A 39 5.14 -29.97 6.50
N VAL A 40 4.11 -30.21 7.31
CA VAL A 40 4.18 -31.15 8.43
C VAL A 40 2.93 -32.00 8.46
N ASP A 41 3.10 -33.30 8.67
CA ASP A 41 1.99 -34.21 8.83
C ASP A 41 1.66 -34.35 10.31
N CYS A 42 0.39 -34.18 10.66
CA CYS A 42 -0.02 -34.15 12.06
C CYS A 42 -0.21 -35.54 12.67
N THR A 43 -0.37 -36.57 11.85
CA THR A 43 -0.54 -37.93 12.36
C THR A 43 0.77 -38.71 12.37
N MET A 44 1.88 -38.06 11.99
CA MET A 44 3.20 -38.65 12.04
C MET A 44 4.12 -37.96 13.02
N TYR A 45 3.92 -36.66 13.25
CA TYR A 45 4.67 -35.94 14.27
C TYR A 45 4.32 -36.46 15.66
N ILE A 46 3.03 -36.61 15.93
CA ILE A 46 2.58 -37.01 17.26
C ILE A 46 2.77 -38.51 17.46
N CYS A 47 2.21 -39.31 16.56
CA CYS A 47 2.30 -40.76 16.62
C CYS A 47 3.14 -41.27 15.47
N GLY A 48 4.24 -41.94 15.78
CA GLY A 48 5.14 -42.42 14.74
C GLY A 48 5.28 -43.93 14.76
N ASP A 49 4.57 -44.59 13.84
CA ASP A 49 4.57 -46.04 13.62
C ASP A 49 3.63 -46.73 14.60
N SER A 50 3.26 -46.03 15.67
CA SER A 50 2.38 -46.61 16.69
C SER A 50 0.95 -46.64 16.18
N THR A 51 0.30 -47.80 16.32
CA THR A 51 -1.10 -47.93 15.96
C THR A 51 -2.03 -47.64 17.13
N GLU A 52 -1.53 -47.75 18.37
CA GLU A 52 -2.35 -47.43 19.53
C GLU A 52 -2.49 -45.93 19.73
N CYS A 53 -1.49 -45.16 19.31
CA CYS A 53 -1.55 -43.70 19.43
C CYS A 53 -2.40 -43.06 18.35
N SER A 54 -2.67 -43.77 17.25
CA SER A 54 -3.49 -43.21 16.19
C SER A 54 -4.98 -43.35 16.50
N ASN A 55 -5.41 -44.57 16.82
CA ASN A 55 -6.78 -44.81 17.26
C ASN A 55 -7.25 -43.73 18.22
N LEU A 56 -6.40 -43.36 19.18
CA LEU A 56 -6.76 -42.35 20.15
C LEU A 56 -6.78 -40.96 19.53
N LEU A 57 -5.82 -40.68 18.63
CA LEU A 57 -5.73 -39.36 18.04
C LEU A 57 -6.92 -39.04 17.15
N LEU A 58 -7.69 -40.07 16.75
CA LEU A 58 -8.87 -39.84 15.92
C LEU A 58 -10.00 -39.24 16.75
N GLN A 59 -10.04 -39.55 18.04
CA GLN A 59 -11.10 -39.04 18.91
C GLN A 59 -11.00 -37.54 19.11
N TYR A 60 -9.84 -36.94 18.86
CA TYR A 60 -9.66 -35.50 18.99
C TYR A 60 -10.21 -34.73 17.79
N GLY A 61 -10.88 -35.41 16.86
CA GLY A 61 -11.56 -34.73 15.78
C GLY A 61 -10.62 -34.17 14.71
N SER A 62 -11.05 -33.06 14.12
CA SER A 62 -10.42 -32.46 12.95
C SER A 62 -9.14 -31.69 13.24
N PHE A 63 -8.64 -31.70 14.47
CA PHE A 63 -7.47 -30.88 14.79
C PHE A 63 -6.35 -31.10 13.78
N CYS A 64 -6.04 -32.37 13.49
CA CYS A 64 -4.96 -32.65 12.55
C CYS A 64 -5.25 -32.12 11.16
N THR A 65 -6.49 -32.30 10.69
CA THR A 65 -6.84 -31.83 9.35
C THR A 65 -6.76 -30.32 9.24
N GLN A 66 -7.10 -29.60 10.31
CA GLN A 66 -7.04 -28.15 10.27
C GLN A 66 -5.60 -27.65 10.10
N LEU A 67 -4.67 -28.21 10.89
CA LEU A 67 -3.28 -27.76 10.81
C LEU A 67 -2.66 -28.14 9.47
N ASN A 68 -2.95 -29.34 8.98
CA ASN A 68 -2.38 -29.75 7.69
C ASN A 68 -2.86 -28.84 6.56
N ARG A 69 -4.16 -28.51 6.55
CA ARG A 69 -4.68 -27.65 5.51
C ARG A 69 -4.07 -26.26 5.57
N ALA A 70 -3.86 -25.75 6.79
CA ALA A 70 -3.26 -24.42 6.95
C ALA A 70 -1.87 -24.37 6.31
N LEU A 71 -1.03 -25.38 6.59
CA LEU A 71 0.30 -25.39 6.02
C LEU A 71 0.26 -25.49 4.50
N THR A 72 -0.70 -26.27 3.97
CA THR A 72 -0.82 -26.39 2.52
C THR A 72 -1.15 -25.05 1.89
N GLY A 73 -2.03 -24.28 2.52
CA GLY A 73 -2.34 -22.96 2.00
C GLY A 73 -1.14 -22.05 1.93
N ILE A 74 -0.30 -22.08 2.96
CA ILE A 74 0.92 -21.27 2.97
C ILE A 74 1.81 -21.64 1.81
N ALA A 75 2.00 -22.94 1.57
CA ALA A 75 2.85 -23.38 0.47
C ALA A 75 2.33 -22.89 -0.87
N VAL A 76 1.02 -22.98 -1.09
CA VAL A 76 0.43 -22.50 -2.33
C VAL A 76 0.59 -21.00 -2.45
N GLU A 77 0.51 -20.29 -1.33
CA GLU A 77 0.65 -18.84 -1.35
C GLU A 77 2.04 -18.41 -1.82
N GLN A 78 3.07 -19.20 -1.50
CA GLN A 78 4.42 -18.85 -1.92
C GLN A 78 4.55 -18.91 -3.44
N ASP A 79 3.89 -19.87 -4.07
CA ASP A 79 3.92 -19.94 -5.53
C ASP A 79 3.24 -18.74 -6.15
N LYS A 80 2.07 -18.36 -5.61
CA LYS A 80 1.37 -17.19 -6.13
C LYS A 80 2.18 -15.92 -5.94
N ASN A 81 2.80 -15.77 -4.78
CA ASN A 81 3.59 -14.58 -4.50
C ASN A 81 4.67 -14.37 -5.55
N THR A 82 5.42 -15.43 -5.87
CA THR A 82 6.48 -15.33 -6.87
C THR A 82 5.91 -15.02 -8.24
N GLN A 83 4.82 -15.68 -8.62
CA GLN A 83 4.23 -15.45 -9.93
C GLN A 83 3.75 -14.01 -10.07
N GLU A 84 3.11 -13.46 -9.04
CA GLU A 84 2.59 -12.11 -9.12
C GLU A 84 3.69 -11.06 -9.29
N VAL A 85 4.92 -11.37 -8.89
CA VAL A 85 6.02 -10.42 -8.98
C VAL A 85 6.72 -10.55 -10.33
N PHE A 86 7.19 -11.75 -10.64
CA PHE A 86 8.04 -11.96 -11.82
C PHE A 86 7.26 -12.22 -13.10
N ALA A 87 6.06 -12.78 -13.00
CA ALA A 87 5.30 -13.16 -14.19
C ALA A 87 4.49 -12.01 -14.77
N GLN A 88 4.74 -10.78 -14.35
CA GLN A 88 3.97 -9.65 -14.87
C GLN A 88 4.15 -9.50 -16.37
N VAL A 89 5.28 -9.95 -16.91
CA VAL A 89 5.55 -9.95 -18.35
C VAL A 89 6.04 -11.35 -18.73
N LYS A 90 5.45 -11.90 -19.78
CA LYS A 90 5.82 -13.23 -20.27
C LYS A 90 6.16 -13.26 -21.75
N GLN A 91 6.11 -12.12 -22.44
CA GLN A 91 6.59 -12.02 -23.82
C GLN A 91 8.10 -11.84 -23.79
N ILE A 92 8.80 -12.95 -23.54
CA ILE A 92 10.23 -12.95 -23.32
C ILE A 92 10.93 -12.18 -24.43
N TYR A 93 11.61 -11.10 -24.07
CA TYR A 93 12.37 -10.30 -25.03
C TYR A 93 13.75 -10.92 -25.25
N CYS A 94 14.18 -10.93 -26.51
CA CYS A 94 15.46 -11.54 -26.85
C CYS A 94 16.60 -10.65 -26.39
N THR A 95 17.65 -11.28 -25.86
CA THR A 95 18.79 -10.53 -25.35
C THR A 95 19.34 -9.61 -26.44
N PRO A 96 19.76 -8.40 -26.10
CA PRO A 96 20.31 -7.49 -27.11
C PRO A 96 21.77 -7.84 -27.41
N PRO A 97 22.06 -8.33 -28.62
CA PRO A 97 23.44 -8.69 -28.93
C PRO A 97 24.31 -7.51 -29.35
N ILE A 98 23.73 -6.34 -29.56
CA ILE A 98 24.48 -5.16 -29.98
C ILE A 98 25.03 -4.49 -28.72
N LYS A 99 26.34 -4.60 -28.50
CA LYS A 99 27.00 -4.00 -27.36
C LYS A 99 27.54 -2.62 -27.70
N ASP A 100 26.67 -1.76 -28.25
CA ASP A 100 27.05 -0.45 -28.75
C ASP A 100 26.05 0.61 -28.29
N PHE A 101 25.72 0.58 -27.00
CA PHE A 101 24.90 1.63 -26.42
C PHE A 101 25.72 2.93 -26.33
N GLY A 102 25.10 3.96 -25.77
CA GLY A 102 25.73 5.26 -25.69
C GLY A 102 26.68 5.42 -24.52
N GLY A 103 27.37 4.33 -24.16
CA GLY A 103 28.31 4.33 -23.06
C GLY A 103 27.89 3.50 -21.87
N PHE A 104 26.61 3.20 -21.75
CA PHE A 104 26.10 2.45 -20.61
C PHE A 104 26.54 0.99 -20.71
N ASN A 105 27.21 0.51 -19.67
CA ASN A 105 27.80 -0.82 -19.64
C ASN A 105 26.96 -1.70 -18.71
N PHE A 106 25.92 -2.32 -19.26
CA PHE A 106 25.04 -3.22 -18.53
C PHE A 106 25.65 -4.60 -18.30
N SER A 107 26.94 -4.79 -18.58
CA SER A 107 27.53 -6.11 -18.50
C SER A 107 27.37 -6.73 -17.12
N GLN A 108 27.34 -5.92 -16.06
CA GLN A 108 27.11 -6.43 -14.73
C GLN A 108 25.64 -6.65 -14.42
N ILE A 109 24.75 -6.07 -15.21
CA ILE A 109 23.31 -6.22 -15.00
C ILE A 109 22.74 -7.39 -15.79
N LEU A 110 23.13 -7.51 -17.05
CA LEU A 110 22.62 -8.57 -17.90
C LEU A 110 23.38 -9.87 -17.66
N PRO A 111 22.80 -11.00 -18.07
CA PRO A 111 23.51 -12.28 -17.96
C PRO A 111 24.74 -12.31 -18.88
N ASP A 112 25.53 -13.35 -18.72
CA ASP A 112 26.65 -13.62 -19.59
C ASP A 112 26.72 -15.12 -19.88
N PRO A 113 27.35 -15.52 -20.99
CA PRO A 113 27.44 -16.93 -21.33
C PRO A 113 28.62 -17.67 -20.72
N SER A 114 29.51 -17.00 -20.01
CA SER A 114 30.70 -17.65 -19.48
C SER A 114 30.40 -18.66 -18.37
N LYS A 115 29.16 -18.83 -17.96
CA LYS A 115 28.79 -19.79 -16.94
C LYS A 115 27.45 -20.44 -17.31
N PRO A 116 27.20 -21.66 -16.86
CA PRO A 116 25.95 -22.34 -17.21
C PRO A 116 24.74 -21.85 -16.43
N SER A 117 24.95 -21.13 -15.32
CA SER A 117 23.83 -20.66 -14.52
C SER A 117 23.03 -19.57 -15.24
N LYS A 118 23.64 -18.87 -16.19
CA LYS A 118 22.97 -17.82 -16.95
C LYS A 118 22.41 -16.73 -16.03
N ARG A 119 23.19 -16.38 -15.00
CA ARG A 119 22.83 -15.34 -14.06
C ARG A 119 23.81 -14.18 -14.17
N SER A 120 23.32 -12.98 -13.88
CA SER A 120 24.17 -11.80 -13.92
C SER A 120 25.24 -11.89 -12.84
N PRO A 121 26.36 -11.17 -13.02
CA PRO A 121 27.38 -11.16 -11.96
C PRO A 121 26.84 -10.73 -10.61
N ILE A 122 25.86 -9.83 -10.57
CA ILE A 122 25.26 -9.46 -9.30
C ILE A 122 24.41 -10.59 -8.77
N GLU A 123 23.64 -11.24 -9.65
CA GLU A 123 22.81 -12.37 -9.22
C GLU A 123 23.66 -13.51 -8.68
N ASP A 124 24.82 -13.74 -9.29
CA ASP A 124 25.69 -14.82 -8.83
C ASP A 124 26.28 -14.53 -7.46
N LEU A 125 26.36 -13.26 -7.07
CA LEU A 125 26.82 -12.92 -5.74
C LEU A 125 25.69 -13.06 -4.72
N LEU A 126 24.50 -12.57 -5.06
CA LEU A 126 23.36 -12.68 -4.16
C LEU A 126 23.05 -14.14 -3.82
N PHE A 127 23.15 -15.03 -4.81
CA PHE A 127 22.88 -16.44 -4.58
C PHE A 127 23.95 -17.12 -3.75
N ASN A 128 25.07 -16.46 -3.49
CA ASN A 128 26.13 -17.02 -2.66
C ASN A 128 26.14 -16.45 -1.25
N LYS A 129 25.63 -15.24 -1.06
CA LYS A 129 25.61 -14.63 0.26
C LYS A 129 24.57 -15.27 1.18
N VAL A 130 23.55 -15.92 0.61
CA VAL A 130 22.53 -16.62 1.37
C VAL A 130 22.80 -18.12 1.25
N THR A 131 22.87 -18.80 2.39
CA THR A 131 23.22 -20.21 2.41
C THR A 131 22.35 -20.94 3.43
N LEU A 132 22.21 -22.24 3.23
CA LEU A 132 21.48 -23.12 4.12
C LEU A 132 22.47 -23.98 4.90
N ALA A 133 22.36 -23.95 6.22
CA ALA A 133 23.28 -24.72 7.06
C ALA A 133 23.00 -26.21 6.92
N ASP A 134 24.06 -27.01 7.12
CA ASP A 134 23.92 -28.45 7.03
C ASP A 134 23.13 -29.04 8.21
N ALA A 135 23.09 -28.34 9.34
CA ALA A 135 22.33 -28.79 10.49
C ALA A 135 20.82 -28.61 10.32
N GLY A 136 20.39 -27.85 9.32
CA GLY A 136 18.98 -27.64 9.11
C GLY A 136 18.33 -28.81 8.36
N PHE A 137 17.13 -29.16 8.80
CA PHE A 137 16.40 -30.27 8.19
C PHE A 137 16.10 -30.01 6.72
N ILE A 138 16.07 -28.75 6.29
CA ILE A 138 15.74 -28.44 4.91
C ILE A 138 16.77 -29.07 3.97
N LYS A 139 18.03 -29.08 4.38
CA LYS A 139 19.07 -29.70 3.56
C LYS A 139 19.10 -31.21 3.76
N GLN A 140 18.98 -31.67 5.01
CA GLN A 140 19.04 -33.10 5.28
C GLN A 140 17.91 -33.84 4.57
N TYR A 141 16.75 -33.21 4.43
CA TYR A 141 15.65 -33.86 3.72
C TYR A 141 15.97 -34.02 2.25
N GLY A 142 16.65 -33.04 1.66
CA GLY A 142 17.03 -33.17 0.26
C GLY A 142 18.03 -34.28 0.02
N ASP A 143 19.03 -34.41 0.89
CA ASP A 143 19.99 -35.49 0.77
C ASP A 143 19.32 -36.86 0.89
N CYS A 144 18.24 -36.95 1.68
CA CYS A 144 17.55 -38.22 1.83
C CYS A 144 16.83 -38.62 0.55
N LEU A 145 16.32 -37.65 -0.20
CA LEU A 145 15.60 -37.97 -1.44
C LEU A 145 16.56 -38.29 -2.58
N GLY A 146 17.57 -37.45 -2.78
CA GLY A 146 18.45 -37.64 -3.92
C GLY A 146 17.74 -37.44 -5.24
N ASP A 147 16.84 -36.45 -5.31
CA ASP A 147 16.04 -36.11 -6.48
C ASP A 147 14.98 -37.14 -6.81
N ILE A 148 14.91 -38.27 -6.10
CA ILE A 148 13.87 -39.25 -6.33
C ILE A 148 12.59 -38.80 -5.62
N ALA A 149 11.45 -39.01 -6.28
CA ALA A 149 10.16 -38.63 -5.72
C ALA A 149 9.47 -39.76 -4.96
N ALA A 150 9.82 -41.02 -5.25
CA ALA A 150 9.12 -42.13 -4.63
C ALA A 150 9.41 -42.24 -3.14
N ARG A 151 10.58 -41.77 -2.68
CA ARG A 151 10.96 -41.86 -1.29
C ARG A 151 10.45 -40.70 -0.44
N ASP A 152 9.53 -39.89 -0.98
CA ASP A 152 8.97 -38.79 -0.21
C ASP A 152 8.43 -39.26 1.13
N LEU A 153 7.58 -40.29 1.11
CA LEU A 153 7.00 -40.79 2.35
C LEU A 153 8.05 -41.43 3.24
N ILE A 154 9.08 -42.04 2.66
CA ILE A 154 10.11 -42.69 3.45
C ILE A 154 10.95 -41.65 4.19
N CYS A 155 11.36 -40.59 3.51
CA CYS A 155 12.13 -39.53 4.16
C CYS A 155 11.28 -38.78 5.18
N ALA A 156 9.99 -38.58 4.88
CA ALA A 156 9.12 -37.91 5.82
C ALA A 156 9.01 -38.70 7.13
N GLN A 157 8.87 -40.02 7.03
CA GLN A 157 8.79 -40.83 8.25
C GLN A 157 10.06 -40.71 9.07
N LYS A 158 11.21 -40.57 8.41
CA LYS A 158 12.46 -40.41 9.14
C LYS A 158 12.53 -39.05 9.83
N PHE A 159 12.12 -37.98 9.14
CA PHE A 159 12.20 -36.63 9.69
C PHE A 159 10.89 -36.22 10.36
N ASN A 160 10.36 -37.11 11.21
CA ASN A 160 9.20 -36.81 12.06
C ASN A 160 8.07 -36.17 11.26
N GLY A 161 7.89 -36.60 10.01
CA GLY A 161 6.83 -36.10 9.18
C GLY A 161 7.12 -34.81 8.45
N LEU A 162 8.31 -34.23 8.60
CA LEU A 162 8.65 -33.01 7.89
C LEU A 162 8.79 -33.29 6.39
N THR A 163 8.22 -32.41 5.58
CA THR A 163 8.27 -32.54 4.12
C THR A 163 8.35 -31.15 3.51
N VAL A 164 9.35 -30.94 2.65
CA VAL A 164 9.53 -29.68 1.94
C VAL A 164 9.15 -29.91 0.48
N LEU A 165 8.18 -29.14 0.00
CA LEU A 165 7.73 -29.27 -1.38
C LEU A 165 8.65 -28.51 -2.33
N PRO A 166 8.80 -28.98 -3.57
CA PRO A 166 9.65 -28.27 -4.54
C PRO A 166 8.91 -27.05 -5.10
N PRO A 167 9.61 -25.93 -5.31
CA PRO A 167 8.96 -24.77 -5.90
C PRO A 167 8.47 -25.07 -7.32
N LEU A 168 7.35 -24.45 -7.68
CA LEU A 168 6.80 -24.63 -9.02
C LEU A 168 7.69 -23.96 -10.07
N LEU A 169 8.26 -22.81 -9.75
CA LEU A 169 9.17 -22.09 -10.63
C LEU A 169 10.59 -22.25 -10.11
N THR A 170 11.48 -22.75 -10.96
CA THR A 170 12.87 -22.92 -10.59
C THR A 170 13.60 -21.59 -10.64
N ASP A 171 14.79 -21.57 -10.05
CA ASP A 171 15.61 -20.36 -10.06
C ASP A 171 15.92 -19.93 -11.48
N GLU A 172 16.08 -20.88 -12.40
CA GLU A 172 16.36 -20.52 -13.79
C GLU A 172 15.17 -19.81 -14.43
N MET A 173 13.95 -20.27 -14.13
CA MET A 173 12.77 -19.61 -14.70
C MET A 173 12.65 -18.18 -14.21
N ILE A 174 12.95 -17.93 -12.94
CA ILE A 174 12.89 -16.57 -12.41
C ILE A 174 13.94 -15.70 -13.08
N ALA A 175 15.15 -16.24 -13.28
CA ALA A 175 16.19 -15.48 -13.95
C ALA A 175 15.79 -15.16 -15.38
N GLN A 176 15.18 -16.12 -16.08
CA GLN A 176 14.74 -15.87 -17.45
C GLN A 176 13.69 -14.77 -17.50
N TYR A 177 12.75 -14.80 -16.55
CA TYR A 177 11.73 -13.75 -16.51
C TYR A 177 12.34 -12.38 -16.22
N THR A 178 13.31 -12.34 -15.30
CA THR A 178 13.97 -11.07 -14.99
C THR A 178 14.74 -10.55 -16.19
N SER A 179 15.41 -11.44 -16.93
CA SER A 179 16.13 -11.02 -18.13
C SER A 179 15.18 -10.40 -19.14
N ALA A 180 14.00 -10.97 -19.30
CA ALA A 180 13.02 -10.40 -20.23
C ALA A 180 12.64 -8.99 -19.82
N LEU A 181 12.41 -8.76 -18.53
CA LEU A 181 12.08 -7.42 -18.05
C LEU A 181 13.22 -6.45 -18.32
N LEU A 182 14.46 -6.89 -18.11
CA LEU A 182 15.61 -6.03 -18.36
C LEU A 182 15.72 -5.68 -19.84
N ALA A 183 15.68 -6.69 -20.70
CA ALA A 183 15.81 -6.45 -22.13
C ALA A 183 14.72 -5.51 -22.64
N GLY A 184 13.49 -5.70 -22.16
CA GLY A 184 12.41 -4.81 -22.56
C GLY A 184 12.65 -3.38 -22.14
N THR A 185 13.05 -3.18 -20.88
CA THR A 185 13.29 -1.83 -20.38
C THR A 185 14.45 -1.17 -21.13
N ILE A 186 15.49 -1.95 -21.44
CA ILE A 186 16.66 -1.39 -22.11
C ILE A 186 16.36 -1.12 -23.59
N THR A 187 15.49 -1.92 -24.20
CA THR A 187 15.22 -1.81 -25.62
C THR A 187 13.86 -1.19 -25.96
N SER A 188 12.92 -1.17 -25.01
CA SER A 188 11.57 -0.70 -25.28
C SER A 188 11.04 0.27 -24.24
N GLY A 189 11.82 0.59 -23.21
CA GLY A 189 11.37 1.54 -22.21
C GLY A 189 10.11 1.10 -21.48
N TRP A 190 9.49 2.09 -20.82
CA TRP A 190 8.32 1.84 -19.99
C TRP A 190 7.10 1.39 -20.79
N THR A 191 7.10 1.56 -22.11
CA THR A 191 5.93 1.20 -22.90
C THR A 191 5.83 -0.30 -23.16
N PHE A 192 6.93 -1.04 -23.02
CA PHE A 192 6.87 -2.48 -23.22
C PHE A 192 5.91 -3.15 -22.25
N GLY A 193 5.67 -2.53 -21.10
CA GLY A 193 4.74 -3.06 -20.12
C GLY A 193 3.33 -2.52 -20.24
N ALA A 194 3.09 -1.58 -21.15
CA ALA A 194 1.77 -0.99 -21.34
C ALA A 194 1.26 -1.22 -22.76
N GLY A 195 1.88 -2.13 -23.50
CA GLY A 195 1.51 -2.37 -24.87
C GLY A 195 2.58 -3.13 -25.63
N PRO A 196 2.61 -2.98 -26.95
CA PRO A 196 3.61 -3.71 -27.75
C PRO A 196 5.03 -3.25 -27.45
N ALA A 197 5.98 -4.00 -28.00
CA ALA A 197 7.41 -3.74 -27.83
C ALA A 197 7.84 -2.56 -28.70
N LEU A 198 7.43 -1.36 -28.28
CA LEU A 198 7.79 -0.14 -28.99
C LEU A 198 9.25 0.21 -28.75
N GLN A 199 10.13 -0.26 -29.62
CA GLN A 199 11.56 -0.02 -29.46
C GLN A 199 11.88 1.46 -29.53
N ILE A 200 12.88 1.87 -28.77
CA ILE A 200 13.35 3.25 -28.75
C ILE A 200 14.84 3.25 -28.37
N PRO A 201 15.66 4.12 -28.95
CA PRO A 201 17.07 4.16 -28.54
C PRO A 201 17.23 4.53 -27.07
N PHE A 202 18.16 3.86 -26.40
CA PHE A 202 18.32 4.08 -24.96
C PHE A 202 18.69 5.52 -24.62
N PRO A 203 19.62 6.18 -25.32
CA PRO A 203 19.88 7.58 -25.00
C PRO A 203 18.63 8.45 -25.09
N MET A 204 17.77 8.20 -26.08
CA MET A 204 16.53 8.95 -26.17
C MET A 204 15.62 8.62 -24.98
N GLN A 205 15.55 7.35 -24.60
CA GLN A 205 14.73 6.95 -23.46
C GLN A 205 15.15 7.70 -22.20
N MET A 206 16.45 7.83 -21.96
CA MET A 206 16.92 8.60 -20.82
C MET A 206 16.63 10.08 -21.00
N ALA A 207 16.75 10.59 -22.23
CA ALA A 207 16.43 11.99 -22.47
C ALA A 207 14.99 12.29 -22.14
N TYR A 208 14.09 11.34 -22.38
CA TYR A 208 12.67 11.57 -22.13
C TYR A 208 12.33 11.34 -20.67
N ARG A 209 13.11 10.50 -19.98
CA ARG A 209 12.94 10.35 -18.53
C ARG A 209 13.43 11.57 -17.79
N PHE A 210 14.47 12.23 -18.30
CA PHE A 210 14.93 13.48 -17.71
C PHE A 210 13.83 14.54 -17.77
N ASN A 211 13.13 14.63 -18.89
CA ASN A 211 12.04 15.59 -19.02
C ASN A 211 10.94 15.32 -18.00
N GLY A 212 10.82 14.08 -17.53
CA GLY A 212 9.83 13.76 -16.52
C GLY A 212 10.19 14.21 -15.13
N ILE A 213 11.44 14.60 -14.90
CA ILE A 213 11.89 15.11 -13.60
C ILE A 213 12.21 16.60 -13.68
N GLY A 214 11.67 17.30 -14.67
CA GLY A 214 11.89 18.72 -14.81
C GLY A 214 13.23 19.11 -15.40
N VAL A 215 13.98 18.15 -15.93
CA VAL A 215 15.28 18.42 -16.55
C VAL A 215 15.13 18.27 -18.06
N THR A 216 15.51 19.30 -18.80
CA THR A 216 15.38 19.30 -20.24
C THR A 216 16.28 18.24 -20.87
N GLN A 217 15.86 17.76 -22.05
CA GLN A 217 16.63 16.76 -22.78
C GLN A 217 18.04 17.25 -23.06
N ASN A 218 18.22 18.56 -23.21
CA ASN A 218 19.54 19.11 -23.52
C ASN A 218 20.60 18.64 -22.53
N VAL A 219 20.25 18.52 -21.25
CA VAL A 219 21.24 18.21 -20.23
C VAL A 219 21.87 16.84 -20.49
N LEU A 220 21.08 15.89 -20.98
CA LEU A 220 21.64 14.56 -21.23
C LEU A 220 22.58 14.57 -22.43
N TYR A 221 22.16 15.16 -23.54
CA TYR A 221 22.96 15.11 -24.76
C TYR A 221 24.31 15.81 -24.57
N GLU A 222 24.31 16.98 -23.94
CA GLU A 222 25.56 17.68 -23.67
C GLU A 222 26.39 17.02 -22.58
N ASN A 223 25.83 16.06 -21.84
CA ASN A 223 26.55 15.38 -20.77
C ASN A 223 26.42 13.86 -20.90
N GLN A 224 26.17 13.35 -22.11
CA GLN A 224 25.89 11.94 -22.27
C GLN A 224 27.07 11.08 -21.82
N LYS A 225 28.29 11.47 -22.19
CA LYS A 225 29.46 10.70 -21.77
C LYS A 225 29.63 10.75 -20.26
N LEU A 226 29.45 11.92 -19.66
CA LEU A 226 29.57 12.05 -18.22
C LEU A 226 28.48 11.25 -17.50
N ILE A 227 27.24 11.34 -17.99
CA ILE A 227 26.14 10.59 -17.39
C ILE A 227 26.38 9.09 -17.52
N ALA A 228 26.86 8.64 -18.69
CA ALA A 228 27.14 7.22 -18.87
C ALA A 228 28.22 6.75 -17.90
N ASN A 229 29.29 7.53 -17.75
CA ASN A 229 30.36 7.15 -16.83
C ASN A 229 29.84 7.06 -15.40
N GLN A 230 28.98 8.00 -15.00
CA GLN A 230 28.43 7.97 -13.65
C GLN A 230 27.61 6.71 -13.42
N PHE A 231 26.76 6.36 -14.38
CA PHE A 231 25.94 5.16 -14.25
C PHE A 231 26.81 3.92 -14.14
N ASN A 232 27.83 3.81 -15.00
CA ASN A 232 28.70 2.64 -14.99
C ASN A 232 29.43 2.50 -13.66
N SER A 233 29.93 3.61 -13.12
CA SER A 233 30.63 3.56 -11.84
C SER A 233 29.70 3.15 -10.71
N ALA A 234 28.46 3.64 -10.73
CA ALA A 234 27.51 3.28 -9.68
C ALA A 234 27.19 1.79 -9.70
N ILE A 235 27.00 1.22 -10.89
CA ILE A 235 26.72 -0.21 -10.98
C ILE A 235 27.91 -1.02 -10.50
N GLY A 236 29.13 -0.53 -10.72
CA GLY A 236 30.30 -1.23 -10.23
C GLY A 236 30.43 -1.15 -8.71
N LYS A 237 30.14 0.01 -8.13
CA LYS A 237 30.31 0.17 -6.68
C LYS A 237 29.31 -0.68 -5.89
N ILE A 238 28.10 -0.87 -6.42
CA ILE A 238 27.10 -1.63 -5.67
C ILE A 238 27.54 -3.08 -5.51
N GLN A 239 28.19 -3.64 -6.52
CA GLN A 239 28.66 -5.02 -6.42
C GLN A 239 29.63 -5.18 -5.26
N ASP A 240 30.58 -4.24 -5.13
CA ASP A 240 31.51 -4.29 -4.02
C ASP A 240 30.78 -4.10 -2.68
N SER A 241 29.80 -3.20 -2.65
CA SER A 241 29.07 -2.94 -1.42
C SER A 241 28.38 -4.21 -0.92
N LEU A 242 27.69 -4.92 -1.81
CA LEU A 242 27.04 -6.16 -1.42
C LEU A 242 28.06 -7.23 -1.07
N SER A 243 29.17 -7.29 -1.80
CA SER A 243 30.19 -8.29 -1.52
C SER A 243 30.81 -8.08 -0.14
N SER A 244 31.10 -6.83 0.22
CA SER A 244 31.78 -6.55 1.48
C SER A 244 30.81 -6.61 2.65
N THR A 245 29.76 -5.80 2.61
CA THR A 245 28.82 -5.72 3.72
C THR A 245 28.15 -7.07 3.95
N PRO A 246 28.41 -7.74 5.09
CA PRO A 246 27.83 -9.07 5.28
C PRO A 246 26.36 -9.04 5.68
N SER A 247 25.90 -7.91 6.22
CA SER A 247 24.52 -7.75 6.68
C SER A 247 23.65 -7.01 5.68
N ALA A 248 23.98 -7.11 4.38
CA ALA A 248 23.18 -6.43 3.37
C ALA A 248 21.91 -7.21 3.04
N LEU A 249 22.03 -8.53 2.87
CA LEU A 249 20.91 -9.39 2.56
C LEU A 249 20.27 -10.01 3.80
N GLY A 250 20.44 -9.37 4.96
CA GLY A 250 19.86 -9.90 6.18
C GLY A 250 18.36 -10.13 6.10
N LYS A 251 17.65 -9.28 5.36
CA LYS A 251 16.20 -9.45 5.24
C LYS A 251 15.86 -10.81 4.65
N LEU A 252 16.68 -11.31 3.73
CA LEU A 252 16.41 -12.62 3.14
C LEU A 252 16.94 -13.74 4.02
N GLN A 253 18.08 -13.53 4.68
CA GLN A 253 18.62 -14.55 5.56
C GLN A 253 17.78 -14.70 6.82
N ASP A 254 17.20 -13.60 7.32
CA ASP A 254 16.41 -13.67 8.54
C ASP A 254 15.20 -14.57 8.39
N VAL A 255 14.50 -14.49 7.25
CA VAL A 255 13.32 -15.33 7.06
C VAL A 255 13.72 -16.80 6.97
N VAL A 256 14.89 -17.09 6.39
CA VAL A 256 15.36 -18.47 6.33
C VAL A 256 15.71 -18.97 7.72
N ASN A 257 16.43 -18.14 8.48
CA ASN A 257 16.82 -18.53 9.84
C ASN A 257 15.60 -18.73 10.73
N GLN A 258 14.61 -17.85 10.63
CA GLN A 258 13.43 -17.95 11.48
C GLN A 258 12.69 -19.26 11.23
N ASN A 259 12.55 -19.67 9.97
CA ASN A 259 11.87 -20.93 9.67
C ASN A 259 12.66 -22.12 10.18
N ALA A 260 13.99 -22.07 10.06
CA ALA A 260 14.81 -23.18 10.55
C ALA A 260 14.66 -23.33 12.06
N GLU A 261 14.68 -22.23 12.80
CA GLU A 261 14.55 -22.30 14.25
C GLU A 261 13.18 -22.87 14.64
N ALA A 262 12.14 -22.53 13.89
CA ALA A 262 10.80 -23.03 14.21
C ALA A 262 10.75 -24.55 14.11
N LEU A 263 11.31 -25.12 13.04
CA LEU A 263 11.31 -26.57 12.89
C LEU A 263 12.18 -27.23 13.96
N ASN A 264 13.32 -26.62 14.28
CA ASN A 264 14.19 -27.18 15.31
C ASN A 264 13.49 -27.24 16.66
N THR A 265 12.78 -26.16 17.03
CA THR A 265 12.06 -26.16 18.30
C THR A 265 10.91 -27.16 18.29
N LEU A 266 10.24 -27.30 17.15
CA LEU A 266 9.13 -28.25 17.05
C LEU A 266 9.62 -29.68 17.22
N VAL A 267 10.67 -30.06 16.49
CA VAL A 267 11.18 -31.42 16.57
C VAL A 267 11.78 -31.70 17.94
N LYS A 268 12.46 -30.71 18.52
CA LYS A 268 13.06 -30.91 19.83
C LYS A 268 12.01 -31.16 20.91
N GLN A 269 10.83 -30.57 20.75
CA GLN A 269 9.76 -30.75 21.73
C GLN A 269 9.21 -32.17 21.78
N LEU A 270 9.53 -33.00 20.79
CA LEU A 270 9.17 -34.42 20.89
C LEU A 270 9.89 -35.10 22.03
N SER A 271 11.03 -34.57 22.47
CA SER A 271 11.77 -35.11 23.60
C SER A 271 11.24 -34.64 24.94
N SER A 272 10.03 -34.09 24.97
CA SER A 272 9.46 -33.52 26.19
C SER A 272 8.41 -34.46 26.76
N ASN A 273 8.39 -34.57 28.09
CA ASN A 273 7.48 -35.48 28.77
C ASN A 273 6.09 -34.88 28.96
N PHE A 274 5.96 -33.56 28.88
CA PHE A 274 4.69 -32.87 29.11
C PHE A 274 3.99 -33.38 30.37
N GLY A 275 4.78 -33.83 31.34
CA GLY A 275 4.22 -34.36 32.57
C GLY A 275 3.75 -35.79 32.42
N ALA A 276 4.70 -36.69 32.15
CA ALA A 276 4.39 -38.09 31.92
C ALA A 276 5.59 -38.93 32.30
N ILE A 277 5.44 -40.25 32.20
CA ILE A 277 6.49 -41.16 32.65
C ILE A 277 7.67 -41.15 31.69
N SER A 278 7.43 -40.83 30.42
CA SER A 278 8.50 -40.75 29.44
C SER A 278 7.94 -40.18 28.14
N SER A 279 8.84 -39.66 27.32
CA SER A 279 8.50 -39.13 26.01
C SER A 279 8.33 -40.22 24.95
N VAL A 280 8.55 -41.48 25.32
CA VAL A 280 8.54 -42.60 24.38
C VAL A 280 7.24 -43.36 24.56
N LEU A 281 6.51 -43.59 23.46
CA LEU A 281 5.19 -44.20 23.54
C LEU A 281 5.27 -45.69 23.77
N ASN A 282 6.30 -46.35 23.21
CA ASN A 282 6.47 -47.78 23.45
C ASN A 282 6.90 -48.06 24.89
N ASP A 283 7.69 -47.17 25.48
CA ASP A 283 8.14 -47.39 26.85
C ASP A 283 6.98 -47.32 27.84
N ILE A 284 6.15 -46.27 27.73
CA ILE A 284 5.02 -46.12 28.64
C ILE A 284 4.01 -47.23 28.40
N LEU A 285 3.75 -47.58 27.15
CA LEU A 285 2.75 -48.58 26.84
C LEU A 285 3.16 -49.98 27.28
N SER A 286 4.46 -50.22 27.46
CA SER A 286 4.93 -51.51 27.94
C SER A 286 5.04 -51.56 29.45
N ARG A 287 5.36 -50.44 30.10
CA ARG A 287 5.44 -50.42 31.56
C ARG A 287 4.05 -50.46 32.18
N LEU A 288 3.12 -49.68 31.64
CA LEU A 288 1.77 -49.60 32.17
C LEU A 288 0.87 -50.65 31.51
N ASP A 289 -0.19 -51.00 32.22
CA ASP A 289 -1.27 -51.80 31.64
C ASP A 289 -2.22 -50.91 30.84
N PRO A 290 -3.08 -51.51 30.01
CA PRO A 290 -3.94 -50.72 29.12
C PRO A 290 -4.86 -49.78 29.89
N PRO A 291 -5.45 -50.21 31.01
CA PRO A 291 -6.38 -49.30 31.71
C PRO A 291 -5.71 -48.17 32.45
N GLU A 292 -4.38 -48.03 32.35
CA GLU A 292 -3.65 -46.91 32.92
C GLU A 292 -2.74 -46.20 31.94
N ALA A 293 -2.37 -46.84 30.83
CA ALA A 293 -1.46 -46.21 29.88
C ALA A 293 -2.14 -45.08 29.12
N GLU A 294 -3.47 -45.15 28.96
CA GLU A 294 -4.17 -44.16 28.16
C GLU A 294 -4.23 -42.81 28.85
N TRP A 295 -4.05 -42.76 30.18
CA TRP A 295 -3.95 -41.49 30.86
C TRP A 295 -2.62 -40.81 30.55
N GLN A 296 -1.55 -41.59 30.38
CA GLN A 296 -0.25 -41.01 30.08
C GLN A 296 -0.08 -40.74 28.59
N ILE A 297 -0.74 -41.53 27.75
CA ILE A 297 -0.68 -41.32 26.30
C ILE A 297 -1.63 -40.23 25.83
N ASP A 298 -2.42 -39.65 26.74
CA ASP A 298 -3.26 -38.51 26.43
C ASP A 298 -2.59 -37.19 26.78
N ARG A 299 -1.57 -37.23 27.64
CA ARG A 299 -0.85 -36.03 28.04
C ARG A 299 0.20 -35.64 27.00
N LEU A 300 0.80 -36.64 26.35
CA LEU A 300 1.76 -36.37 25.29
C LEU A 300 1.08 -35.94 24.00
N ILE A 301 -0.09 -36.52 23.70
CA ILE A 301 -0.84 -36.12 22.51
C ILE A 301 -1.23 -34.65 22.60
N TRP A 302 -1.62 -34.20 23.80
CA TRP A 302 -2.09 -32.83 23.96
C TRP A 302 -0.93 -31.84 23.97
N GLY A 303 0.24 -32.26 24.42
CA GLY A 303 1.41 -31.41 24.38
C GLY A 303 1.99 -31.32 22.99
N ARG A 304 1.93 -32.44 22.25
CA ARG A 304 2.44 -32.47 20.89
C ARG A 304 1.47 -31.84 19.89
N LEU A 305 0.24 -31.54 20.30
CA LEU A 305 -0.71 -30.87 19.44
C LEU A 305 -0.62 -29.35 19.59
N GLN A 306 -0.44 -28.87 20.82
CA GLN A 306 -0.25 -27.44 21.02
C GLN A 306 1.09 -26.97 20.47
N SER A 307 2.09 -27.85 20.52
CA SER A 307 3.39 -27.51 19.91
C SER A 307 3.24 -27.28 18.42
N LEU A 308 2.59 -28.21 17.72
CA LEU A 308 2.39 -28.05 16.29
C LEU A 308 1.47 -26.89 15.98
N GLN A 309 0.44 -26.69 16.81
CA GLN A 309 -0.47 -25.57 16.61
C GLN A 309 0.27 -24.24 16.77
N THR A 310 1.23 -24.19 17.69
CA THR A 310 2.03 -22.98 17.85
C THR A 310 2.89 -22.72 16.62
N TYR A 311 3.44 -23.78 16.03
CA TYR A 311 4.21 -23.61 14.80
C TYR A 311 3.34 -23.10 13.67
N VAL A 312 2.16 -23.68 13.50
CA VAL A 312 1.28 -23.29 12.38
C VAL A 312 0.86 -21.83 12.52
N THR A 313 0.44 -21.44 13.73
CA THR A 313 -0.04 -20.07 13.93
C THR A 313 1.08 -19.05 13.70
N GLN A 314 2.29 -19.37 14.15
CA GLN A 314 3.41 -18.46 13.93
C GLN A 314 3.74 -18.37 12.44
N GLN A 315 3.65 -19.48 11.72
CA GLN A 315 3.91 -19.46 10.29
C GLN A 315 2.87 -18.61 9.55
N LEU A 316 1.61 -18.68 9.98
CA LEU A 316 0.57 -17.86 9.36
C LEU A 316 0.87 -16.37 9.51
N ILE A 317 1.36 -15.97 10.69
CA ILE A 317 1.73 -14.58 10.90
C ILE A 317 2.91 -14.21 10.01
N ARG A 318 3.90 -15.10 9.92
CA ARG A 318 5.06 -14.82 9.08
C ARG A 318 4.68 -14.80 7.61
N ALA A 319 3.78 -15.69 7.20
CA ALA A 319 3.36 -15.72 5.80
C ALA A 319 2.66 -14.43 5.39
N ALA A 320 1.93 -13.80 6.32
CA ALA A 320 1.29 -12.53 6.01
C ALA A 320 2.31 -11.44 5.74
N GLU A 321 3.40 -11.43 6.52
CA GLU A 321 4.45 -10.44 6.29
C GLU A 321 5.08 -10.60 4.91
N ILE A 322 5.36 -11.86 4.52
CA ILE A 322 5.94 -12.09 3.20
C ILE A 322 4.94 -11.73 2.11
N ARG A 323 3.65 -11.99 2.34
CA ARG A 323 2.64 -11.65 1.36
C ARG A 323 2.61 -10.14 1.13
N ALA A 324 2.71 -9.35 2.19
CA ALA A 324 2.75 -7.90 2.04
C ALA A 324 4.00 -7.47 1.29
N SER A 325 5.15 -8.06 1.61
CA SER A 325 6.38 -7.72 0.91
C SER A 325 6.30 -8.11 -0.56
N ALA A 326 5.70 -9.27 -0.85
CA ALA A 326 5.56 -9.69 -2.23
C ALA A 326 4.65 -8.75 -3.01
N ASN A 327 3.55 -8.32 -2.38
CA ASN A 327 2.66 -7.37 -3.04
C ASN A 327 3.37 -6.04 -3.27
N LEU A 328 4.15 -5.59 -2.29
CA LEU A 328 4.93 -4.36 -2.47
C LEU A 328 5.95 -4.52 -3.59
N ALA A 329 6.62 -5.67 -3.65
CA ALA A 329 7.59 -5.91 -4.71
C ALA A 329 6.93 -5.87 -6.09
N ALA A 330 5.75 -6.49 -6.22
CA ALA A 330 5.04 -6.46 -7.49
C ALA A 330 4.65 -5.04 -7.86
N THR A 331 4.20 -4.25 -6.88
CA THR A 331 3.84 -2.87 -7.15
C THR A 331 5.06 -2.07 -7.58
N LYS A 332 6.20 -2.28 -6.92
CA LYS A 332 7.41 -1.55 -7.27
C LYS A 332 7.94 -1.96 -8.64
N MET A 333 7.78 -3.23 -9.01
CA MET A 333 8.19 -3.66 -10.34
C MET A 333 7.39 -2.92 -11.42
N SER A 334 6.08 -2.83 -11.22
CA SER A 334 5.25 -2.10 -12.18
C SER A 334 5.59 -0.63 -12.22
N GLU A 335 5.63 0.01 -11.04
CA GLU A 335 5.83 1.45 -11.00
C GLU A 335 7.29 1.84 -11.27
N CYS A 336 8.24 1.15 -10.65
CA CYS A 336 9.64 1.54 -10.80
C CYS A 336 10.28 0.99 -12.06
N VAL A 337 9.97 -0.25 -12.43
CA VAL A 337 10.63 -0.88 -13.58
C VAL A 337 9.83 -0.64 -14.85
N LEU A 338 8.56 -1.04 -14.85
CA LEU A 338 7.75 -0.90 -16.05
C LEU A 338 7.35 0.55 -16.32
N GLY A 339 7.61 1.47 -15.40
CA GLY A 339 7.26 2.85 -15.60
C GLY A 339 8.25 3.83 -14.99
N GLN A 340 7.73 4.94 -14.48
CA GLN A 340 8.55 5.94 -13.80
C GLN A 340 7.70 6.53 -12.69
N SER A 341 8.07 6.25 -11.44
CA SER A 341 7.27 6.62 -10.28
C SER A 341 7.61 8.04 -9.84
N LYS A 342 6.60 8.90 -9.81
CA LYS A 342 6.75 10.23 -9.24
C LYS A 342 6.69 10.22 -7.72
N ARG A 343 6.25 9.11 -7.12
CA ARG A 343 6.11 9.05 -5.67
C ARG A 343 7.48 9.07 -5.00
N VAL A 344 7.65 10.02 -4.08
CA VAL A 344 8.92 10.17 -3.39
C VAL A 344 9.24 8.94 -2.56
N ASP A 345 10.52 8.56 -2.57
CA ASP A 345 11.07 7.48 -1.77
C ASP A 345 10.52 6.10 -2.14
N PHE A 346 9.68 6.00 -3.18
CA PHE A 346 9.13 4.70 -3.53
C PHE A 346 10.08 3.90 -4.41
N CYS A 347 10.93 4.58 -5.17
CA CYS A 347 11.91 3.94 -6.04
C CYS A 347 13.30 4.52 -5.79
N GLY A 348 13.68 4.57 -4.51
CA GLY A 348 14.98 5.06 -4.11
C GLY A 348 15.01 6.56 -3.86
N LYS A 349 16.12 6.98 -3.25
CA LYS A 349 16.34 8.39 -2.96
C LYS A 349 16.52 9.19 -4.23
N GLY A 350 16.03 10.43 -4.23
CA GLY A 350 16.13 11.29 -5.38
C GLY A 350 15.04 11.03 -6.40
N TYR A 351 15.09 11.80 -7.48
CA TYR A 351 14.10 11.68 -8.54
C TYR A 351 14.32 10.40 -9.32
N HIS A 352 13.26 9.61 -9.47
CA HIS A 352 13.36 8.31 -10.12
C HIS A 352 13.49 8.48 -11.63
N LEU A 353 14.55 7.89 -12.20
CA LEU A 353 14.73 7.80 -13.64
C LEU A 353 14.29 6.44 -14.16
N MET A 354 14.91 5.37 -13.65
CA MET A 354 14.55 4.01 -14.03
C MET A 354 15.13 3.07 -12.99
N SER A 355 14.70 1.81 -13.05
CA SER A 355 15.21 0.79 -12.15
C SER A 355 15.37 -0.52 -12.91
N PHE A 356 16.24 -1.39 -12.37
CA PHE A 356 16.53 -2.68 -12.97
C PHE A 356 16.30 -3.78 -11.94
N PRO A 357 15.56 -4.84 -12.28
CA PRO A 357 15.34 -5.93 -11.33
C PRO A 357 16.44 -6.99 -11.40
N GLN A 358 16.70 -7.60 -10.24
CA GLN A 358 17.64 -8.69 -10.12
C GLN A 358 17.04 -9.76 -9.22
N SER A 359 17.15 -11.02 -9.64
CA SER A 359 16.61 -12.12 -8.87
C SER A 359 17.51 -12.44 -7.69
N ALA A 360 16.88 -12.90 -6.60
CA ALA A 360 17.57 -13.30 -5.39
C ALA A 360 16.84 -14.49 -4.79
N PRO A 361 17.53 -15.32 -4.01
CA PRO A 361 16.86 -16.47 -3.40
C PRO A 361 15.73 -16.06 -2.48
N HIS A 362 14.50 -16.42 -2.86
CA HIS A 362 13.30 -16.10 -2.09
C HIS A 362 13.06 -14.59 -1.98
N GLY A 363 13.64 -13.80 -2.88
CA GLY A 363 13.47 -12.36 -2.82
C GLY A 363 13.81 -11.72 -4.15
N VAL A 364 13.68 -10.41 -4.18
CA VAL A 364 13.99 -9.60 -5.35
C VAL A 364 14.82 -8.40 -4.91
N VAL A 365 15.80 -8.03 -5.72
CA VAL A 365 16.64 -6.87 -5.48
C VAL A 365 16.40 -5.86 -6.60
N PHE A 366 15.98 -4.66 -6.21
CA PHE A 366 15.70 -3.58 -7.16
C PHE A 366 16.85 -2.60 -7.15
N LEU A 367 17.42 -2.34 -8.33
CA LEU A 367 18.48 -1.35 -8.51
C LEU A 367 17.83 -0.08 -9.05
N HIS A 368 17.66 0.92 -8.19
CA HIS A 368 17.00 2.17 -8.56
C HIS A 368 18.03 3.20 -8.97
N VAL A 369 17.86 3.75 -10.18
CA VAL A 369 18.71 4.81 -10.70
C VAL A 369 17.95 6.11 -10.53
N THR A 370 18.55 7.06 -9.82
CA THR A 370 17.89 8.31 -9.48
C THR A 370 18.79 9.50 -9.76
N TYR A 371 18.14 10.64 -9.98
CA TYR A 371 18.80 11.92 -10.21
C TYR A 371 18.74 12.75 -8.94
N VAL A 372 19.89 13.12 -8.40
CA VAL A 372 19.98 13.96 -7.22
C VAL A 372 20.79 15.21 -7.58
N PRO A 373 20.26 16.42 -7.39
CA PRO A 373 21.03 17.61 -7.73
C PRO A 373 22.23 17.81 -6.81
N ALA A 374 23.25 18.47 -7.34
CA ALA A 374 24.48 18.72 -6.60
C ALA A 374 25.04 20.09 -6.98
N GLN A 375 26.01 20.55 -6.18
CA GLN A 375 26.71 21.81 -6.40
C GLN A 375 25.73 22.98 -6.54
N GLU A 376 24.93 23.18 -5.51
CA GLU A 376 23.97 24.28 -5.48
C GLU A 376 24.69 25.62 -5.36
N LYS A 377 24.11 26.65 -5.98
CA LYS A 377 24.64 28.00 -5.93
C LYS A 377 23.51 28.98 -5.64
N ASN A 378 23.79 29.95 -4.78
CA ASN A 378 22.80 30.95 -4.41
C ASN A 378 22.59 31.95 -5.54
N PHE A 379 21.34 32.38 -5.71
CA PHE A 379 21.00 33.39 -6.70
C PHE A 379 19.85 34.23 -6.17
N THR A 380 19.87 35.52 -6.50
CA THR A 380 18.76 36.41 -6.18
C THR A 380 17.61 36.16 -7.14
N THR A 381 16.39 36.11 -6.62
CA THR A 381 15.21 35.81 -7.41
C THR A 381 14.12 36.83 -7.13
N ALA A 382 13.21 36.96 -8.10
CA ALA A 382 12.06 37.84 -8.00
C ALA A 382 10.85 37.08 -8.53
N PRO A 383 9.66 37.29 -7.94
CA PRO A 383 8.49 36.51 -8.39
C PRO A 383 7.98 36.93 -9.76
N ALA A 384 8.19 38.17 -10.18
CA ALA A 384 7.69 38.62 -11.46
C ALA A 384 8.56 39.74 -11.99
N ILE A 385 8.43 40.00 -13.28
CA ILE A 385 9.15 41.07 -13.96
C ILE A 385 8.14 42.11 -14.44
N CYS A 386 8.49 43.39 -14.29
CA CYS A 386 7.65 44.50 -14.67
C CYS A 386 8.22 45.15 -15.92
N HIS A 387 7.39 45.30 -16.94
CA HIS A 387 7.82 45.93 -18.19
C HIS A 387 6.62 46.61 -18.83
N ASP A 388 6.78 47.88 -19.18
CA ASP A 388 5.70 48.66 -19.78
C ASP A 388 4.45 48.63 -18.90
N GLY A 389 4.66 48.61 -17.58
CA GLY A 389 3.58 48.54 -16.63
C GLY A 389 2.95 47.18 -16.48
N LYS A 390 3.21 46.25 -17.40
CA LYS A 390 2.68 44.91 -17.31
C LYS A 390 3.60 44.02 -16.48
N ALA A 391 2.99 43.14 -15.68
CA ALA A 391 3.72 42.20 -14.86
C ALA A 391 3.87 40.88 -15.62
N HIS A 392 5.11 40.43 -15.77
CA HIS A 392 5.43 39.22 -16.52
C HIS A 392 5.82 38.11 -15.55
N PHE A 393 5.32 36.91 -15.81
CA PHE A 393 5.60 35.74 -15.01
C PHE A 393 6.31 34.68 -15.83
N PRO A 394 7.13 33.83 -15.21
CA PRO A 394 7.87 32.82 -15.97
C PRO A 394 6.96 31.67 -16.38
N ARG A 395 7.01 31.31 -17.65
CA ARG A 395 6.22 30.19 -18.14
C ARG A 395 6.78 28.87 -17.61
N GLU A 396 8.11 28.75 -17.58
CA GLU A 396 8.78 27.61 -16.98
C GLU A 396 10.08 28.10 -16.36
N GLY A 397 10.47 27.47 -15.27
CA GLY A 397 11.68 27.85 -14.59
C GLY A 397 11.48 29.02 -13.64
N VAL A 398 12.61 29.60 -13.23
CA VAL A 398 12.64 30.66 -12.23
C VAL A 398 13.50 31.80 -12.73
N PHE A 399 13.12 33.03 -12.37
CA PHE A 399 13.95 34.19 -12.65
C PHE A 399 15.09 34.26 -11.65
N VAL A 400 16.30 34.49 -12.16
CA VAL A 400 17.50 34.58 -11.33
C VAL A 400 18.30 35.79 -11.78
N SER A 401 19.07 36.35 -10.86
CA SER A 401 19.87 37.54 -11.13
C SER A 401 21.35 37.21 -11.00
N ASN A 402 22.10 37.40 -12.09
CA ASN A 402 23.55 37.26 -12.07
C ASN A 402 24.15 38.64 -11.84
N GLY A 403 24.02 39.10 -10.59
CA GLY A 403 24.46 40.42 -10.23
C GLY A 403 23.62 41.50 -10.89
N THR A 404 24.19 42.15 -11.91
CA THR A 404 23.52 43.25 -12.60
C THR A 404 22.49 42.80 -13.63
N HIS A 405 22.44 41.52 -13.98
CA HIS A 405 21.56 41.03 -15.04
C HIS A 405 20.60 39.97 -14.51
N TRP A 406 19.40 39.96 -15.09
CA TRP A 406 18.34 39.03 -14.73
C TRP A 406 18.16 38.00 -15.84
N PHE A 407 18.01 36.74 -15.44
CA PHE A 407 17.89 35.62 -16.37
C PHE A 407 16.83 34.66 -15.86
N VAL A 408 16.41 33.74 -16.72
CA VAL A 408 15.50 32.66 -16.37
C VAL A 408 16.23 31.34 -16.55
N THR A 409 15.97 30.39 -15.64
CA THR A 409 16.67 29.12 -15.68
C THR A 409 15.77 28.01 -15.12
N GLN A 410 16.04 26.79 -15.58
CA GLN A 410 15.36 25.61 -15.06
C GLN A 410 15.59 25.47 -13.56
N ARG A 411 14.62 24.86 -12.88
CA ARG A 411 14.68 24.74 -11.44
C ARG A 411 15.68 23.68 -10.97
N ASN A 412 15.89 22.64 -11.77
CA ASN A 412 16.80 21.56 -11.39
C ASN A 412 18.12 21.59 -12.13
N PHE A 413 18.35 22.60 -12.96
CA PHE A 413 19.63 22.74 -13.64
C PHE A 413 19.84 24.19 -14.01
N TYR A 414 21.01 24.73 -13.68
CA TYR A 414 21.32 26.11 -13.98
C TYR A 414 21.55 26.28 -15.48
N GLU A 415 20.65 27.02 -16.12
CA GLU A 415 20.75 27.29 -17.56
C GLU A 415 20.19 28.68 -17.82
N PRO A 416 21.00 29.72 -17.64
CA PRO A 416 20.48 31.09 -17.76
C PRO A 416 20.14 31.43 -19.21
N GLN A 417 18.90 31.89 -19.41
CA GLN A 417 18.42 32.31 -20.71
C GLN A 417 17.87 33.72 -20.61
N ILE A 418 17.95 34.45 -21.72
CA ILE A 418 17.43 35.81 -21.76
C ILE A 418 15.92 35.77 -21.61
N ILE A 419 15.38 36.70 -20.84
CA ILE A 419 13.94 36.77 -20.61
C ILE A 419 13.28 37.33 -21.86
N THR A 420 12.43 36.52 -22.48
CA THR A 420 11.73 36.92 -23.70
C THR A 420 10.28 36.46 -23.60
N THR A 421 9.47 36.97 -24.53
CA THR A 421 8.06 36.58 -24.58
C THR A 421 7.89 35.08 -24.84
N ASP A 422 8.90 34.42 -25.41
CA ASP A 422 8.80 33.00 -25.71
C ASP A 422 8.92 32.12 -24.48
N ASN A 423 9.41 32.66 -23.35
CA ASN A 423 9.57 31.88 -22.13
C ASN A 423 8.88 32.53 -20.94
N THR A 424 8.02 33.51 -21.17
CA THR A 424 7.26 34.16 -20.11
C THR A 424 5.85 34.43 -20.58
N PHE A 425 4.97 34.72 -19.62
CA PHE A 425 3.61 35.16 -19.89
C PHE A 425 3.31 36.34 -18.99
N VAL A 426 2.27 37.10 -19.37
CA VAL A 426 1.99 38.40 -18.78
C VAL A 426 0.61 38.39 -18.14
N SER A 427 0.50 39.09 -17.01
CA SER A 427 -0.76 39.23 -16.30
C SER A 427 -0.62 40.33 -15.25
N GLY A 428 -1.65 41.15 -15.12
CA GLY A 428 -1.69 42.18 -14.10
C GLY A 428 -0.95 43.45 -14.50
N ASN A 429 -1.24 44.51 -13.74
CA ASN A 429 -0.76 45.86 -14.02
C ASN A 429 0.50 46.23 -13.24
N CYS A 430 1.27 45.24 -12.76
CA CYS A 430 2.52 45.45 -12.04
C CYS A 430 2.36 46.16 -10.70
N ASP A 431 1.13 46.34 -10.22
CA ASP A 431 0.90 47.02 -8.94
C ASP A 431 0.40 46.07 -7.85
N VAL A 432 0.27 44.78 -8.14
CA VAL A 432 -0.27 43.83 -7.19
C VAL A 432 0.77 42.81 -6.72
N VAL A 433 1.70 42.41 -7.57
CA VAL A 433 2.67 41.39 -7.19
C VAL A 433 3.66 41.99 -6.20
N ILE A 434 3.69 41.44 -4.99
CA ILE A 434 4.62 41.90 -3.96
C ILE A 434 6.01 41.41 -4.31
N GLY A 435 6.95 42.34 -4.44
CA GLY A 435 8.32 42.01 -4.76
C GLY A 435 8.67 41.99 -6.23
N ILE A 436 7.79 42.49 -7.09
CA ILE A 436 8.07 42.55 -8.51
C ILE A 436 9.24 43.50 -8.76
N VAL A 437 10.07 43.16 -9.74
CA VAL A 437 11.25 43.94 -10.08
C VAL A 437 11.14 44.41 -11.52
N ASN A 438 11.64 45.61 -11.80
CA ASN A 438 11.59 46.17 -13.14
C ASN A 438 12.75 45.65 -13.96
N ASN A 439 12.45 45.01 -15.09
CA ASN A 439 13.49 44.53 -15.99
C ASN A 439 12.91 44.45 -17.40
N THR A 440 13.78 44.63 -18.38
CA THR A 440 13.36 44.59 -19.78
C THR A 440 13.09 43.16 -20.23
N VAL A 441 12.03 43.01 -21.03
CA VAL A 441 11.70 41.75 -21.68
C VAL A 441 11.86 41.96 -23.19
N TYR A 442 12.71 41.16 -23.81
CA TYR A 442 13.02 41.31 -25.22
C TYR A 442 12.03 40.53 -26.09
N ASP A 443 11.86 41.02 -27.32
CA ASP A 443 10.99 40.36 -28.28
C ASP A 443 11.74 39.23 -28.97
N PRO A 444 11.29 37.97 -28.86
CA PRO A 444 12.02 36.88 -29.49
C PRO A 444 11.88 36.88 -31.02
N CYS B 8 -31.58 19.55 -8.59
CA CYS B 8 -30.45 18.57 -8.55
C CYS B 8 -29.54 18.79 -9.74
N VAL B 9 -28.31 18.25 -9.67
CA VAL B 9 -27.37 18.41 -10.76
C VAL B 9 -27.88 17.71 -12.00
N ALA B 10 -27.65 18.31 -13.16
CA ALA B 10 -28.10 17.77 -14.43
C ALA B 10 -27.00 17.88 -15.47
N TYR B 11 -26.83 16.82 -16.26
CA TYR B 11 -25.82 16.82 -17.30
C TYR B 11 -26.26 17.72 -18.46
N SER B 12 -25.28 18.22 -19.20
CA SER B 12 -25.55 18.99 -20.40
C SER B 12 -24.39 18.84 -21.37
N ASN B 13 -24.71 18.77 -22.66
CA ASN B 13 -23.73 18.53 -23.69
C ASN B 13 -22.96 19.78 -24.10
N ASN B 14 -23.39 20.96 -23.64
CA ASN B 14 -22.74 22.20 -24.05
C ASN B 14 -22.51 23.18 -22.90
N SER B 15 -22.60 22.72 -21.66
CA SER B 15 -22.39 23.55 -20.49
C SER B 15 -21.23 23.02 -19.66
N ILE B 16 -20.38 23.92 -19.19
CA ILE B 16 -19.26 23.58 -18.33
C ILE B 16 -19.28 24.50 -17.11
N ALA B 17 -18.90 23.97 -15.96
CA ALA B 17 -18.79 24.74 -14.72
C ALA B 17 -17.32 24.94 -14.38
N ILE B 18 -16.95 26.19 -14.14
CA ILE B 18 -15.57 26.55 -13.82
C ILE B 18 -15.60 27.31 -12.50
N PRO B 19 -14.70 27.01 -11.55
CA PRO B 19 -14.72 27.71 -10.26
C PRO B 19 -14.10 29.10 -10.37
N THR B 20 -14.79 30.08 -9.78
CA THR B 20 -14.34 31.46 -9.76
C THR B 20 -13.58 31.83 -8.50
N ASN B 21 -13.55 30.96 -7.50
CA ASN B 21 -12.87 31.24 -6.24
C ASN B 21 -12.34 29.93 -5.66
N PHE B 22 -11.68 30.03 -4.53
CA PHE B 22 -11.11 28.85 -3.87
C PHE B 22 -11.09 29.07 -2.36
N THR B 23 -11.12 27.97 -1.63
CA THR B 23 -11.00 27.97 -0.17
C THR B 23 -9.95 26.95 0.24
N ILE B 24 -8.90 27.41 0.91
CA ILE B 24 -7.89 26.52 1.45
C ILE B 24 -8.40 25.89 2.72
N SER B 25 -8.16 24.59 2.88
CA SER B 25 -8.60 23.84 4.05
C SER B 25 -7.47 22.95 4.55
N VAL B 26 -7.49 22.69 5.85
CA VAL B 26 -6.50 21.84 6.50
C VAL B 26 -7.23 20.71 7.20
N THR B 27 -6.91 19.47 6.83
CA THR B 27 -7.55 18.28 7.38
C THR B 27 -6.48 17.43 8.08
N THR B 28 -6.74 17.08 9.33
CA THR B 28 -5.82 16.26 10.11
C THR B 28 -6.09 14.78 9.89
N GLU B 29 -5.02 13.99 9.89
CA GLU B 29 -5.11 12.54 9.81
C GLU B 29 -4.20 11.95 10.88
N ILE B 30 -4.77 11.10 11.74
CA ILE B 30 -4.06 10.50 12.86
C ILE B 30 -3.86 9.02 12.58
N LEU B 31 -2.61 8.56 12.70
CA LEU B 31 -2.27 7.17 12.47
C LEU B 31 -1.41 6.67 13.63
N PRO B 32 -1.72 5.51 14.21
CA PRO B 32 -0.83 4.94 15.22
C PRO B 32 0.44 4.39 14.58
N VAL B 33 1.57 4.65 15.25
CA VAL B 33 2.87 4.26 14.72
C VAL B 33 3.56 3.20 15.57
N SER B 34 3.34 3.19 16.88
CA SER B 34 4.04 2.26 17.75
C SER B 34 3.13 1.83 18.88
N MET B 35 3.64 0.90 19.70
CA MET B 35 2.93 0.36 20.84
C MET B 35 3.89 0.30 22.01
N THR B 36 3.33 0.27 23.22
CA THR B 36 4.16 0.17 24.41
C THR B 36 4.93 -1.14 24.42
N LYS B 37 6.22 -1.07 24.74
CA LYS B 37 7.11 -2.22 24.70
C LYS B 37 6.91 -3.13 25.92
N THR B 38 5.70 -3.66 26.03
CA THR B 38 5.39 -4.60 27.10
C THR B 38 6.07 -5.94 26.86
N SER B 39 6.42 -6.61 27.96
CA SER B 39 7.05 -7.92 27.91
C SER B 39 6.61 -8.73 29.13
N VAL B 40 6.61 -10.05 28.97
CA VAL B 40 6.17 -10.96 30.03
C VAL B 40 7.15 -12.12 30.11
N ASP B 41 7.51 -12.49 31.33
CA ASP B 41 8.35 -13.65 31.59
C ASP B 41 7.45 -14.86 31.84
N CYS B 42 7.73 -15.96 31.13
CA CYS B 42 6.87 -17.13 31.18
C CYS B 42 7.15 -18.03 32.37
N THR B 43 8.32 -17.92 33.00
CA THR B 43 8.65 -18.74 34.16
C THR B 43 8.38 -18.01 35.47
N MET B 44 7.83 -16.81 35.41
CA MET B 44 7.42 -16.04 36.58
C MET B 44 5.93 -15.81 36.64
N TYR B 45 5.25 -15.74 35.50
CA TYR B 45 3.81 -15.65 35.48
C TYR B 45 3.17 -16.93 36.01
N ILE B 46 3.67 -18.09 35.55
CA ILE B 46 3.08 -19.36 35.94
C ILE B 46 3.52 -19.76 37.34
N CYS B 47 4.83 -19.80 37.54
CA CYS B 47 5.42 -20.20 38.82
C CYS B 47 6.11 -18.98 39.43
N GLY B 48 5.66 -18.58 40.62
CA GLY B 48 6.23 -17.41 41.26
C GLY B 48 6.85 -17.74 42.60
N ASP B 49 8.18 -17.85 42.61
CA ASP B 49 9.01 -18.10 43.79
C ASP B 49 9.06 -19.60 44.10
N SER B 50 8.11 -20.35 43.55
CA SER B 50 8.04 -21.78 43.80
C SER B 50 9.12 -22.51 43.01
N THR B 51 9.86 -23.38 43.69
CA THR B 51 10.86 -24.20 43.03
C THR B 51 10.30 -25.54 42.55
N GLU B 52 9.20 -26.00 43.14
CA GLU B 52 8.57 -27.23 42.70
C GLU B 52 7.80 -27.05 41.40
N CYS B 53 7.27 -25.85 41.16
CA CYS B 53 6.54 -25.57 39.94
C CYS B 53 7.45 -25.32 38.75
N SER B 54 8.72 -25.01 38.99
CA SER B 54 9.66 -24.76 37.89
C SER B 54 10.20 -26.07 37.33
N ASN B 55 10.74 -26.92 38.20
CA ASN B 55 11.18 -28.26 37.82
C ASN B 55 10.19 -28.91 36.86
N LEU B 56 8.90 -28.80 37.17
CA LEU B 56 7.87 -29.41 36.33
C LEU B 56 7.70 -28.63 35.03
N LEU B 57 7.78 -27.30 35.10
CA LEU B 57 7.57 -26.49 33.91
C LEU B 57 8.66 -26.70 32.86
N LEU B 58 9.80 -27.27 33.27
CA LEU B 58 10.86 -27.54 32.31
C LEU B 58 10.52 -28.71 31.41
N GLN B 59 9.71 -29.65 31.90
CA GLN B 59 9.34 -30.82 31.12
C GLN B 59 8.44 -30.46 29.95
N TYR B 60 7.81 -29.31 29.98
CA TYR B 60 6.96 -28.85 28.87
C TYR B 60 7.76 -28.28 27.71
N GLY B 61 9.08 -28.36 27.76
CA GLY B 61 9.90 -27.97 26.63
C GLY B 61 9.99 -26.46 26.42
N SER B 62 10.11 -26.09 25.15
CA SER B 62 10.41 -24.73 24.72
C SER B 62 9.23 -23.77 24.77
N PHE B 63 8.07 -24.20 25.28
CA PHE B 63 6.90 -23.32 25.24
C PHE B 63 7.21 -21.94 25.79
N CYS B 64 7.87 -21.88 26.95
CA CYS B 64 8.17 -20.59 27.54
C CYS B 64 9.11 -19.77 26.67
N THR B 65 10.14 -20.41 26.10
CA THR B 65 11.09 -19.68 25.26
C THR B 65 10.43 -19.14 24.01
N GLN B 66 9.45 -19.86 23.45
CA GLN B 66 8.78 -19.38 22.25
C GLN B 66 8.00 -18.11 22.53
N LEU B 67 7.21 -18.10 23.60
CA LEU B 67 6.40 -16.93 23.91
C LEU B 67 7.28 -15.73 24.28
N ASN B 68 8.35 -15.94 25.04
CA ASN B 68 9.23 -14.83 25.41
C ASN B 68 9.88 -14.21 24.18
N ARG B 69 10.35 -15.05 23.26
CA ARG B 69 10.98 -14.52 22.05
C ARG B 69 9.99 -13.75 21.20
N ALA B 70 8.74 -14.22 21.12
CA ALA B 70 7.73 -13.52 20.34
C ALA B 70 7.51 -12.11 20.86
N LEU B 71 7.36 -11.95 22.18
CA LEU B 71 7.16 -10.63 22.75
C LEU B 71 8.36 -9.74 22.51
N THR B 72 9.57 -10.29 22.57
CA THR B 72 10.76 -9.50 22.33
C THR B 72 10.78 -8.95 20.90
N GLY B 73 10.37 -9.78 19.93
CA GLY B 73 10.30 -9.31 18.56
C GLY B 73 9.34 -8.15 18.39
N ILE B 74 8.19 -8.21 19.05
CA ILE B 74 7.23 -7.12 18.97
C ILE B 74 7.84 -5.83 19.50
N ALA B 75 8.53 -5.91 20.64
CA ALA B 75 9.14 -4.72 21.22
C ALA B 75 10.17 -4.10 20.27
N VAL B 76 11.00 -4.94 19.65
CA VAL B 76 11.99 -4.43 18.70
C VAL B 76 11.30 -3.82 17.49
N GLU B 77 10.17 -4.40 17.08
CA GLU B 77 9.45 -3.88 15.92
C GLU B 77 8.94 -2.47 16.16
N GLN B 78 8.56 -2.15 17.41
CA GLN B 78 8.07 -0.82 17.70
C GLN B 78 9.16 0.23 17.51
N ASP B 79 10.40 -0.10 17.87
CA ASP B 79 11.51 0.82 17.66
C ASP B 79 11.73 1.05 16.17
N LYS B 80 11.71 -0.02 15.37
CA LYS B 80 11.91 0.12 13.94
C LYS B 80 10.79 0.94 13.30
N ASN B 81 9.55 0.69 13.72
CA ASN B 81 8.41 1.42 13.17
C ASN B 81 8.58 2.92 13.33
N THR B 82 8.96 3.36 14.53
CA THR B 82 9.13 4.79 14.77
C THR B 82 10.29 5.34 13.95
N GLN B 83 11.40 4.61 13.88
CA GLN B 83 12.55 5.08 13.13
C GLN B 83 12.23 5.23 11.65
N GLU B 84 11.51 4.27 11.09
CA GLU B 84 11.19 4.32 9.66
C GLU B 84 10.31 5.50 9.30
N VAL B 85 9.57 6.05 10.26
CA VAL B 85 8.66 7.17 9.99
C VAL B 85 9.38 8.49 10.18
N PHE B 86 9.95 8.70 11.37
CA PHE B 86 10.52 9.99 11.73
C PHE B 86 11.97 10.18 11.30
N ALA B 87 12.73 9.10 11.19
CA ALA B 87 14.15 9.19 10.89
C ALA B 87 14.44 9.31 9.41
N GLN B 88 13.44 9.55 8.57
CA GLN B 88 13.68 9.65 7.13
C GLN B 88 14.64 10.77 6.79
N VAL B 89 14.70 11.80 7.64
CA VAL B 89 15.64 12.90 7.48
C VAL B 89 16.34 13.12 8.81
N LYS B 90 17.68 13.21 8.78
CA LYS B 90 18.47 13.42 9.99
C LYS B 90 19.43 14.59 9.88
N GLN B 91 19.43 15.31 8.76
CA GLN B 91 20.19 16.57 8.63
C GLN B 91 19.35 17.69 9.25
N ILE B 92 19.35 17.71 10.58
CA ILE B 92 18.49 18.62 11.35
C ILE B 92 18.63 20.04 10.82
N TYR B 93 17.53 20.60 10.32
CA TYR B 93 17.51 21.97 9.85
C TYR B 93 17.31 22.94 11.01
N CYS B 94 18.05 24.05 10.99
CA CYS B 94 17.96 25.01 12.07
C CYS B 94 16.66 25.80 11.99
N THR B 95 16.06 26.04 13.14
CA THR B 95 14.79 26.74 13.18
C THR B 95 14.91 28.09 12.47
N PRO B 96 13.90 28.51 11.73
CA PRO B 96 13.96 29.80 11.03
C PRO B 96 13.65 30.94 11.99
N PRO B 97 14.64 31.79 12.31
CA PRO B 97 14.37 32.89 13.25
C PRO B 97 13.72 34.10 12.62
N ILE B 98 13.61 34.14 11.28
CA ILE B 98 13.01 35.27 10.59
C ILE B 98 11.51 35.05 10.55
N LYS B 99 10.77 35.83 11.34
CA LYS B 99 9.32 35.74 11.39
C LYS B 99 8.68 36.73 10.43
N ASP B 100 9.11 36.70 9.18
CA ASP B 100 8.68 37.65 8.15
C ASP B 100 8.34 36.93 6.86
N PHE B 101 7.54 35.87 6.97
CA PHE B 101 7.02 35.20 5.79
C PHE B 101 5.97 36.08 5.13
N GLY B 102 5.36 35.57 4.06
CA GLY B 102 4.40 36.33 3.29
C GLY B 102 3.00 36.32 3.88
N GLY B 103 2.90 36.28 5.20
CA GLY B 103 1.63 36.27 5.90
C GLY B 103 1.33 34.97 6.62
N PHE B 104 2.00 33.88 6.25
CA PHE B 104 1.73 32.58 6.87
C PHE B 104 2.28 32.57 8.29
N ASN B 105 1.40 32.25 9.24
CA ASN B 105 1.71 32.29 10.68
C ASN B 105 1.83 30.85 11.19
N PHE B 106 3.03 30.28 11.06
CA PHE B 106 3.32 28.93 11.53
C PHE B 106 3.50 28.84 13.04
N SER B 107 3.17 29.89 13.79
CA SER B 107 3.44 29.90 15.22
C SER B 107 2.78 28.73 15.94
N GLN B 108 1.64 28.28 15.45
CA GLN B 108 0.98 27.12 16.04
C GLN B 108 1.56 25.80 15.55
N ILE B 109 2.31 25.83 14.45
CA ILE B 109 2.90 24.61 13.90
C ILE B 109 4.30 24.38 14.44
N LEU B 110 5.12 25.43 14.48
CA LEU B 110 6.49 25.32 14.95
C LEU B 110 6.55 25.35 16.47
N PRO B 111 7.65 24.88 17.06
CA PRO B 111 7.83 24.97 18.50
C PRO B 111 7.94 26.41 18.96
N ASP B 112 7.93 26.60 20.27
CA ASP B 112 8.15 27.89 20.89
C ASP B 112 9.03 27.71 22.12
N PRO B 113 9.74 28.76 22.54
CA PRO B 113 10.61 28.65 23.72
C PRO B 113 9.94 28.91 25.06
N SER B 114 8.66 29.28 25.08
CA SER B 114 8.00 29.62 26.33
C SER B 114 7.79 28.43 27.25
N LYS B 115 8.16 27.22 26.85
CA LYS B 115 8.02 26.04 27.69
C LYS B 115 9.23 25.14 27.47
N PRO B 116 9.59 24.33 28.48
CA PRO B 116 10.76 23.45 28.35
C PRO B 116 10.53 22.22 27.50
N SER B 117 9.27 21.87 27.22
CA SER B 117 9.00 20.69 26.41
C SER B 117 9.40 20.87 24.96
N LYS B 118 9.50 22.11 24.48
CA LYS B 118 9.90 22.39 23.10
C LYS B 118 8.97 21.71 22.10
N ARG B 119 7.68 21.72 22.40
CA ARG B 119 6.67 21.15 21.53
C ARG B 119 5.74 22.25 21.02
N SER B 120 5.20 22.04 19.83
CA SER B 120 4.28 23.00 19.25
C SER B 120 3.01 23.07 20.07
N PRO B 121 2.27 24.17 20.00
CA PRO B 121 0.98 24.25 20.71
C PRO B 121 0.03 23.11 20.35
N ILE B 122 0.06 22.64 19.11
CA ILE B 122 -0.78 21.50 18.74
C ILE B 122 -0.23 20.23 19.39
N GLU B 123 1.10 20.06 19.37
CA GLU B 123 1.69 18.88 19.99
C GLU B 123 1.41 18.83 21.48
N ASP B 124 1.42 19.99 22.15
CA ASP B 124 1.15 20.03 23.58
C ASP B 124 -0.29 19.66 23.90
N LEU B 125 -1.20 19.82 22.95
CA LEU B 125 -2.58 19.40 23.16
C LEU B 125 -2.73 17.90 22.91
N LEU B 126 -2.12 17.39 21.84
CA LEU B 126 -2.20 15.96 21.55
C LEU B 126 -1.63 15.14 22.69
N PHE B 127 -0.53 15.59 23.29
CA PHE B 127 0.09 14.85 24.38
C PHE B 127 -0.73 14.90 25.67
N ASN B 128 -1.77 15.73 25.72
CA ASN B 128 -2.63 15.82 26.89
C ASN B 128 -3.96 15.08 26.71
N LYS B 129 -4.41 14.93 25.46
CA LYS B 129 -5.67 14.23 25.21
C LYS B 129 -5.55 12.73 25.40
N VAL B 130 -4.35 12.18 25.32
CA VAL B 130 -4.10 10.76 25.57
C VAL B 130 -3.44 10.62 26.92
N THR B 131 -4.00 9.76 27.78
CA THR B 131 -3.54 9.60 29.14
C THR B 131 -3.54 8.12 29.52
N LEU B 132 -2.72 7.80 30.50
CA LEU B 132 -2.64 6.46 31.06
C LEU B 132 -3.29 6.44 32.43
N ALA B 133 -4.25 5.53 32.62
CA ALA B 133 -4.94 5.44 33.89
C ALA B 133 -4.02 4.93 34.99
N ASP B 134 -4.30 5.33 36.23
CA ASP B 134 -3.51 4.89 37.36
C ASP B 134 -3.74 3.42 37.69
N ALA B 135 -4.88 2.86 37.31
CA ALA B 135 -5.16 1.45 37.55
C ALA B 135 -4.39 0.53 36.61
N GLY B 136 -3.79 1.07 35.55
CA GLY B 136 -3.05 0.24 34.61
C GLY B 136 -1.66 -0.07 35.12
N PHE B 137 -1.23 -1.32 34.91
CA PHE B 137 0.08 -1.76 35.36
C PHE B 137 1.21 -0.98 34.69
N ILE B 138 0.95 -0.38 33.52
CA ILE B 138 2.00 0.36 32.83
C ILE B 138 2.50 1.51 33.68
N LYS B 139 1.59 2.17 34.40
CA LYS B 139 1.99 3.26 35.29
C LYS B 139 2.53 2.74 36.61
N GLN B 140 1.86 1.73 37.19
CA GLN B 140 2.30 1.20 38.48
C GLN B 140 3.71 0.64 38.40
N TYR B 141 4.08 0.06 37.25
CA TYR B 141 5.43 -0.46 37.10
C TYR B 141 6.46 0.66 37.10
N GLY B 142 6.12 1.81 36.51
CA GLY B 142 7.03 2.93 36.52
C GLY B 142 7.25 3.49 37.90
N ASP B 143 6.18 3.62 38.69
CA ASP B 143 6.32 4.10 40.06
C ASP B 143 7.17 3.15 40.89
N CYS B 144 7.14 1.85 40.59
CA CYS B 144 7.95 0.90 41.34
C CYS B 144 9.44 1.09 41.06
N LEU B 145 9.80 1.46 39.84
CA LEU B 145 11.21 1.64 39.50
C LEU B 145 11.75 2.98 40.02
N GLY B 146 11.02 4.07 39.78
CA GLY B 146 11.54 5.38 40.15
C GLY B 146 12.77 5.75 39.36
N ASP B 147 12.80 5.43 38.07
CA ASP B 147 13.89 5.68 37.14
C ASP B 147 15.13 4.85 37.41
N ILE B 148 15.15 4.03 38.47
CA ILE B 148 16.28 3.15 38.73
C ILE B 148 16.16 1.91 37.86
N ALA B 149 17.29 1.44 37.33
CA ALA B 149 17.31 0.27 36.47
C ALA B 149 17.61 -1.02 37.22
N ALA B 150 18.22 -0.93 38.40
CA ALA B 150 18.61 -2.14 39.12
C ALA B 150 17.42 -2.92 39.65
N ARG B 151 16.31 -2.24 39.93
CA ARG B 151 15.12 -2.87 40.48
C ARG B 151 14.21 -3.45 39.41
N ASP B 152 14.67 -3.55 38.17
CA ASP B 152 13.85 -4.13 37.11
C ASP B 152 13.33 -5.51 37.51
N LEU B 153 14.23 -6.39 37.94
CA LEU B 153 13.81 -7.74 38.32
C LEU B 153 12.95 -7.73 39.57
N ILE B 154 13.17 -6.78 40.48
CA ILE B 154 12.38 -6.73 41.71
C ILE B 154 10.95 -6.31 41.41
N CYS B 155 10.77 -5.28 40.57
CA CYS B 155 9.43 -4.84 40.20
C CYS B 155 8.73 -5.89 39.35
N ALA B 156 9.47 -6.57 38.48
CA ALA B 156 8.88 -7.63 37.66
C ALA B 156 8.33 -8.75 38.53
N GLN B 157 9.07 -9.15 39.56
CA GLN B 157 8.59 -10.20 40.45
C GLN B 157 7.30 -9.78 41.14
N LYS B 158 7.18 -8.49 41.47
CA LYS B 158 5.96 -8.02 42.11
C LYS B 158 4.78 -8.03 41.13
N PHE B 159 4.99 -7.58 39.90
CA PHE B 159 3.93 -7.51 38.91
C PHE B 159 3.86 -8.76 38.04
N ASN B 160 3.89 -9.93 38.69
CA ASN B 160 3.69 -11.22 38.03
C ASN B 160 4.52 -11.35 36.76
N GLY B 161 5.73 -10.81 36.79
CA GLY B 161 6.63 -10.90 35.67
C GLY B 161 6.44 -9.88 34.57
N LEU B 162 5.49 -8.95 34.72
CA LEU B 162 5.30 -7.92 33.72
C LEU B 162 6.47 -6.94 33.72
N THR B 163 6.94 -6.60 32.53
CA THR B 163 8.06 -5.67 32.38
C THR B 163 7.84 -4.83 31.12
N VAL B 164 7.90 -3.52 31.27
CA VAL B 164 7.76 -2.58 30.16
C VAL B 164 9.14 -1.99 29.88
N LEU B 165 9.61 -2.16 28.64
CA LEU B 165 10.91 -1.66 28.25
C LEU B 165 10.82 -0.17 27.87
N PRO B 166 11.89 0.59 28.10
CA PRO B 166 11.87 2.00 27.73
C PRO B 166 12.08 2.17 26.23
N PRO B 167 11.39 3.12 25.60
CA PRO B 167 11.61 3.35 24.17
C PRO B 167 13.03 3.82 23.89
N LEU B 168 13.55 3.41 22.72
CA LEU B 168 14.90 3.82 22.34
C LEU B 168 14.94 5.31 22.01
N LEU B 169 13.89 5.84 21.39
CA LEU B 169 13.79 7.25 21.06
C LEU B 169 12.79 7.91 22.00
N THR B 170 13.23 8.94 22.70
CA THR B 170 12.38 9.67 23.62
C THR B 170 11.44 10.59 22.85
N ASP B 171 10.41 11.07 23.55
CA ASP B 171 9.47 12.01 22.94
C ASP B 171 10.18 13.26 22.45
N GLU B 172 11.23 13.69 23.15
CA GLU B 172 11.97 14.86 22.71
C GLU B 172 12.69 14.62 21.39
N MET B 173 13.26 13.43 21.22
CA MET B 173 13.94 13.11 19.96
C MET B 173 12.97 13.13 18.79
N ILE B 174 11.77 12.59 18.99
CA ILE B 174 10.77 12.58 17.92
C ILE B 174 10.37 14.02 17.58
N ALA B 175 10.18 14.86 18.59
CA ALA B 175 9.83 16.25 18.34
C ALA B 175 10.94 16.96 17.59
N GLN B 176 12.20 16.70 17.94
CA GLN B 176 13.31 17.32 17.24
C GLN B 176 13.35 16.89 15.78
N TYR B 177 13.09 15.62 15.52
CA TYR B 177 13.07 15.14 14.14
C TYR B 177 11.93 15.77 13.35
N THR B 178 10.76 15.90 13.98
CA THR B 178 9.63 16.54 13.32
C THR B 178 9.91 18.00 13.02
N SER B 179 10.55 18.70 13.95
CA SER B 179 10.90 20.10 13.72
C SER B 179 11.82 20.23 12.51
N ALA B 180 12.79 19.31 12.37
CA ALA B 180 13.67 19.36 11.22
C ALA B 180 12.90 19.21 9.91
N LEU B 181 11.94 18.29 9.88
CA LEU B 181 11.12 18.13 8.67
C LEU B 181 10.33 19.39 8.37
N LEU B 182 9.77 20.02 9.41
CA LEU B 182 9.02 21.25 9.21
C LEU B 182 9.90 22.38 8.67
N ALA B 183 11.03 22.61 9.34
CA ALA B 183 11.93 23.68 8.91
C ALA B 183 12.39 23.47 7.47
N GLY B 184 12.71 22.23 7.10
CA GLY B 184 13.12 21.96 5.73
C GLY B 184 12.02 22.25 4.74
N THR B 185 10.80 21.79 5.03
CA THR B 185 9.69 22.03 4.11
C THR B 185 9.39 23.52 3.99
N ILE B 186 9.48 24.26 5.10
CA ILE B 186 9.16 25.67 5.07
C ILE B 186 10.27 26.47 4.40
N THR B 187 11.52 26.02 4.51
CA THR B 187 12.66 26.75 3.99
C THR B 187 13.28 26.16 2.73
N SER B 188 13.01 24.88 2.44
CA SER B 188 13.64 24.22 1.31
C SER B 188 12.67 23.43 0.44
N GLY B 189 11.39 23.43 0.76
CA GLY B 189 10.42 22.74 -0.06
C GLY B 189 10.67 21.24 -0.18
N TRP B 190 10.03 20.66 -1.18
CA TRP B 190 10.09 19.21 -1.39
C TRP B 190 11.47 18.72 -1.78
N THR B 191 12.37 19.60 -2.20
CA THR B 191 13.69 19.17 -2.64
C THR B 191 14.62 18.84 -1.48
N PHE B 192 14.34 19.33 -0.28
CA PHE B 192 15.19 19.03 0.86
C PHE B 192 15.23 17.53 1.14
N GLY B 193 14.20 16.80 0.74
CA GLY B 193 14.16 15.36 0.91
C GLY B 193 14.66 14.57 -0.27
N ALA B 194 15.03 15.23 -1.36
CA ALA B 194 15.54 14.56 -2.56
C ALA B 194 16.95 15.04 -2.92
N GLY B 195 17.63 15.70 -1.98
CA GLY B 195 18.94 16.25 -2.24
C GLY B 195 19.34 17.29 -1.21
N PRO B 196 20.24 18.19 -1.59
CA PRO B 196 20.69 19.22 -0.65
C PRO B 196 19.57 20.17 -0.26
N ALA B 197 19.88 21.01 0.73
CA ALA B 197 18.94 22.00 1.26
C ALA B 197 18.84 23.19 0.32
N LEU B 198 18.17 22.95 -0.81
CA LEU B 198 17.96 24.00 -1.80
C LEU B 198 16.92 24.99 -1.32
N GLN B 199 17.36 26.05 -0.65
CA GLN B 199 16.45 27.05 -0.11
C GLN B 199 15.66 27.74 -1.22
N ILE B 200 14.42 28.09 -0.90
CA ILE B 200 13.54 28.80 -1.83
C ILE B 200 12.55 29.62 -1.01
N PRO B 201 12.17 30.83 -1.44
CA PRO B 201 11.18 31.59 -0.68
C PRO B 201 9.84 30.87 -0.63
N PHE B 202 9.20 30.94 0.54
CA PHE B 202 7.95 30.20 0.72
C PHE B 202 6.86 30.65 -0.22
N PRO B 203 6.63 31.95 -0.47
CA PRO B 203 5.61 32.32 -1.45
C PRO B 203 5.87 31.72 -2.82
N MET B 204 7.13 31.66 -3.24
CA MET B 204 7.46 31.02 -4.52
C MET B 204 7.16 29.52 -4.46
N GLN B 205 7.50 28.88 -3.33
CA GLN B 205 7.22 27.46 -3.19
C GLN B 205 5.73 27.17 -3.36
N MET B 206 4.88 27.99 -2.77
CA MET B 206 3.44 27.81 -2.94
C MET B 206 3.02 28.12 -4.37
N ALA B 207 3.64 29.13 -4.99
CA ALA B 207 3.34 29.45 -6.37
C ALA B 207 3.65 28.28 -7.30
N TYR B 208 4.69 27.51 -6.99
CA TYR B 208 5.07 26.40 -7.83
C TYR B 208 4.27 25.16 -7.52
N ARG B 209 3.75 25.05 -6.29
CA ARG B 209 2.84 23.97 -5.95
C ARG B 209 1.48 24.19 -6.59
N PHE B 210 1.06 25.45 -6.72
CA PHE B 210 -0.18 25.74 -7.43
C PHE B 210 -0.10 25.29 -8.88
N ASN B 211 1.03 25.52 -9.53
CA ASN B 211 1.19 25.08 -10.91
C ASN B 211 1.08 23.57 -11.04
N GLY B 212 1.37 22.84 -9.96
CA GLY B 212 1.25 21.40 -9.97
C GLY B 212 -0.17 20.89 -9.89
N ILE B 213 -1.12 21.76 -9.55
CA ILE B 213 -2.53 21.39 -9.49
C ILE B 213 -3.33 22.09 -10.59
N GLY B 214 -2.65 22.52 -11.66
CA GLY B 214 -3.32 23.16 -12.77
C GLY B 214 -3.69 24.61 -12.55
N VAL B 215 -3.22 25.23 -11.48
CA VAL B 215 -3.50 26.63 -11.17
C VAL B 215 -2.23 27.44 -11.42
N THR B 216 -2.35 28.47 -12.25
CA THR B 216 -1.21 29.30 -12.61
C THR B 216 -0.67 30.05 -11.40
N GLN B 217 0.62 30.36 -11.44
CA GLN B 217 1.25 31.10 -10.36
C GLN B 217 0.56 32.44 -10.11
N ASN B 218 -0.01 33.02 -11.16
CA ASN B 218 -0.67 34.31 -11.03
C ASN B 218 -1.69 34.32 -9.89
N VAL B 219 -2.43 33.22 -9.72
CA VAL B 219 -3.52 33.21 -8.75
C VAL B 219 -2.99 33.45 -7.34
N LEU B 220 -1.81 32.93 -7.03
CA LEU B 220 -1.27 33.12 -5.69
C LEU B 220 -0.84 34.56 -5.46
N TYR B 221 -0.08 35.13 -6.39
CA TYR B 221 0.46 36.47 -6.19
C TYR B 221 -0.65 37.51 -6.06
N GLU B 222 -1.66 37.43 -6.92
CA GLU B 222 -2.78 38.35 -6.83
C GLU B 222 -3.69 38.08 -5.64
N ASN B 223 -3.53 36.94 -4.97
CA ASN B 223 -4.35 36.59 -3.82
C ASN B 223 -3.50 36.16 -2.63
N GLN B 224 -2.24 36.61 -2.58
CA GLN B 224 -1.33 36.13 -1.55
C GLN B 224 -1.83 36.44 -0.16
N LYS B 225 -2.32 37.67 0.06
CA LYS B 225 -2.84 38.03 1.37
C LYS B 225 -4.07 37.20 1.73
N LEU B 226 -4.97 37.01 0.76
CA LEU B 226 -6.16 36.21 1.01
C LEU B 226 -5.79 34.76 1.28
N ILE B 227 -4.88 34.20 0.49
CA ILE B 227 -4.45 32.82 0.69
C ILE B 227 -3.78 32.66 2.05
N ALA B 228 -2.93 33.63 2.42
CA ALA B 228 -2.27 33.56 3.73
C ALA B 228 -3.30 33.58 4.86
N ASN B 229 -4.28 34.48 4.76
CA ASN B 229 -5.30 34.55 5.81
C ASN B 229 -6.08 33.25 5.91
N GLN B 230 -6.40 32.64 4.77
CA GLN B 230 -7.13 31.38 4.79
C GLN B 230 -6.32 30.29 5.48
N PHE B 231 -5.03 30.19 5.16
CA PHE B 231 -4.19 29.18 5.80
C PHE B 231 -4.11 29.40 7.30
N ASN B 232 -3.91 30.65 7.73
CA ASN B 232 -3.79 30.93 9.15
C ASN B 232 -5.07 30.58 9.90
N SER B 233 -6.22 30.91 9.31
CA SER B 233 -7.49 30.59 9.97
C SER B 233 -7.69 29.09 10.08
N ALA B 234 -7.31 28.33 9.04
CA ALA B 234 -7.47 26.89 9.08
C ALA B 234 -6.62 26.26 10.17
N ILE B 235 -5.37 26.72 10.31
CA ILE B 235 -4.51 26.18 11.36
C ILE B 235 -5.06 26.51 12.74
N GLY B 236 -5.72 27.66 12.88
CA GLY B 236 -6.32 27.99 14.17
C GLY B 236 -7.54 27.14 14.48
N LYS B 237 -8.37 26.88 13.47
CA LYS B 237 -9.60 26.13 13.70
C LYS B 237 -9.32 24.68 14.08
N ILE B 238 -8.27 24.08 13.53
CA ILE B 238 -7.98 22.68 13.81
C ILE B 238 -7.65 22.49 15.28
N GLN B 239 -6.94 23.46 15.88
CA GLN B 239 -6.61 23.34 17.29
C GLN B 239 -7.86 23.26 18.15
N ASP B 240 -8.84 24.13 17.86
CA ASP B 240 -10.11 24.07 18.59
C ASP B 240 -10.84 22.75 18.34
N SER B 241 -10.80 22.28 17.10
CA SER B 241 -11.49 21.04 16.76
C SER B 241 -10.95 19.87 17.58
N LEU B 242 -9.62 19.75 17.65
CA LEU B 242 -9.02 18.68 18.44
C LEU B 242 -9.28 18.90 19.93
N SER B 243 -9.24 20.15 20.39
CA SER B 243 -9.48 20.43 21.80
C SER B 243 -10.89 20.06 22.22
N SER B 244 -11.89 20.39 21.38
CA SER B 244 -13.28 20.15 21.74
C SER B 244 -13.67 18.69 21.54
N THR B 245 -13.51 18.18 20.33
CA THR B 245 -13.92 16.82 20.01
C THR B 245 -13.15 15.81 20.85
N PRO B 246 -13.80 15.09 21.77
CA PRO B 246 -13.05 14.18 22.65
C PRO B 246 -12.66 12.88 21.96
N SER B 247 -13.36 12.52 20.89
CA SER B 247 -13.12 11.27 20.17
C SER B 247 -12.29 11.50 18.90
N ALA B 248 -11.44 12.52 18.88
CA ALA B 248 -10.62 12.78 17.71
C ALA B 248 -9.41 11.86 17.67
N LEU B 249 -8.73 11.69 18.81
CA LEU B 249 -7.55 10.83 18.91
C LEU B 249 -7.89 9.42 19.35
N GLY B 250 -9.13 8.98 19.13
CA GLY B 250 -9.52 7.64 19.53
C GLY B 250 -8.62 6.55 18.96
N LYS B 251 -8.13 6.74 17.74
CA LYS B 251 -7.27 5.74 17.13
C LYS B 251 -6.04 5.48 17.99
N LEU B 252 -5.51 6.51 18.63
CA LEU B 252 -4.34 6.34 19.47
C LEU B 252 -4.72 5.85 20.87
N GLN B 253 -5.86 6.32 21.39
CA GLN B 253 -6.31 5.86 22.70
C GLN B 253 -6.77 4.41 22.66
N ASP B 254 -7.37 3.99 21.54
CA ASP B 254 -7.88 2.62 21.45
C ASP B 254 -6.77 1.59 21.58
N VAL B 255 -5.62 1.83 20.93
CA VAL B 255 -4.53 0.87 21.01
C VAL B 255 -3.97 0.81 22.43
N VAL B 256 -3.96 1.94 23.14
CA VAL B 256 -3.49 1.94 24.52
C VAL B 256 -4.48 1.17 25.40
N ASN B 257 -5.78 1.43 25.22
CA ASN B 257 -6.78 0.75 26.01
C ASN B 257 -6.78 -0.76 25.75
N GLN B 258 -6.62 -1.16 24.48
CA GLN B 258 -6.65 -2.59 24.15
C GLN B 258 -5.51 -3.33 24.84
N ASN B 259 -4.31 -2.73 24.87
CA ASN B 259 -3.18 -3.38 25.51
C ASN B 259 -3.38 -3.47 27.02
N ALA B 260 -3.95 -2.42 27.62
CA ALA B 260 -4.20 -2.44 29.05
C ALA B 260 -5.18 -3.55 29.43
N GLU B 261 -6.25 -3.70 28.64
CA GLU B 261 -7.24 -4.75 28.94
C GLU B 261 -6.62 -6.14 28.81
N ALA B 262 -5.70 -6.32 27.85
CA ALA B 262 -5.07 -7.62 27.67
C ALA B 262 -4.27 -8.02 28.91
N LEU B 263 -3.48 -7.09 29.45
CA LEU B 263 -2.70 -7.39 30.64
C LEU B 263 -3.60 -7.63 31.84
N ASN B 264 -4.68 -6.85 31.97
CA ASN B 264 -5.60 -7.03 33.08
C ASN B 264 -6.24 -8.41 33.04
N THR B 265 -6.67 -8.86 31.86
CA THR B 265 -7.27 -10.18 31.75
C THR B 265 -6.24 -11.28 32.02
N LEU B 266 -5.01 -11.07 31.57
CA LEU B 266 -3.97 -12.07 31.80
C LEU B 266 -3.66 -12.23 33.28
N VAL B 267 -3.47 -11.11 33.98
CA VAL B 267 -3.13 -11.18 35.39
C VAL B 267 -4.31 -11.68 36.20
N LYS B 268 -5.52 -11.29 35.83
CA LYS B 268 -6.70 -11.75 36.57
C LYS B 268 -6.87 -13.26 36.46
N GLN B 269 -6.46 -13.85 35.34
CA GLN B 269 -6.61 -15.29 35.16
C GLN B 269 -5.72 -16.11 36.09
N LEU B 270 -4.74 -15.48 36.75
CA LEU B 270 -3.99 -16.18 37.78
C LEU B 270 -4.87 -16.59 38.95
N SER B 271 -5.99 -15.90 39.16
CA SER B 271 -6.94 -16.23 40.22
C SER B 271 -7.90 -17.34 39.83
N SER B 272 -7.61 -18.08 38.76
CA SER B 272 -8.50 -19.11 38.24
C SER B 272 -7.98 -20.48 38.62
N ASN B 273 -8.91 -21.38 38.97
CA ASN B 273 -8.56 -22.72 39.41
C ASN B 273 -8.32 -23.67 38.25
N PHE B 274 -8.81 -23.34 37.05
CA PHE B 274 -8.68 -24.22 35.88
C PHE B 274 -9.06 -25.66 36.23
N GLY B 275 -9.95 -25.85 37.19
CA GLY B 275 -10.35 -27.17 37.61
C GLY B 275 -9.35 -27.81 38.55
N ALA B 276 -9.18 -27.21 39.72
CA ALA B 276 -8.21 -27.67 40.70
C ALA B 276 -8.69 -27.27 42.09
N ILE B 277 -7.93 -27.69 43.10
CA ILE B 277 -8.36 -27.47 44.48
C ILE B 277 -8.19 -26.01 44.87
N SER B 278 -7.29 -25.28 44.22
CA SER B 278 -7.11 -23.86 44.49
C SER B 278 -6.13 -23.29 43.48
N SER B 279 -6.20 -21.97 43.32
CA SER B 279 -5.30 -21.24 42.45
C SER B 279 -3.94 -20.99 43.06
N VAL B 280 -3.72 -21.41 44.31
CA VAL B 280 -2.50 -21.13 45.05
C VAL B 280 -1.66 -22.40 45.07
N LEU B 281 -0.39 -22.28 44.69
CA LEU B 281 0.46 -23.46 44.55
C LEU B 281 0.96 -23.96 45.89
N ASN B 282 1.19 -23.05 46.85
CA ASN B 282 1.58 -23.47 48.19
C ASN B 282 0.44 -24.15 48.94
N ASP B 283 -0.79 -23.72 48.70
CA ASP B 283 -1.93 -24.32 49.38
C ASP B 283 -2.14 -25.77 48.94
N ILE B 284 -2.15 -26.00 47.62
CA ILE B 284 -2.36 -27.35 47.13
C ILE B 284 -1.18 -28.24 47.50
N LEU B 285 0.04 -27.72 47.41
CA LEU B 285 1.22 -28.52 47.68
C LEU B 285 1.34 -28.90 49.16
N SER B 286 0.70 -28.14 50.05
CA SER B 286 0.70 -28.47 51.46
C SER B 286 -0.46 -29.37 51.87
N ARG B 287 -1.61 -29.23 51.22
CA ARG B 287 -2.74 -30.09 51.53
C ARG B 287 -2.52 -31.50 50.99
N LEU B 288 -2.04 -31.61 49.76
CA LEU B 288 -1.81 -32.90 49.13
C LEU B 288 -0.41 -33.42 49.43
N ASP B 289 -0.26 -34.73 49.33
CA ASP B 289 1.05 -35.36 49.34
C ASP B 289 1.69 -35.30 47.96
N PRO B 290 3.00 -35.54 47.87
CA PRO B 290 3.71 -35.39 46.59
C PRO B 290 3.14 -36.28 45.50
N PRO B 291 2.79 -37.53 45.78
CA PRO B 291 2.29 -38.41 44.71
C PRO B 291 0.89 -38.06 44.23
N GLU B 292 0.27 -37.01 44.76
CA GLU B 292 -1.02 -36.55 44.29
C GLU B 292 -1.06 -35.07 43.96
N ALA B 293 -0.11 -34.27 44.46
CA ALA B 293 -0.13 -32.83 44.20
C ALA B 293 0.24 -32.53 42.75
N GLU B 294 1.02 -33.41 42.11
CA GLU B 294 1.50 -33.12 40.76
C GLU B 294 0.38 -33.23 39.73
N TRP B 295 -0.70 -33.94 40.05
CA TRP B 295 -1.87 -33.94 39.16
C TRP B 295 -2.58 -32.60 39.19
N GLN B 296 -2.60 -31.94 40.36
CA GLN B 296 -3.28 -30.66 40.46
C GLN B 296 -2.37 -29.51 40.02
N ILE B 297 -1.05 -29.67 40.18
CA ILE B 297 -0.11 -28.64 39.74
C ILE B 297 0.20 -28.73 38.27
N ASP B 298 -0.38 -29.71 37.56
CA ASP B 298 -0.26 -29.80 36.11
C ASP B 298 -1.46 -29.18 35.42
N ARG B 299 -2.57 -29.00 36.13
CA ARG B 299 -3.77 -28.41 35.55
C ARG B 299 -3.67 -26.89 35.54
N LEU B 300 -3.02 -26.31 36.56
CA LEU B 300 -2.81 -24.87 36.60
C LEU B 300 -1.73 -24.42 35.64
N ILE B 301 -0.68 -25.23 35.48
CA ILE B 301 0.39 -24.91 34.53
C ILE B 301 -0.17 -24.85 33.11
N TRP B 302 -1.09 -25.76 32.78
CA TRP B 302 -1.61 -25.82 31.42
C TRP B 302 -2.64 -24.73 31.17
N GLY B 303 -3.34 -24.28 32.21
CA GLY B 303 -4.27 -23.17 32.07
C GLY B 303 -3.55 -21.86 32.00
N ARG B 304 -2.46 -21.73 32.76
CA ARG B 304 -1.66 -20.51 32.76
C ARG B 304 -0.75 -20.39 31.55
N LEU B 305 -0.60 -21.47 30.77
CA LEU B 305 0.18 -21.41 29.54
C LEU B 305 -0.67 -21.02 28.34
N GLN B 306 -1.91 -21.54 28.28
CA GLN B 306 -2.81 -21.14 27.21
C GLN B 306 -3.26 -19.70 27.38
N SER B 307 -3.37 -19.24 28.63
CA SER B 307 -3.69 -17.84 28.87
C SER B 307 -2.61 -16.92 28.30
N LEU B 308 -1.35 -17.21 28.62
CA LEU B 308 -0.26 -16.39 28.11
C LEU B 308 -0.12 -16.55 26.60
N GLN B 309 -0.35 -17.75 26.08
CA GLN B 309 -0.29 -17.97 24.64
C GLN B 309 -1.37 -17.17 23.93
N THR B 310 -2.54 -17.05 24.55
CA THR B 310 -3.61 -16.25 23.97
C THR B 310 -3.22 -14.77 23.92
N TYR B 311 -2.56 -14.29 24.97
CA TYR B 311 -2.09 -12.91 24.99
C TYR B 311 -1.06 -12.67 23.88
N VAL B 312 -0.10 -13.58 23.73
CA VAL B 312 0.96 -13.40 22.75
C VAL B 312 0.40 -13.39 21.34
N THR B 313 -0.48 -14.35 21.04
CA THR B 313 -1.03 -14.44 19.69
C THR B 313 -1.88 -13.21 19.35
N GLN B 314 -2.65 -12.70 20.31
CA GLN B 314 -3.44 -11.50 20.06
C GLN B 314 -2.53 -10.29 19.85
N GLN B 315 -1.43 -10.21 20.60
CA GLN B 315 -0.50 -9.11 20.41
C GLN B 315 0.15 -9.15 19.04
N LEU B 316 0.47 -10.35 18.55
CA LEU B 316 1.05 -10.48 17.21
C LEU B 316 0.10 -9.95 16.16
N ILE B 317 -1.19 -10.25 16.29
CA ILE B 317 -2.18 -9.72 15.35
C ILE B 317 -2.24 -8.21 15.45
N ARG B 318 -2.24 -7.68 16.67
CA ARG B 318 -2.30 -6.23 16.85
C ARG B 318 -1.03 -5.55 16.35
N ALA B 319 0.12 -6.20 16.55
CA ALA B 319 1.38 -5.61 16.09
C ALA B 319 1.41 -5.50 14.57
N ALA B 320 0.78 -6.44 13.87
CA ALA B 320 0.74 -6.37 12.42
C ALA B 320 -0.07 -5.16 11.96
N GLU B 321 -1.17 -4.85 12.64
CA GLU B 321 -1.96 -3.68 12.29
C GLU B 321 -1.16 -2.40 12.47
N ILE B 322 -0.42 -2.29 13.58
CA ILE B 322 0.40 -1.10 13.81
C ILE B 322 1.51 -1.02 12.78
N ARG B 323 2.09 -2.17 12.41
CA ARG B 323 3.14 -2.18 11.41
C ARG B 323 2.64 -1.64 10.08
N ALA B 324 1.43 -2.03 9.69
CA ALA B 324 0.85 -1.51 8.45
C ALA B 324 0.61 0.00 8.55
N SER B 325 0.08 0.45 9.70
CA SER B 325 -0.13 1.88 9.88
C SER B 325 1.18 2.65 9.87
N ALA B 326 2.22 2.08 10.50
CA ALA B 326 3.52 2.74 10.51
C ALA B 326 4.10 2.84 9.11
N ASN B 327 3.96 1.77 8.31
CA ASN B 327 4.43 1.81 6.93
C ASN B 327 3.65 2.84 6.13
N LEU B 328 2.33 2.91 6.33
CA LEU B 328 1.52 3.92 5.66
C LEU B 328 1.95 5.32 6.07
N ALA B 329 2.21 5.52 7.36
CA ALA B 329 2.64 6.83 7.83
C ALA B 329 3.96 7.23 7.20
N ALA B 330 4.90 6.30 7.10
CA ALA B 330 6.18 6.60 6.47
C ALA B 330 5.99 6.95 5.01
N THR B 331 5.12 6.22 4.32
CA THR B 331 4.84 6.51 2.91
C THR B 331 4.20 7.89 2.76
N LYS B 332 3.27 8.23 3.64
CA LYS B 332 2.62 9.54 3.56
C LYS B 332 3.57 10.67 3.89
N MET B 333 4.51 10.44 4.81
CA MET B 333 5.50 11.47 5.11
C MET B 333 6.34 11.77 3.88
N SER B 334 6.78 10.73 3.17
CA SER B 334 7.57 10.95 1.97
C SER B 334 6.74 11.62 0.89
N GLU B 335 5.55 11.08 0.60
CA GLU B 335 4.75 11.60 -0.51
C GLU B 335 4.08 12.93 -0.16
N CYS B 336 3.48 13.03 1.03
CA CYS B 336 2.73 14.24 1.36
C CYS B 336 3.63 15.35 1.90
N VAL B 337 4.62 15.02 2.71
CA VAL B 337 5.45 16.05 3.35
C VAL B 337 6.67 16.35 2.49
N LEU B 338 7.47 15.32 2.19
CA LEU B 338 8.69 15.54 1.42
C LEU B 338 8.41 15.83 -0.05
N GLY B 339 7.17 15.68 -0.50
CA GLY B 339 6.84 15.94 -1.89
C GLY B 339 5.47 16.53 -2.10
N GLN B 340 4.82 16.15 -3.19
CA GLN B 340 3.46 16.58 -3.49
C GLN B 340 2.76 15.42 -4.19
N SER B 341 1.79 14.81 -3.51
CA SER B 341 1.14 13.61 -3.99
C SER B 341 -0.01 13.97 -4.92
N LYS B 342 0.05 13.46 -6.15
CA LYS B 342 -1.06 13.57 -7.08
C LYS B 342 -2.16 12.56 -6.79
N ARG B 343 -1.89 11.55 -5.96
CA ARG B 343 -2.87 10.52 -5.69
C ARG B 343 -4.03 11.08 -4.89
N VAL B 344 -5.24 10.88 -5.42
CA VAL B 344 -6.44 11.40 -4.77
C VAL B 344 -6.64 10.76 -3.40
N ASP B 345 -7.07 11.59 -2.44
CA ASP B 345 -7.42 11.18 -1.09
C ASP B 345 -6.25 10.63 -0.29
N PHE B 346 -5.03 10.66 -0.83
CA PHE B 346 -3.90 10.13 -0.08
C PHE B 346 -3.33 11.15 0.89
N CYS B 347 -3.48 12.44 0.59
CA CYS B 347 -3.01 13.52 1.45
C CYS B 347 -4.12 14.51 1.70
N GLY B 348 -5.29 14.00 2.10
CA GLY B 348 -6.44 14.81 2.43
C GLY B 348 -7.34 15.08 1.23
N LYS B 349 -8.52 15.62 1.55
CA LYS B 349 -9.50 15.97 0.54
C LYS B 349 -9.00 17.15 -0.30
N GLY B 350 -9.34 17.12 -1.58
CA GLY B 350 -8.92 18.16 -2.50
C GLY B 350 -7.53 17.95 -3.03
N TYR B 351 -7.11 18.90 -3.88
CA TYR B 351 -5.78 18.82 -4.48
C TYR B 351 -4.71 19.12 -3.45
N HIS B 352 -3.72 18.23 -3.35
CA HIS B 352 -2.68 18.36 -2.34
C HIS B 352 -1.70 19.46 -2.71
N LEU B 353 -1.52 20.43 -1.80
CA LEU B 353 -0.49 21.44 -1.92
C LEU B 353 0.74 21.08 -1.10
N MET B 354 0.56 20.90 0.20
CA MET B 354 1.64 20.51 1.10
C MET B 354 1.02 20.01 2.39
N SER B 355 1.86 19.39 3.23
CA SER B 355 1.42 18.90 4.52
C SER B 355 2.52 19.14 5.55
N PHE B 356 2.11 19.18 6.82
CA PHE B 356 3.01 19.41 7.93
C PHE B 356 2.87 18.29 8.96
N PRO B 357 3.96 17.68 9.40
CA PRO B 357 3.86 16.62 10.41
C PRO B 357 3.88 17.16 11.83
N GLN B 358 3.18 16.44 12.70
CA GLN B 358 3.14 16.74 14.12
C GLN B 358 3.24 15.44 14.91
N SER B 359 4.09 15.44 15.94
CA SER B 359 4.28 14.25 16.75
C SER B 359 3.12 14.06 17.71
N ALA B 360 2.83 12.80 17.99
CA ALA B 360 1.78 12.41 18.93
C ALA B 360 2.23 11.18 19.68
N PRO B 361 1.71 10.95 20.88
CA PRO B 361 2.11 9.75 21.64
C PRO B 361 1.78 8.46 20.91
N HIS B 362 2.81 7.72 20.51
CA HIS B 362 2.67 6.46 19.80
C HIS B 362 2.00 6.63 18.44
N GLY B 363 2.03 7.84 17.89
CA GLY B 363 1.41 8.08 16.60
C GLY B 363 1.93 9.35 15.96
N VAL B 364 1.40 9.63 14.78
CA VAL B 364 1.75 10.83 14.02
C VAL B 364 0.47 11.47 13.51
N VAL B 365 0.44 12.81 13.54
CA VAL B 365 -0.69 13.58 13.03
C VAL B 365 -0.21 14.39 11.83
N PHE B 366 -0.85 14.18 10.68
CA PHE B 366 -0.51 14.87 9.45
C PHE B 366 -1.53 15.98 9.19
N LEU B 367 -1.04 17.19 9.03
CA LEU B 367 -1.87 18.35 8.69
C LEU B 367 -1.74 18.58 7.19
N HIS B 368 -2.77 18.19 6.44
CA HIS B 368 -2.75 18.29 4.98
C HIS B 368 -3.42 19.59 4.54
N VAL B 369 -2.69 20.38 3.76
CA VAL B 369 -3.20 21.62 3.17
C VAL B 369 -3.57 21.32 1.73
N THR B 370 -4.83 21.57 1.38
CA THR B 370 -5.34 21.21 0.07
C THR B 370 -6.11 22.38 -0.55
N TYR B 371 -6.17 22.37 -1.88
CA TYR B 371 -6.90 23.34 -2.66
C TYR B 371 -8.20 22.71 -3.14
N VAL B 372 -9.33 23.30 -2.76
CA VAL B 372 -10.64 22.85 -3.19
C VAL B 372 -11.34 24.01 -3.91
N PRO B 373 -11.79 23.84 -5.15
CA PRO B 373 -12.46 24.95 -5.84
C PRO B 373 -13.81 25.27 -5.22
N ALA B 374 -14.22 26.53 -5.38
CA ALA B 374 -15.46 27.03 -4.82
C ALA B 374 -16.09 28.04 -5.77
N GLN B 375 -17.36 28.35 -5.51
CA GLN B 375 -18.12 29.35 -6.27
C GLN B 375 -18.08 29.06 -7.77
N GLU B 376 -18.57 27.88 -8.13
CA GLU B 376 -18.64 27.48 -9.52
C GLU B 376 -19.69 28.29 -10.27
N LYS B 377 -19.43 28.55 -11.55
CA LYS B 377 -20.34 29.28 -12.41
C LYS B 377 -20.48 28.54 -13.74
N ASN B 378 -21.70 28.47 -14.25
CA ASN B 378 -21.96 27.80 -15.51
C ASN B 378 -21.49 28.65 -16.69
N PHE B 379 -20.96 27.97 -17.71
CA PHE B 379 -20.53 28.63 -18.93
C PHE B 379 -20.76 27.69 -20.11
N THR B 380 -21.12 28.28 -21.25
CA THR B 380 -21.24 27.52 -22.48
C THR B 380 -19.85 27.25 -23.05
N THR B 381 -19.64 26.01 -23.50
CA THR B 381 -18.34 25.58 -24.01
C THR B 381 -18.50 24.90 -25.36
N ALA B 382 -17.40 24.90 -26.12
CA ALA B 382 -17.32 24.24 -27.41
C ALA B 382 -16.00 23.50 -27.48
N PRO B 383 -15.97 22.33 -28.14
CA PRO B 383 -14.72 21.56 -28.17
C PRO B 383 -13.64 22.17 -29.04
N ALA B 384 -14.00 22.93 -30.07
CA ALA B 384 -13.01 23.51 -30.96
C ALA B 384 -13.56 24.79 -31.56
N ILE B 385 -12.65 25.59 -32.12
CA ILE B 385 -12.99 26.84 -32.80
C ILE B 385 -12.63 26.69 -34.27
N CYS B 386 -13.51 27.21 -35.13
CA CYS B 386 -13.33 27.15 -36.58
C CYS B 386 -12.98 28.54 -37.08
N HIS B 387 -11.87 28.63 -37.83
CA HIS B 387 -11.45 29.91 -38.40
C HIS B 387 -10.71 29.63 -39.70
N ASP B 388 -11.12 30.33 -40.76
CA ASP B 388 -10.51 30.15 -42.08
C ASP B 388 -10.55 28.68 -42.51
N GLY B 389 -11.63 27.99 -42.12
CA GLY B 389 -11.79 26.59 -42.41
C GLY B 389 -10.97 25.66 -41.55
N LYS B 390 -10.00 26.17 -40.81
CA LYS B 390 -9.16 25.36 -39.94
C LYS B 390 -9.81 25.25 -38.56
N ALA B 391 -9.71 24.05 -37.97
CA ALA B 391 -10.24 23.80 -36.64
C ALA B 391 -9.13 24.04 -35.61
N HIS B 392 -9.40 24.90 -34.64
CA HIS B 392 -8.44 25.27 -33.61
C HIS B 392 -8.84 24.63 -32.29
N PHE B 393 -7.85 24.10 -31.58
CA PHE B 393 -8.04 23.47 -30.29
C PHE B 393 -7.26 24.21 -29.21
N PRO B 394 -7.74 24.17 -27.96
CA PRO B 394 -7.05 24.90 -26.89
C PRO B 394 -5.79 24.19 -26.46
N ARG B 395 -4.69 24.94 -26.39
CA ARG B 395 -3.42 24.36 -25.93
C ARG B 395 -3.48 24.07 -24.44
N GLU B 396 -4.08 24.97 -23.68
CA GLU B 396 -4.32 24.76 -22.25
C GLU B 396 -5.63 25.45 -21.89
N GLY B 397 -6.35 24.85 -20.95
CA GLY B 397 -7.61 25.40 -20.52
C GLY B 397 -8.76 24.97 -21.42
N VAL B 398 -9.87 25.68 -21.25
CA VAL B 398 -11.12 25.37 -21.94
C VAL B 398 -11.70 26.63 -22.55
N PHE B 399 -12.35 26.46 -23.70
CA PHE B 399 -13.08 27.56 -24.32
C PHE B 399 -14.41 27.76 -23.61
N VAL B 400 -14.72 29.02 -23.31
CA VAL B 400 -15.94 29.38 -22.62
C VAL B 400 -16.55 30.58 -23.33
N SER B 401 -17.87 30.71 -23.22
CA SER B 401 -18.61 31.78 -23.88
C SER B 401 -19.26 32.67 -22.83
N ASN B 402 -18.89 33.94 -22.84
CA ASN B 402 -19.53 34.95 -21.99
C ASN B 402 -20.64 35.63 -22.81
N GLY B 403 -21.72 34.87 -23.00
CA GLY B 403 -22.80 35.32 -23.83
C GLY B 403 -22.41 35.43 -25.29
N THR B 404 -22.23 36.67 -25.76
CA THR B 404 -21.91 36.92 -27.16
C THR B 404 -20.44 36.72 -27.50
N HIS B 405 -19.55 36.54 -26.51
CA HIS B 405 -18.12 36.46 -26.76
C HIS B 405 -17.56 35.13 -26.25
N TRP B 406 -16.55 34.63 -26.96
CA TRP B 406 -15.88 33.38 -26.62
C TRP B 406 -14.49 33.67 -26.07
N PHE B 407 -14.13 32.96 -25.00
CA PHE B 407 -12.86 33.15 -24.32
C PHE B 407 -12.29 31.80 -23.92
N VAL B 408 -11.01 31.80 -23.54
CA VAL B 408 -10.34 30.61 -23.02
C VAL B 408 -9.95 30.89 -21.58
N THR B 409 -10.06 29.87 -20.73
CA THR B 409 -9.78 30.03 -19.31
C THR B 409 -9.25 28.73 -18.71
N GLN B 410 -8.48 28.88 -17.65
CA GLN B 410 -7.98 27.73 -16.89
C GLN B 410 -9.14 26.90 -16.35
N ARG B 411 -8.90 25.60 -16.19
CA ARG B 411 -9.96 24.70 -15.77
C ARG B 411 -10.29 24.83 -14.29
N ASN B 412 -9.32 25.20 -13.45
CA ASN B 412 -9.53 25.30 -12.02
C ASN B 412 -9.63 26.74 -11.53
N PHE B 413 -9.59 27.72 -12.44
CA PHE B 413 -9.76 29.12 -12.04
C PHE B 413 -10.26 29.90 -13.24
N TYR B 414 -11.31 30.68 -13.04
CA TYR B 414 -11.88 31.48 -14.12
C TYR B 414 -10.94 32.64 -14.44
N GLU B 415 -10.38 32.61 -15.64
CA GLU B 415 -9.49 33.68 -16.11
C GLU B 415 -9.66 33.81 -17.61
N PRO B 416 -10.67 34.57 -18.05
CA PRO B 416 -10.96 34.66 -19.48
C PRO B 416 -9.88 35.42 -20.22
N GLN B 417 -9.35 34.78 -21.27
CA GLN B 417 -8.34 35.38 -22.13
C GLN B 417 -8.81 35.31 -23.58
N ILE B 418 -8.36 36.28 -24.37
CA ILE B 418 -8.70 36.31 -25.79
C ILE B 418 -8.08 35.10 -26.48
N ILE B 419 -8.83 34.49 -27.38
CA ILE B 419 -8.34 33.32 -28.11
C ILE B 419 -7.35 33.80 -29.17
N THR B 420 -6.09 33.36 -29.04
CA THR B 420 -5.04 33.73 -29.96
C THR B 420 -4.21 32.51 -30.28
N THR B 421 -3.36 32.65 -31.30
CA THR B 421 -2.47 31.57 -31.69
C THR B 421 -1.50 31.19 -30.57
N ASP B 422 -1.26 32.09 -29.63
CA ASP B 422 -0.33 31.82 -28.54
C ASP B 422 -0.89 30.88 -27.49
N ASN B 423 -2.21 30.67 -27.47
CA ASN B 423 -2.84 29.79 -26.49
C ASN B 423 -3.70 28.71 -27.14
N THR B 424 -3.57 28.51 -28.45
CA THR B 424 -4.30 27.47 -29.16
C THR B 424 -3.40 26.82 -30.19
N PHE B 425 -3.83 25.67 -30.68
CA PHE B 425 -3.17 24.98 -31.78
C PHE B 425 -4.24 24.51 -32.76
N VAL B 426 -3.82 24.21 -33.97
CA VAL B 426 -4.73 24.00 -35.09
C VAL B 426 -4.55 22.59 -35.65
N SER B 427 -5.65 21.99 -36.06
CA SER B 427 -5.64 20.67 -36.68
C SER B 427 -7.00 20.40 -37.31
N GLY B 428 -6.99 19.82 -38.51
CA GLY B 428 -8.20 19.43 -39.19
C GLY B 428 -8.84 20.56 -39.97
N ASN B 429 -9.76 20.16 -40.85
CA ASN B 429 -10.42 21.06 -41.79
C ASN B 429 -11.77 21.58 -41.31
N CYS B 430 -12.04 21.54 -40.01
CA CYS B 430 -13.27 22.05 -39.42
C CYS B 430 -14.52 21.27 -39.82
N ASP B 431 -14.37 20.13 -40.49
CA ASP B 431 -15.53 19.34 -40.92
C ASP B 431 -15.66 18.03 -40.15
N VAL B 432 -14.78 17.76 -39.19
CA VAL B 432 -14.80 16.50 -38.47
C VAL B 432 -15.18 16.67 -37.00
N VAL B 433 -14.80 17.77 -36.36
CA VAL B 433 -15.08 17.95 -34.95
C VAL B 433 -16.56 18.20 -34.75
N ILE B 434 -17.24 17.30 -34.04
CA ILE B 434 -18.65 17.44 -33.75
C ILE B 434 -18.83 18.53 -32.71
N GLY B 435 -19.62 19.55 -33.04
CA GLY B 435 -19.88 20.65 -32.14
C GLY B 435 -18.95 21.82 -32.26
N ILE B 436 -18.12 21.88 -33.30
CA ILE B 436 -17.22 23.01 -33.49
C ILE B 436 -18.04 24.27 -33.76
N VAL B 437 -17.55 25.40 -33.24
CA VAL B 437 -18.22 26.68 -33.38
C VAL B 437 -17.30 27.64 -34.11
N ASN B 438 -17.89 28.51 -34.94
CA ASN B 438 -17.13 29.47 -35.70
C ASN B 438 -16.84 30.70 -34.84
N ASN B 439 -15.56 31.02 -34.68
CA ASN B 439 -15.15 32.21 -33.94
C ASN B 439 -13.80 32.66 -34.45
N THR B 440 -13.56 33.97 -34.36
CA THR B 440 -12.30 34.54 -34.82
C THR B 440 -11.17 34.24 -33.85
N VAL B 441 -10.00 33.94 -34.40
CA VAL B 441 -8.77 33.77 -33.64
C VAL B 441 -7.83 34.89 -34.04
N TYR B 442 -7.38 35.68 -33.07
CA TYR B 442 -6.56 36.84 -33.32
C TYR B 442 -5.09 36.47 -33.34
N ASP B 443 -4.31 37.26 -34.08
CA ASP B 443 -2.87 37.06 -34.17
C ASP B 443 -2.18 37.73 -32.97
N PRO B 444 -1.48 36.98 -32.12
CA PRO B 444 -0.84 37.62 -30.95
C PRO B 444 0.35 38.48 -31.32
N CYS C 8 12.52 -11.89 -33.97
CA CYS C 8 12.40 -11.37 -32.58
C CYS C 8 12.75 -9.89 -32.55
N VAL C 9 12.35 -9.21 -31.47
CA VAL C 9 12.62 -7.78 -31.36
C VAL C 9 14.13 -7.56 -31.26
N ALA C 10 14.60 -6.49 -31.89
CA ALA C 10 16.02 -6.15 -31.92
C ALA C 10 16.20 -4.67 -31.67
N TYR C 11 17.20 -4.33 -30.85
CA TYR C 11 17.49 -2.95 -30.56
C TYR C 11 18.15 -2.29 -31.76
N SER C 12 18.00 -0.96 -31.85
CA SER C 12 18.66 -0.18 -32.88
C SER C 12 18.89 1.22 -32.37
N ASN C 13 20.04 1.79 -32.73
CA ASN C 13 20.46 3.10 -32.24
C ASN C 13 19.81 4.25 -33.00
N ASN C 14 19.11 3.98 -34.11
CA ASN C 14 18.55 5.05 -34.92
C ASN C 14 17.12 4.75 -35.38
N SER C 15 16.45 3.77 -34.79
CA SER C 15 15.09 3.41 -35.16
C SER C 15 14.17 3.56 -33.96
N ILE C 16 12.99 4.14 -34.20
CA ILE C 16 11.96 4.29 -33.18
C ILE C 16 10.65 3.76 -33.73
N ALA C 17 9.85 3.16 -32.85
CA ALA C 17 8.52 2.65 -33.19
C ALA C 17 7.47 3.54 -32.57
N ILE C 18 6.53 4.01 -33.38
CA ILE C 18 5.46 4.89 -32.94
C ILE C 18 4.14 4.25 -33.31
N PRO C 19 3.14 4.21 -32.43
CA PRO C 19 1.87 3.57 -32.76
C PRO C 19 1.01 4.45 -33.65
N THR C 20 0.45 3.85 -34.69
CA THR C 20 -0.43 4.55 -35.64
C THR C 20 -1.90 4.40 -35.31
N ASN C 21 -2.26 3.53 -34.36
CA ASN C 21 -3.65 3.30 -34.01
C ASN C 21 -3.72 2.96 -32.52
N PHE C 22 -4.94 2.74 -32.04
CA PHE C 22 -5.15 2.40 -30.64
C PHE C 22 -6.39 1.52 -30.51
N THR C 23 -6.42 0.73 -29.44
CA THR C 23 -7.55 -0.11 -29.09
C THR C 23 -7.89 0.10 -27.63
N ILE C 24 -9.11 0.57 -27.36
CA ILE C 24 -9.59 0.71 -25.98
C ILE C 24 -10.00 -0.65 -25.45
N SER C 25 -9.63 -0.93 -24.21
CA SER C 25 -9.94 -2.20 -23.56
C SER C 25 -10.44 -1.95 -22.14
N VAL C 26 -11.28 -2.86 -21.67
CA VAL C 26 -11.85 -2.80 -20.33
C VAL C 26 -11.48 -4.08 -19.60
N THR C 27 -10.80 -3.95 -18.48
CA THR C 27 -10.35 -5.08 -17.68
C THR C 27 -10.98 -5.00 -16.30
N THR C 28 -11.64 -6.08 -15.88
CA THR C 28 -12.28 -6.13 -14.57
C THR C 28 -11.30 -6.60 -13.50
N GLU C 29 -11.44 -6.04 -12.31
CA GLU C 29 -10.68 -6.45 -11.13
C GLU C 29 -11.63 -6.65 -9.97
N ILE C 30 -11.60 -7.83 -9.37
CA ILE C 30 -12.51 -8.21 -8.28
C ILE C 30 -11.71 -8.28 -6.99
N LEU C 31 -12.17 -7.58 -5.96
CA LEU C 31 -11.54 -7.58 -4.66
C LEU C 31 -12.57 -7.84 -3.58
N PRO C 32 -12.32 -8.75 -2.63
CA PRO C 32 -13.23 -8.90 -1.51
C PRO C 32 -13.13 -7.73 -0.54
N VAL C 33 -14.27 -7.27 -0.05
CA VAL C 33 -14.31 -6.10 0.81
C VAL C 33 -14.80 -6.43 2.22
N SER C 34 -15.66 -7.44 2.38
CA SER C 34 -16.22 -7.74 3.69
C SER C 34 -16.43 -9.24 3.82
N MET C 35 -16.84 -9.64 5.03
CA MET C 35 -17.10 -11.04 5.36
C MET C 35 -18.42 -11.11 6.14
N THR C 36 -19.03 -12.28 6.12
CA THR C 36 -20.28 -12.47 6.85
C THR C 36 -20.04 -12.28 8.35
N LYS C 37 -20.94 -11.53 8.99
CA LYS C 37 -20.80 -11.18 10.41
C LYS C 37 -21.19 -12.36 11.31
N THR C 38 -20.44 -13.44 11.18
CA THR C 38 -20.65 -14.61 12.03
C THR C 38 -20.18 -14.34 13.45
N SER C 39 -20.86 -14.97 14.41
CA SER C 39 -20.51 -14.85 15.81
C SER C 39 -20.83 -16.15 16.52
N VAL C 40 -20.12 -16.41 17.61
CA VAL C 40 -20.26 -17.66 18.37
C VAL C 40 -20.25 -17.33 19.86
N ASP C 41 -21.17 -17.95 20.59
CA ASP C 41 -21.22 -17.82 22.04
C ASP C 41 -20.42 -18.96 22.66
N CYS C 42 -19.52 -18.61 23.58
CA CYS C 42 -18.59 -19.58 24.15
C CYS C 42 -19.20 -20.38 25.29
N THR C 43 -20.28 -19.91 25.91
CA THR C 43 -20.93 -20.64 26.99
C THR C 43 -22.11 -21.47 26.51
N MET C 44 -22.35 -21.50 25.20
CA MET C 44 -23.40 -22.32 24.60
C MET C 44 -22.83 -23.38 23.67
N TYR C 45 -21.68 -23.11 23.05
CA TYR C 45 -21.01 -24.12 22.24
C TYR C 45 -20.51 -25.26 23.11
N ILE C 46 -19.87 -24.94 24.23
CA ILE C 46 -19.28 -25.95 25.09
C ILE C 46 -20.35 -26.62 25.94
N CYS C 47 -21.12 -25.84 26.67
CA CYS C 47 -22.17 -26.33 27.55
C CYS C 47 -23.52 -25.89 26.99
N GLY C 48 -24.37 -26.86 26.67
CA GLY C 48 -25.66 -26.53 26.10
C GLY C 48 -26.80 -27.04 26.95
N ASP C 49 -27.41 -26.11 27.70
CA ASP C 49 -28.56 -26.33 28.57
C ASP C 49 -28.13 -26.90 29.92
N SER C 50 -26.92 -27.44 29.98
CA SER C 50 -26.40 -28.04 31.20
C SER C 50 -25.99 -26.97 32.19
N THR C 51 -26.45 -27.10 33.43
CA THR C 51 -26.06 -26.19 34.50
C THR C 51 -24.82 -26.66 35.24
N GLU C 52 -24.52 -27.95 35.20
CA GLU C 52 -23.31 -28.46 35.84
C GLU C 52 -22.06 -28.14 35.03
N CYS C 53 -22.18 -28.05 33.71
CA CYS C 53 -21.05 -27.72 32.85
C CYS C 53 -20.72 -26.23 32.87
N SER C 54 -21.66 -25.39 33.28
CA SER C 54 -21.40 -23.95 33.32
C SER C 54 -20.64 -23.55 34.58
N ASN C 55 -21.15 -23.96 35.75
CA ASN C 55 -20.45 -23.76 37.02
C ASN C 55 -18.97 -24.04 36.88
N LEU C 56 -18.63 -25.14 36.20
CA LEU C 56 -17.23 -25.50 36.04
C LEU C 56 -16.54 -24.60 35.03
N LEU C 57 -17.24 -24.21 33.96
CA LEU C 57 -16.63 -23.39 32.93
C LEU C 57 -16.28 -21.99 33.44
N LEU C 58 -16.86 -21.58 34.58
CA LEU C 58 -16.54 -20.27 35.14
C LEU C 58 -15.16 -20.28 35.78
N GLN C 59 -14.71 -21.44 36.26
CA GLN C 59 -13.41 -21.52 36.91
C GLN C 59 -12.27 -21.33 35.92
N TYR C 60 -12.51 -21.49 34.63
CA TYR C 60 -11.50 -21.27 33.62
C TYR C 60 -11.27 -19.80 33.29
N GLY C 61 -11.91 -18.90 34.03
CA GLY C 61 -11.66 -17.48 33.88
C GLY C 61 -12.24 -16.87 32.61
N SER C 62 -11.52 -15.86 32.10
CA SER C 62 -11.97 -15.00 31.03
C SER C 62 -11.88 -15.63 29.63
N PHE C 63 -11.52 -16.90 29.51
CA PHE C 63 -11.31 -17.48 28.19
C PHE C 63 -12.52 -17.23 27.29
N CYS C 64 -13.73 -17.48 27.80
CA CYS C 64 -14.92 -17.28 26.99
C CYS C 64 -15.09 -15.81 26.59
N THR C 65 -14.87 -14.89 27.52
CA THR C 65 -15.05 -13.48 27.21
C THR C 65 -14.04 -13.00 26.17
N GLN C 66 -12.82 -13.55 26.18
CA GLN C 66 -11.82 -13.14 25.20
C GLN C 66 -12.25 -13.52 23.79
N LEU C 67 -12.67 -14.78 23.61
CA LEU C 67 -13.06 -15.24 22.28
C LEU C 67 -14.31 -14.51 21.78
N ASN C 68 -15.28 -14.28 22.65
CA ASN C 68 -16.50 -13.58 22.23
C ASN C 68 -16.18 -12.16 21.79
N ARG C 69 -15.33 -11.46 22.53
CA ARG C 69 -14.98 -10.09 22.16
C ARG C 69 -14.24 -10.05 20.84
N ALA C 70 -13.36 -11.03 20.60
CA ALA C 70 -12.62 -11.07 19.35
C ALA C 70 -13.55 -11.17 18.16
N LEU C 71 -14.53 -12.07 18.23
CA LEU C 71 -15.47 -12.22 17.12
C LEU C 71 -16.29 -10.96 16.91
N THR C 72 -16.66 -10.28 18.00
CA THR C 72 -17.41 -9.03 17.88
C THR C 72 -16.60 -7.98 17.14
N GLY C 73 -15.31 -7.88 17.44
CA GLY C 73 -14.47 -6.93 16.73
C GLY C 73 -14.42 -7.19 15.24
N ILE C 74 -14.33 -8.46 14.85
CA ILE C 74 -14.32 -8.80 13.43
C ILE C 74 -15.60 -8.33 12.76
N ALA C 75 -16.74 -8.59 13.40
CA ALA C 75 -18.02 -8.19 12.81
C ALA C 75 -18.09 -6.68 12.62
N VAL C 76 -17.65 -5.92 13.62
CA VAL C 76 -17.65 -4.47 13.49
C VAL C 76 -16.70 -4.02 12.39
N GLU C 77 -15.58 -4.73 12.23
CA GLU C 77 -14.61 -4.37 11.20
C GLU C 77 -15.21 -4.51 9.81
N GLN C 78 -16.10 -5.47 9.60
CA GLN C 78 -16.71 -5.65 8.28
C GLN C 78 -17.56 -4.45 7.91
N ASP C 79 -18.28 -3.89 8.89
CA ASP C 79 -19.07 -2.70 8.62
C ASP C 79 -18.18 -1.52 8.24
N LYS C 80 -17.09 -1.32 8.96
CA LYS C 80 -16.18 -0.22 8.65
C LYS C 80 -15.55 -0.41 7.28
N ASN C 81 -15.15 -1.64 6.96
CA ASN C 81 -14.52 -1.91 5.66
C ASN C 81 -15.43 -1.47 4.51
N THR C 82 -16.70 -1.85 4.57
CA THR C 82 -17.62 -1.48 3.51
C THR C 82 -17.83 0.02 3.45
N GLN C 83 -17.97 0.67 4.60
CA GLN C 83 -18.19 2.11 4.63
C GLN C 83 -17.00 2.86 4.05
N GLU C 84 -15.78 2.44 4.38
CA GLU C 84 -14.59 3.13 3.90
C GLU C 84 -14.45 3.04 2.39
N VAL C 85 -15.05 2.05 1.75
CA VAL C 85 -14.93 1.88 0.30
C VAL C 85 -16.05 2.64 -0.42
N PHE C 86 -17.30 2.35 -0.07
CA PHE C 86 -18.43 2.89 -0.81
C PHE C 86 -18.90 4.25 -0.32
N ALA C 87 -18.69 4.57 0.95
CA ALA C 87 -19.19 5.82 1.52
C ALA C 87 -18.27 7.01 1.28
N GLN C 88 -17.29 6.87 0.39
CA GLN C 88 -16.37 7.99 0.14
C GLN C 88 -17.11 9.21 -0.40
N VAL C 89 -18.24 9.00 -1.07
CA VAL C 89 -19.09 10.09 -1.55
C VAL C 89 -20.52 9.80 -1.12
N LYS C 90 -21.17 10.80 -0.53
CA LYS C 90 -22.54 10.66 -0.07
C LYS C 90 -23.48 11.75 -0.61
N GLN C 91 -22.98 12.65 -1.44
CA GLN C 91 -23.82 13.63 -2.13
C GLN C 91 -24.40 12.94 -3.37
N ILE C 92 -25.41 12.10 -3.13
CA ILE C 92 -25.98 11.25 -4.17
C ILE C 92 -26.31 12.07 -5.41
N TYR C 93 -25.68 11.75 -6.52
CA TYR C 93 -25.95 12.42 -7.78
C TYR C 93 -27.16 11.79 -8.47
N CYS C 94 -28.01 12.64 -9.03
CA CYS C 94 -29.23 12.16 -9.67
C CYS C 94 -28.90 11.49 -11.00
N THR C 95 -29.59 10.39 -11.27
CA THR C 95 -29.33 9.63 -12.49
C THR C 95 -29.49 10.54 -13.71
N PRO C 96 -28.63 10.41 -14.72
CA PRO C 96 -28.76 11.25 -15.91
C PRO C 96 -29.84 10.74 -16.84
N PRO C 97 -30.95 11.47 -17.00
CA PRO C 97 -32.03 10.98 -17.87
C PRO C 97 -31.80 11.26 -19.34
N ILE C 98 -30.77 12.03 -19.70
CA ILE C 98 -30.49 12.35 -21.09
C ILE C 98 -29.64 11.24 -21.66
N LYS C 99 -30.23 10.42 -22.52
CA LYS C 99 -29.53 9.30 -23.17
C LYS C 99 -28.96 9.73 -24.52
N ASP C 100 -28.22 10.84 -24.53
CA ASP C 100 -27.70 11.44 -25.74
C ASP C 100 -26.24 11.82 -25.57
N PHE C 101 -25.44 10.89 -25.04
CA PHE C 101 -24.00 11.07 -24.98
C PHE C 101 -23.41 10.97 -26.39
N GLY C 102 -22.09 11.08 -26.47
CA GLY C 102 -21.41 11.08 -27.75
C GLY C 102 -21.17 9.70 -28.32
N GLY C 103 -22.09 8.77 -28.07
CA GLY C 103 -21.99 7.41 -28.56
C GLY C 103 -21.79 6.38 -27.47
N PHE C 104 -21.33 6.79 -26.29
CA PHE C 104 -21.06 5.86 -25.20
C PHE C 104 -22.37 5.33 -24.62
N ASN C 105 -22.52 4.00 -24.61
CA ASN C 105 -23.74 3.34 -24.20
C ASN C 105 -23.51 2.70 -22.82
N PHE C 106 -23.73 3.48 -21.78
CA PHE C 106 -23.60 3.03 -20.39
C PHE C 106 -24.77 2.16 -19.93
N SER C 107 -25.66 1.74 -20.83
CA SER C 107 -26.86 1.04 -20.41
C SER C 107 -26.53 -0.22 -19.61
N GLN C 108 -25.40 -0.86 -19.90
CA GLN C 108 -24.99 -2.03 -19.13
C GLN C 108 -24.29 -1.67 -17.83
N ILE C 109 -23.85 -0.41 -17.69
CA ILE C 109 -23.16 0.03 -16.48
C ILE C 109 -24.13 0.63 -15.49
N LEU C 110 -25.04 1.48 -15.95
CA LEU C 110 -26.00 2.14 -15.08
C LEU C 110 -27.17 1.23 -14.76
N PRO C 111 -27.91 1.53 -13.70
CA PRO C 111 -29.13 0.75 -13.40
C PRO C 111 -30.18 0.94 -14.47
N ASP C 112 -31.24 0.14 -14.36
CA ASP C 112 -32.41 0.27 -15.22
C ASP C 112 -33.66 0.06 -14.38
N PRO C 113 -34.80 0.60 -14.82
CA PRO C 113 -36.05 0.45 -14.05
C PRO C 113 -36.84 -0.82 -14.34
N SER C 114 -36.41 -1.66 -15.29
CA SER C 114 -37.19 -2.83 -15.66
C SER C 114 -37.22 -3.91 -14.57
N LYS C 115 -36.53 -3.71 -13.45
CA LYS C 115 -36.54 -4.66 -12.35
C LYS C 115 -36.55 -3.91 -11.03
N PRO C 116 -37.09 -4.52 -9.97
CA PRO C 116 -37.16 -3.82 -8.68
C PRO C 116 -35.84 -3.79 -7.92
N SER C 117 -34.86 -4.60 -8.32
CA SER C 117 -33.58 -4.62 -7.61
C SER C 117 -32.78 -3.35 -7.86
N LYS C 118 -33.05 -2.63 -8.95
CA LYS C 118 -32.35 -1.39 -9.27
C LYS C 118 -30.84 -1.61 -9.36
N ARG C 119 -30.44 -2.73 -9.95
CA ARG C 119 -29.05 -3.07 -10.15
C ARG C 119 -28.73 -3.11 -11.64
N SER C 120 -27.48 -2.79 -11.98
CA SER C 120 -27.06 -2.82 -13.36
C SER C 120 -27.09 -4.26 -13.89
N PRO C 121 -27.19 -4.43 -15.21
CA PRO C 121 -27.14 -5.79 -15.77
C PRO C 121 -25.90 -6.55 -15.36
N ILE C 122 -24.75 -5.88 -15.20
CA ILE C 122 -23.55 -6.57 -14.72
C ILE C 122 -23.71 -6.93 -13.25
N GLU C 123 -24.26 -6.02 -12.45
CA GLU C 123 -24.46 -6.29 -11.03
C GLU C 123 -25.41 -7.46 -10.84
N ASP C 124 -26.45 -7.56 -11.68
CA ASP C 124 -27.40 -8.65 -11.54
C ASP C 124 -26.79 -9.99 -11.88
N LEU C 125 -25.71 -10.00 -12.67
CA LEU C 125 -25.00 -11.24 -12.96
C LEU C 125 -24.05 -11.61 -11.82
N LEU C 126 -23.31 -10.62 -11.31
CA LEU C 126 -22.39 -10.89 -10.21
C LEU C 126 -23.13 -11.44 -9.00
N PHE C 127 -24.31 -10.90 -8.70
CA PHE C 127 -25.10 -11.35 -7.55
C PHE C 127 -25.67 -12.75 -7.74
N ASN C 128 -25.60 -13.31 -8.95
CA ASN C 128 -26.10 -14.65 -9.22
C ASN C 128 -24.98 -15.68 -9.31
N LYS C 129 -23.76 -15.26 -9.65
CA LYS C 129 -22.64 -16.19 -9.75
C LYS C 129 -22.16 -16.65 -8.38
N VAL C 130 -22.42 -15.89 -7.33
CA VAL C 130 -22.06 -16.25 -5.96
C VAL C 130 -23.33 -16.67 -5.24
N THR C 131 -23.28 -17.86 -4.63
CA THR C 131 -24.46 -18.44 -3.99
C THR C 131 -24.05 -19.09 -2.67
N LEU C 132 -25.03 -19.21 -1.78
CA LEU C 132 -24.86 -19.87 -0.50
C LEU C 132 -25.56 -21.22 -0.53
N ALA C 133 -24.83 -22.28 -0.20
CA ALA C 133 -25.40 -23.61 -0.23
C ALA C 133 -26.41 -23.79 0.89
N ASP C 134 -27.38 -24.67 0.65
CA ASP C 134 -28.41 -24.94 1.66
C ASP C 134 -27.87 -25.71 2.85
N ALA C 135 -26.76 -26.45 2.67
CA ALA C 135 -26.16 -27.19 3.77
C ALA C 135 -25.40 -26.30 4.74
N GLY C 136 -25.15 -25.04 4.37
CA GLY C 136 -24.43 -24.14 5.25
C GLY C 136 -25.33 -23.55 6.31
N PHE C 137 -24.80 -23.45 7.54
CA PHE C 137 -25.56 -22.91 8.65
C PHE C 137 -25.97 -21.46 8.42
N ILE C 138 -25.25 -20.73 7.55
CA ILE C 138 -25.58 -19.33 7.32
C ILE C 138 -26.99 -19.20 6.77
N LYS C 139 -27.40 -20.14 5.91
CA LYS C 139 -28.76 -20.11 5.37
C LYS C 139 -29.75 -20.71 6.34
N GLN C 140 -29.40 -21.83 6.96
CA GLN C 140 -30.32 -22.48 7.89
C GLN C 140 -30.68 -21.57 9.06
N TYR C 141 -29.74 -20.73 9.49
CA TYR C 141 -30.04 -19.80 10.58
C TYR C 141 -31.05 -18.76 10.14
N GLY C 142 -30.97 -18.31 8.89
CA GLY C 142 -31.94 -17.34 8.40
C GLY C 142 -33.34 -17.92 8.32
N ASP C 143 -33.46 -19.15 7.83
CA ASP C 143 -34.77 -19.80 7.78
C ASP C 143 -35.37 -19.98 9.17
N CYS C 144 -34.53 -20.15 10.19
CA CYS C 144 -35.03 -20.31 11.54
C CYS C 144 -35.62 -19.01 12.08
N LEU C 145 -35.06 -17.87 11.69
CA LEU C 145 -35.57 -16.59 12.17
C LEU C 145 -36.84 -16.17 11.43
N GLY C 146 -36.81 -16.24 10.10
CA GLY C 146 -37.94 -15.74 9.33
C GLY C 146 -38.12 -14.25 9.47
N ASP C 147 -37.02 -13.49 9.49
CA ASP C 147 -36.97 -12.04 9.63
C ASP C 147 -37.38 -11.56 11.02
N ILE C 148 -37.81 -12.44 11.92
CA ILE C 148 -38.14 -12.02 13.28
C ILE C 148 -36.85 -11.91 14.09
N ALA C 149 -36.80 -10.88 14.94
CA ALA C 149 -35.62 -10.64 15.77
C ALA C 149 -35.72 -11.26 17.15
N ALA C 150 -36.93 -11.55 17.63
CA ALA C 150 -37.10 -12.05 18.99
C ALA C 150 -36.56 -13.46 19.15
N ARG C 151 -36.56 -14.25 18.07
CA ARG C 151 -36.09 -15.63 18.13
C ARG C 151 -34.59 -15.78 17.94
N ASP C 152 -33.84 -14.67 18.01
CA ASP C 152 -32.39 -14.75 17.88
C ASP C 152 -31.80 -15.76 18.86
N LEU C 153 -32.15 -15.63 20.15
CA LEU C 153 -31.61 -16.55 21.14
C LEU C 153 -32.12 -17.96 20.96
N ILE C 154 -33.35 -18.12 20.45
CA ILE C 154 -33.91 -19.46 20.26
C ILE C 154 -33.18 -20.18 19.13
N CYS C 155 -32.95 -19.49 18.01
CA CYS C 155 -32.24 -20.11 16.90
C CYS C 155 -30.78 -20.35 17.26
N ALA C 156 -30.17 -19.45 18.02
CA ALA C 156 -28.79 -19.64 18.46
C ALA C 156 -28.65 -20.90 19.30
N GLN C 157 -29.58 -21.13 20.23
CA GLN C 157 -29.53 -22.34 21.04
C GLN C 157 -29.62 -23.59 20.18
N LYS C 158 -30.40 -23.53 19.10
CA LYS C 158 -30.51 -24.68 18.21
C LYS C 158 -29.22 -24.92 17.45
N PHE C 159 -28.62 -23.85 16.93
CA PHE C 159 -27.39 -23.97 16.14
C PHE C 159 -26.14 -23.82 16.99
N ASN C 160 -26.10 -24.53 18.12
CA ASN C 160 -24.90 -24.61 18.97
C ASN C 160 -24.30 -23.24 19.23
N GLY C 161 -25.15 -22.23 19.38
CA GLY C 161 -24.71 -20.89 19.69
C GLY C 161 -24.28 -20.06 18.50
N LEU C 162 -24.36 -20.58 17.29
CA LEU C 162 -23.99 -19.79 16.12
C LEU C 162 -25.02 -18.69 15.87
N THR C 163 -24.52 -17.49 15.58
CA THR C 163 -25.37 -16.34 15.33
C THR C 163 -24.71 -15.47 14.27
N VAL C 164 -25.46 -15.15 13.21
CA VAL C 164 -25.01 -14.29 12.13
C VAL C 164 -25.73 -12.95 12.27
N LEU C 165 -24.95 -11.88 12.39
CA LEU C 165 -25.53 -10.55 12.54
C LEU C 165 -25.89 -9.97 11.17
N PRO C 166 -26.93 -9.14 11.10
CA PRO C 166 -27.29 -8.51 9.83
C PRO C 166 -26.36 -7.36 9.49
N PRO C 167 -25.99 -7.20 8.22
CA PRO C 167 -25.14 -6.07 7.84
C PRO C 167 -25.83 -4.74 8.11
N LEU C 168 -25.03 -3.74 8.47
CA LEU C 168 -25.58 -2.41 8.72
C LEU C 168 -26.05 -1.76 7.42
N LEU C 169 -25.32 -1.98 6.33
CA LEU C 169 -25.69 -1.45 5.02
C LEU C 169 -26.21 -2.60 4.16
N THR C 170 -27.42 -2.44 3.65
CA THR C 170 -28.03 -3.44 2.80
C THR C 170 -27.43 -3.37 1.40
N ASP C 171 -27.69 -4.42 0.62
CA ASP C 171 -27.21 -4.46 -0.77
C ASP C 171 -27.76 -3.28 -1.57
N GLU C 172 -28.99 -2.85 -1.26
CA GLU C 172 -29.57 -1.72 -1.98
C GLU C 172 -28.81 -0.43 -1.67
N MET C 173 -28.41 -0.24 -0.42
CA MET C 173 -27.66 0.96 -0.06
C MET C 173 -26.32 1.02 -0.80
N ILE C 174 -25.64 -0.13 -0.90
CA ILE C 174 -24.37 -0.16 -1.61
C ILE C 174 -24.58 0.15 -3.09
N ALA C 175 -25.65 -0.39 -3.69
CA ALA C 175 -25.93 -0.10 -5.08
C ALA C 175 -26.23 1.38 -5.29
N GLN C 176 -26.98 1.98 -4.36
CA GLN C 176 -27.28 3.40 -4.48
C GLN C 176 -26.01 4.24 -4.39
N TYR C 177 -25.10 3.87 -3.49
CA TYR C 177 -23.84 4.60 -3.38
C TYR C 177 -23.01 4.46 -4.65
N THR C 178 -22.97 3.24 -5.21
CA THR C 178 -22.21 3.03 -6.45
C THR C 178 -22.81 3.83 -7.59
N SER C 179 -24.14 3.88 -7.68
CA SER C 179 -24.79 4.67 -8.72
C SER C 179 -24.39 6.14 -8.63
N ALA C 180 -24.32 6.67 -7.40
CA ALA C 180 -23.91 8.06 -7.23
C ALA C 180 -22.50 8.30 -7.75
N LEU C 181 -21.58 7.37 -7.47
CA LEU C 181 -20.22 7.51 -7.97
C LEU C 181 -20.19 7.46 -9.49
N LEU C 182 -21.00 6.59 -10.10
CA LEU C 182 -21.05 6.50 -11.55
C LEU C 182 -21.60 7.79 -12.15
N ALA C 183 -22.75 8.25 -11.66
CA ALA C 183 -23.35 9.46 -12.20
C ALA C 183 -22.41 10.65 -12.08
N GLY C 184 -21.71 10.77 -10.95
CA GLY C 184 -20.77 11.86 -10.79
C GLY C 184 -19.63 11.79 -11.79
N THR C 185 -19.05 10.60 -11.95
CA THR C 185 -17.94 10.44 -12.89
C THR C 185 -18.40 10.71 -14.32
N ILE C 186 -19.61 10.27 -14.67
CA ILE C 186 -20.09 10.46 -16.04
C ILE C 186 -20.50 11.90 -16.29
N THR C 187 -20.96 12.61 -15.26
CA THR C 187 -21.46 13.96 -15.41
C THR C 187 -20.55 15.04 -14.86
N SER C 188 -19.61 14.69 -13.98
CA SER C 188 -18.77 15.68 -13.33
C SER C 188 -17.29 15.32 -13.33
N GLY C 189 -16.91 14.18 -13.91
CA GLY C 189 -15.51 13.82 -13.97
C GLY C 189 -14.86 13.67 -12.60
N TRP C 190 -13.52 13.68 -12.63
CA TRP C 190 -12.73 13.46 -11.44
C TRP C 190 -12.88 14.57 -10.40
N THR C 191 -13.42 15.73 -10.78
CA THR C 191 -13.51 16.84 -9.84
C THR C 191 -14.67 16.68 -8.87
N PHE C 192 -15.66 15.84 -9.19
CA PHE C 192 -16.78 15.65 -8.28
C PHE C 192 -16.32 15.10 -6.94
N GLY C 193 -15.17 14.40 -6.91
CA GLY C 193 -14.61 13.88 -5.69
C GLY C 193 -13.62 14.77 -5.00
N ALA C 194 -13.29 15.92 -5.60
CA ALA C 194 -12.33 16.86 -5.03
C ALA C 194 -12.96 18.23 -4.80
N GLY C 195 -14.29 18.31 -4.83
CA GLY C 195 -14.98 19.56 -4.69
C GLY C 195 -16.42 19.49 -5.15
N PRO C 196 -17.00 20.62 -5.54
CA PRO C 196 -18.39 20.63 -5.99
C PRO C 196 -18.58 19.84 -7.28
N ALA C 197 -19.85 19.66 -7.62
CA ALA C 197 -20.26 18.91 -8.82
C ALA C 197 -20.06 19.77 -10.06
N LEU C 198 -18.78 19.95 -10.43
CA LEU C 198 -18.44 20.71 -11.61
C LEU C 198 -18.75 19.92 -12.88
N GLN C 199 -19.95 20.11 -13.41
CA GLN C 199 -20.38 19.38 -14.60
C GLN C 199 -19.49 19.70 -15.80
N ILE C 200 -19.30 18.71 -16.65
CA ILE C 200 -18.50 18.85 -17.88
C ILE C 200 -19.02 17.85 -18.90
N PRO C 201 -19.08 18.19 -20.18
CA PRO C 201 -19.53 17.20 -21.18
C PRO C 201 -18.59 16.00 -21.22
N PHE C 202 -19.18 14.82 -21.35
CA PHE C 202 -18.37 13.59 -21.33
C PHE C 202 -17.35 13.53 -22.45
N PRO C 203 -17.66 13.88 -23.70
CA PRO C 203 -16.60 13.87 -24.72
C PRO C 203 -15.43 14.77 -24.36
N MET C 204 -15.70 15.93 -23.77
CA MET C 204 -14.61 16.79 -23.32
C MET C 204 -13.82 16.14 -22.21
N GLN C 205 -14.52 15.49 -21.27
CA GLN C 205 -13.84 14.80 -20.18
C GLN C 205 -12.86 13.76 -20.71
N MET C 206 -13.27 12.99 -21.71
CA MET C 206 -12.36 12.02 -22.31
C MET C 206 -11.24 12.71 -23.06
N ALA C 207 -11.56 13.83 -23.73
CA ALA C 207 -10.52 14.57 -24.43
C ALA C 207 -9.43 15.06 -23.48
N TYR C 208 -9.82 15.41 -22.24
CA TYR C 208 -8.86 15.93 -21.29
C TYR C 208 -8.12 14.79 -20.58
N ARG C 209 -8.74 13.62 -20.51
CA ARG C 209 -8.06 12.45 -19.98
C ARG C 209 -7.03 11.94 -20.97
N PHE C 210 -7.30 12.06 -22.27
CA PHE C 210 -6.33 11.70 -23.28
C PHE C 210 -5.07 12.55 -23.15
N ASN C 211 -5.24 13.86 -22.91
CA ASN C 211 -4.09 14.73 -22.73
C ASN C 211 -3.24 14.31 -21.53
N GLY C 212 -3.85 13.63 -20.57
CA GLY C 212 -3.11 13.15 -19.42
C GLY C 212 -2.24 11.94 -19.68
N ILE C 213 -2.45 11.28 -20.82
CA ILE C 213 -1.64 10.12 -21.20
C ILE C 213 -0.76 10.44 -22.41
N GLY C 214 -0.49 11.72 -22.65
CA GLY C 214 0.36 12.12 -23.75
C GLY C 214 -0.29 12.12 -25.11
N VAL C 215 -1.61 11.94 -25.18
CA VAL C 215 -2.36 11.93 -26.44
C VAL C 215 -3.14 13.23 -26.54
N THR C 216 -2.95 13.95 -27.63
CA THR C 216 -3.62 15.23 -27.82
C THR C 216 -5.13 15.05 -27.95
N GLN C 217 -5.86 16.10 -27.57
CA GLN C 217 -7.31 16.07 -27.66
C GLN C 217 -7.78 15.79 -29.09
N ASN C 218 -7.00 16.19 -30.08
CA ASN C 218 -7.37 15.98 -31.47
C ASN C 218 -7.73 14.53 -31.76
N VAL C 219 -7.00 13.59 -31.17
CA VAL C 219 -7.19 12.18 -31.51
C VAL C 219 -8.60 11.73 -31.16
N LEU C 220 -9.17 12.24 -30.06
CA LEU C 220 -10.51 11.83 -29.69
C LEU C 220 -11.56 12.38 -30.65
N TYR C 221 -11.50 13.69 -30.93
CA TYR C 221 -12.52 14.32 -31.75
C TYR C 221 -12.57 13.73 -33.15
N GLU C 222 -11.40 13.52 -33.77
CA GLU C 222 -11.36 12.91 -35.09
C GLU C 222 -11.68 11.42 -35.07
N ASN C 223 -11.72 10.80 -33.89
CA ASN C 223 -12.03 9.38 -33.78
C ASN C 223 -13.13 9.12 -32.75
N GLN C 224 -13.98 10.11 -32.48
CA GLN C 224 -14.96 9.99 -31.41
C GLN C 224 -15.90 8.82 -31.65
N LYS C 225 -16.40 8.67 -32.88
CA LYS C 225 -17.29 7.56 -33.18
C LYS C 225 -16.58 6.23 -33.03
N LEU C 226 -15.34 6.13 -33.51
CA LEU C 226 -14.58 4.89 -33.39
C LEU C 226 -14.28 4.59 -31.93
N ILE C 227 -13.88 5.60 -31.16
CA ILE C 227 -13.59 5.39 -29.75
C ILE C 227 -14.85 4.98 -28.99
N ALA C 228 -15.99 5.61 -29.31
CA ALA C 228 -17.24 5.24 -28.67
C ALA C 228 -17.60 3.79 -28.97
N ASN C 229 -17.47 3.38 -30.23
CA ASN C 229 -17.79 2.00 -30.59
C ASN C 229 -16.89 1.02 -29.86
N GLN C 230 -15.60 1.34 -29.74
CA GLN C 230 -14.69 0.46 -29.03
C GLN C 230 -15.09 0.30 -27.57
N PHE C 231 -15.42 1.41 -26.90
CA PHE C 231 -15.84 1.34 -25.51
C PHE C 231 -17.10 0.49 -25.35
N ASN C 232 -18.08 0.72 -26.22
CA ASN C 232 -19.34 -0.03 -26.12
C ASN C 232 -19.11 -1.52 -26.30
N SER C 233 -18.28 -1.90 -27.27
CA SER C 233 -18.00 -3.31 -27.51
C SER C 233 -17.29 -3.94 -26.32
N ALA C 234 -16.36 -3.21 -25.70
CA ALA C 234 -15.63 -3.74 -24.55
C ALA C 234 -16.56 -4.00 -23.38
N ILE C 235 -17.48 -3.07 -23.11
CA ILE C 235 -18.43 -3.26 -22.02
C ILE C 235 -19.34 -4.45 -22.30
N GLY C 236 -19.67 -4.69 -23.56
CA GLY C 236 -20.49 -5.85 -23.89
C GLY C 236 -19.74 -7.16 -23.72
N LYS C 237 -18.46 -7.19 -24.12
CA LYS C 237 -17.70 -8.44 -24.05
C LYS C 237 -17.44 -8.87 -22.62
N ILE C 238 -17.26 -7.92 -21.69
CA ILE C 238 -16.96 -8.29 -20.31
C ILE C 238 -18.13 -9.03 -19.69
N GLN C 239 -19.37 -8.64 -20.03
CA GLN C 239 -20.53 -9.33 -19.49
C GLN C 239 -20.52 -10.80 -19.88
N ASP C 240 -20.23 -11.09 -21.14
CA ASP C 240 -20.15 -12.48 -21.58
C ASP C 240 -18.99 -13.20 -20.89
N SER C 241 -17.86 -12.52 -20.73
CA SER C 241 -16.71 -13.14 -20.08
C SER C 241 -17.04 -13.59 -18.67
N LEU C 242 -17.68 -12.72 -17.89
CA LEU C 242 -18.07 -13.08 -16.53
C LEU C 242 -19.15 -14.16 -16.53
N SER C 243 -20.08 -14.07 -17.48
CA SER C 243 -21.15 -15.07 -17.55
C SER C 243 -20.60 -16.45 -17.87
N SER C 244 -19.66 -16.55 -18.80
CA SER C 244 -19.15 -17.85 -19.23
C SER C 244 -18.13 -18.40 -18.23
N THR C 245 -17.07 -17.65 -17.96
CA THR C 245 -16.00 -18.12 -17.10
C THR C 245 -16.54 -18.38 -15.68
N PRO C 246 -16.58 -19.63 -15.23
CA PRO C 246 -17.17 -19.90 -13.90
C PRO C 246 -16.24 -19.54 -12.76
N SER C 247 -14.94 -19.46 -13.00
CA SER C 247 -13.94 -19.17 -11.98
C SER C 247 -13.50 -17.71 -12.01
N ALA C 248 -14.36 -16.80 -12.46
CA ALA C 248 -14.01 -15.39 -12.51
C ALA C 248 -14.15 -14.74 -11.13
N LEU C 249 -15.24 -15.02 -10.42
CA LEU C 249 -15.48 -14.48 -9.10
C LEU C 249 -14.99 -15.40 -7.98
N GLY C 250 -14.02 -16.26 -8.27
CA GLY C 250 -13.52 -17.17 -7.25
C GLY C 250 -13.03 -16.46 -6.01
N LYS C 251 -12.44 -15.28 -6.16
CA LYS C 251 -11.93 -14.55 -5.02
C LYS C 251 -13.04 -14.27 -4.00
N LEU C 252 -14.25 -14.02 -4.49
CA LEU C 252 -15.37 -13.76 -3.59
C LEU C 252 -15.99 -15.05 -3.08
N GLN C 253 -16.04 -16.08 -3.93
CA GLN C 253 -16.60 -17.36 -3.51
C GLN C 253 -15.67 -18.07 -2.52
N ASP C 254 -14.35 -17.91 -2.70
CA ASP C 254 -13.41 -18.58 -1.82
C ASP C 254 -13.57 -18.14 -0.37
N VAL C 255 -13.74 -16.84 -0.13
CA VAL C 255 -13.89 -16.37 1.24
C VAL C 255 -15.18 -16.89 1.86
N VAL C 256 -16.24 -17.02 1.05
CA VAL C 256 -17.49 -17.57 1.57
C VAL C 256 -17.31 -19.05 1.90
N ASN C 257 -16.68 -19.80 1.01
CA ASN C 257 -16.46 -21.21 1.23
C ASN C 257 -15.58 -21.46 2.45
N GLN C 258 -14.51 -20.66 2.61
CA GLN C 258 -13.61 -20.85 3.73
C GLN C 258 -14.32 -20.68 5.07
N ASN C 259 -15.19 -19.66 5.16
CA ASN C 259 -15.91 -19.43 6.41
C ASN C 259 -16.90 -20.56 6.68
N ALA C 260 -17.55 -21.08 5.63
CA ALA C 260 -18.50 -22.17 5.82
C ALA C 260 -17.78 -23.42 6.33
N GLU C 261 -16.62 -23.73 5.78
CA GLU C 261 -15.87 -24.91 6.22
C GLU C 261 -15.43 -24.77 7.67
N ALA C 262 -15.08 -23.56 8.09
CA ALA C 262 -14.65 -23.34 9.46
C ALA C 262 -15.77 -23.65 10.45
N LEU C 263 -16.98 -23.18 10.17
CA LEU C 263 -18.10 -23.46 11.06
C LEU C 263 -18.45 -24.93 11.05
N ASN C 264 -18.39 -25.57 9.88
CA ASN C 264 -18.69 -27.00 9.80
C ASN C 264 -17.72 -27.81 10.63
N THR C 265 -16.42 -27.49 10.55
CA THR C 265 -15.44 -28.23 11.34
C THR C 265 -15.63 -27.96 12.83
N LEU C 266 -15.98 -26.73 13.19
CA LEU C 266 -16.18 -26.40 14.60
C LEU C 266 -17.36 -27.16 15.18
N VAL C 267 -18.50 -27.15 14.48
CA VAL C 267 -19.69 -27.82 14.99
C VAL C 267 -19.49 -29.34 15.00
N LYS C 268 -18.80 -29.87 13.98
CA LYS C 268 -18.57 -31.31 13.93
C LYS C 268 -17.71 -31.78 15.09
N GLN C 269 -16.80 -30.94 15.58
CA GLN C 269 -15.93 -31.32 16.67
C GLN C 269 -16.67 -31.49 18.00
N LEU C 270 -17.92 -31.04 18.08
CA LEU C 270 -18.73 -31.35 19.26
C LEU C 270 -18.99 -32.84 19.39
N SER C 271 -18.92 -33.58 18.30
CA SER C 271 -19.11 -35.03 18.31
C SER C 271 -17.83 -35.78 18.69
N SER C 272 -16.84 -35.10 19.25
CA SER C 272 -15.55 -35.69 19.56
C SER C 272 -15.44 -35.94 21.06
N ASN C 273 -14.84 -37.09 21.42
CA ASN C 273 -14.72 -37.48 22.82
C ASN C 273 -13.52 -36.82 23.50
N PHE C 274 -12.56 -36.32 22.74
CA PHE C 274 -11.33 -35.74 23.30
C PHE C 274 -10.74 -36.61 24.40
N GLY C 275 -10.95 -37.92 24.30
CA GLY C 275 -10.45 -38.84 25.31
C GLY C 275 -11.34 -38.89 26.52
N ALA C 276 -12.57 -39.35 26.35
CA ALA C 276 -13.55 -39.41 27.42
C ALA C 276 -14.54 -40.52 27.13
N ILE C 277 -15.47 -40.73 28.05
CA ILE C 277 -16.39 -41.86 27.94
C ILE C 277 -17.43 -41.59 26.87
N SER C 278 -17.72 -40.33 26.58
CA SER C 278 -18.67 -39.98 25.53
C SER C 278 -18.65 -38.47 25.32
N SER C 279 -19.11 -38.05 24.15
CA SER C 279 -19.22 -36.64 23.81
C SER C 279 -20.46 -35.99 24.41
N VAL C 280 -21.29 -36.75 25.12
CA VAL C 280 -22.56 -36.25 25.64
C VAL C 280 -22.41 -36.02 27.14
N LEU C 281 -22.78 -34.82 27.59
CA LEU C 281 -22.54 -34.45 28.97
C LEU C 281 -23.56 -35.08 29.91
N ASN C 282 -24.79 -35.28 29.46
CA ASN C 282 -25.78 -35.96 30.28
C ASN C 282 -25.48 -37.44 30.43
N ASP C 283 -24.90 -38.06 29.41
CA ASP C 283 -24.59 -39.49 29.48
C ASP C 283 -23.48 -39.75 30.50
N ILE C 284 -22.40 -38.99 30.43
CA ILE C 284 -21.30 -39.19 31.37
C ILE C 284 -21.72 -38.82 32.78
N LEU C 285 -22.49 -37.74 32.93
CA LEU C 285 -22.89 -37.29 34.26
C LEU C 285 -23.87 -38.24 34.92
N SER C 286 -24.57 -39.06 34.15
CA SER C 286 -25.48 -40.05 34.71
C SER C 286 -24.81 -41.39 34.97
N ARG C 287 -23.84 -41.76 34.15
CA ARG C 287 -23.12 -43.02 34.37
C ARG C 287 -22.17 -42.90 35.56
N LEU C 288 -21.44 -41.80 35.65
CA LEU C 288 -20.48 -41.60 36.72
C LEU C 288 -21.14 -40.92 37.92
N ASP C 289 -20.53 -41.11 39.08
CA ASP C 289 -20.87 -40.34 40.27
C ASP C 289 -20.19 -38.98 40.26
N PRO C 290 -20.64 -38.05 41.10
CA PRO C 290 -20.10 -36.68 41.07
C PRO C 290 -18.60 -36.64 41.32
N PRO C 291 -18.06 -37.42 42.25
CA PRO C 291 -16.62 -37.33 42.52
C PRO C 291 -15.74 -37.94 41.43
N GLU C 292 -16.33 -38.44 40.34
CA GLU C 292 -15.57 -38.96 39.21
C GLU C 292 -15.99 -38.35 37.88
N ALA C 293 -17.20 -37.78 37.78
CA ALA C 293 -17.65 -37.22 36.51
C ALA C 293 -16.89 -35.95 36.15
N GLU C 294 -16.39 -35.22 37.15
CA GLU C 294 -15.74 -33.95 36.86
C GLU C 294 -14.38 -34.12 36.20
N TRP C 295 -13.78 -35.30 36.32
CA TRP C 295 -12.56 -35.58 35.57
C TRP C 295 -12.87 -35.74 34.08
N GLN C 296 -14.02 -36.32 33.75
CA GLN C 296 -14.37 -36.51 32.34
C GLN C 296 -15.00 -35.27 31.75
N ILE C 297 -15.69 -34.46 32.57
CA ILE C 297 -16.29 -33.23 32.09
C ILE C 297 -15.29 -32.09 32.02
N ASP C 298 -14.04 -32.31 32.42
CA ASP C 298 -12.97 -31.34 32.26
C ASP C 298 -12.16 -31.59 30.99
N ARG C 299 -12.24 -32.79 30.44
CA ARG C 299 -11.51 -33.12 29.23
C ARG C 299 -12.26 -32.64 27.98
N LEU C 300 -13.60 -32.65 28.03
CA LEU C 300 -14.39 -32.13 26.93
C LEU C 300 -14.41 -30.62 26.90
N ILE C 301 -14.41 -29.98 28.08
CA ILE C 301 -14.37 -28.52 28.15
C ILE C 301 -13.08 -28.01 27.52
N TRP C 302 -11.96 -28.70 27.78
CA TRP C 302 -10.67 -28.24 27.28
C TRP C 302 -10.50 -28.51 25.80
N GLY C 303 -11.15 -29.56 25.28
CA GLY C 303 -11.10 -29.84 23.86
C GLY C 303 -12.01 -28.91 23.09
N ARG C 304 -13.16 -28.57 23.68
CA ARG C 304 -14.11 -27.67 23.05
C ARG C 304 -13.70 -26.21 23.17
N LEU C 305 -12.69 -25.89 23.98
CA LEU C 305 -12.18 -24.53 24.09
C LEU C 305 -11.06 -24.28 23.10
N GLN C 306 -10.18 -25.27 22.90
CA GLN C 306 -9.13 -25.13 21.90
C GLN C 306 -9.71 -25.17 20.49
N SER C 307 -10.80 -25.91 20.30
CA SER C 307 -11.47 -25.92 19.01
C SER C 307 -11.99 -24.53 18.65
N LEU C 308 -12.70 -23.90 19.59
CA LEU C 308 -13.22 -22.56 19.34
C LEU C 308 -12.09 -21.55 19.25
N GLN C 309 -11.04 -21.71 20.05
CA GLN C 309 -9.90 -20.81 19.97
C GLN C 309 -9.22 -20.92 18.61
N THR C 310 -9.18 -22.13 18.05
CA THR C 310 -8.60 -22.30 16.72
C THR C 310 -9.44 -21.59 15.66
N TYR C 311 -10.76 -21.64 15.80
CA TYR C 311 -11.64 -20.93 14.87
C TYR C 311 -11.41 -19.42 14.96
N VAL C 312 -11.36 -18.89 16.18
CA VAL C 312 -11.21 -17.44 16.35
C VAL C 312 -9.89 -16.95 15.78
N THR C 313 -8.80 -17.66 16.09
CA THR C 313 -7.49 -17.22 15.62
C THR C 313 -7.41 -17.27 14.09
N GLN C 314 -7.98 -18.30 13.47
CA GLN C 314 -7.97 -18.38 12.02
C GLN C 314 -8.81 -17.27 11.40
N GLN C 315 -9.93 -16.93 12.04
CA GLN C 315 -10.75 -15.83 11.54
C GLN C 315 -10.02 -14.50 11.63
N LEU C 316 -9.26 -14.29 12.70
CA LEU C 316 -8.49 -13.06 12.82
C LEU C 316 -7.48 -12.91 11.69
N ILE C 317 -6.83 -14.02 11.32
CA ILE C 317 -5.89 -13.98 10.20
C ILE C 317 -6.63 -13.68 8.91
N ARG C 318 -7.79 -14.31 8.71
CA ARG C 318 -8.57 -14.07 7.49
C ARG C 318 -9.12 -12.65 7.47
N ALA C 319 -9.53 -12.13 8.62
CA ALA C 319 -10.06 -10.76 8.67
C ALA C 319 -9.00 -9.75 8.28
N ALA C 320 -7.74 -10.01 8.62
CA ALA C 320 -6.66 -9.10 8.23
C ALA C 320 -6.50 -9.05 6.72
N GLU C 321 -6.62 -10.20 6.05
CA GLU C 321 -6.52 -10.22 4.60
C GLU C 321 -7.63 -9.41 3.96
N ILE C 322 -8.86 -9.55 4.46
CA ILE C 322 -9.97 -8.78 3.91
C ILE C 322 -9.78 -7.30 4.20
N ARG C 323 -9.25 -6.97 5.37
CA ARG C 323 -9.00 -5.58 5.71
C ARG C 323 -8.02 -4.94 4.73
N ALA C 324 -6.96 -5.67 4.37
CA ALA C 324 -6.02 -5.16 3.40
C ALA C 324 -6.67 -4.98 2.03
N SER C 325 -7.48 -5.96 1.62
CA SER C 325 -8.18 -5.85 0.33
C SER C 325 -9.17 -4.68 0.35
N ALA C 326 -9.86 -4.49 1.47
CA ALA C 326 -10.80 -3.37 1.56
C ALA C 326 -10.07 -2.04 1.49
N ASN C 327 -8.92 -1.93 2.16
CA ASN C 327 -8.14 -0.70 2.09
C ASN C 327 -7.65 -0.46 0.67
N LEU C 328 -7.20 -1.53 -0.01
CA LEU C 328 -6.78 -1.40 -1.39
C LEU C 328 -7.94 -0.97 -2.29
N ALA C 329 -9.11 -1.56 -2.07
CA ALA C 329 -10.28 -1.19 -2.86
C ALA C 329 -10.63 0.28 -2.66
N ALA C 330 -10.59 0.77 -1.43
CA ALA C 330 -10.86 2.18 -1.18
C ALA C 330 -9.84 3.07 -1.86
N THR C 331 -8.56 2.68 -1.82
CA THR C 331 -7.53 3.45 -2.49
C THR C 331 -7.76 3.46 -3.99
N LYS C 332 -8.12 2.32 -4.57
CA LYS C 332 -8.34 2.27 -6.01
C LYS C 332 -9.57 3.05 -6.42
N MET C 333 -10.61 3.07 -5.58
CA MET C 333 -11.78 3.89 -5.88
C MET C 333 -11.40 5.36 -5.97
N SER C 334 -10.61 5.84 -5.01
CA SER C 334 -10.19 7.23 -5.05
C SER C 334 -9.30 7.51 -6.25
N GLU C 335 -8.27 6.68 -6.45
CA GLU C 335 -7.30 6.95 -7.51
C GLU C 335 -7.84 6.62 -8.89
N CYS C 336 -8.49 5.46 -9.03
CA CYS C 336 -8.94 5.04 -10.36
C CYS C 336 -10.28 5.65 -10.74
N VAL C 337 -11.22 5.76 -9.80
CA VAL C 337 -12.57 6.24 -10.12
C VAL C 337 -12.65 7.74 -9.94
N LEU C 338 -12.34 8.23 -8.74
CA LEU C 338 -12.45 9.65 -8.47
C LEU C 338 -11.36 10.47 -9.15
N GLY C 339 -10.35 9.82 -9.74
CA GLY C 339 -9.28 10.54 -10.39
C GLY C 339 -8.75 9.84 -11.62
N GLN C 340 -7.44 9.97 -11.84
CA GLN C 340 -6.76 9.30 -12.94
C GLN C 340 -5.37 8.92 -12.45
N SER C 341 -5.13 7.62 -12.29
CA SER C 341 -3.90 7.13 -11.70
C SER C 341 -2.82 6.99 -12.77
N LYS C 342 -1.69 7.68 -12.56
CA LYS C 342 -0.53 7.49 -13.40
C LYS C 342 0.26 6.24 -13.03
N ARG C 343 -0.02 5.64 -11.88
CA ARG C 343 0.73 4.46 -11.44
C ARG C 343 0.44 3.27 -12.33
N VAL C 344 1.50 2.68 -12.88
CA VAL C 344 1.36 1.55 -13.78
C VAL C 344 0.73 0.36 -13.07
N ASP C 345 -0.16 -0.33 -13.78
CA ASP C 345 -0.81 -1.55 -13.34
C ASP C 345 -1.72 -1.38 -12.13
N PHE C 346 -1.91 -0.14 -11.66
CA PHE C 346 -2.76 0.05 -10.50
C PHE C 346 -4.24 0.13 -10.88
N CYS C 347 -4.54 0.56 -12.10
CA CYS C 347 -5.91 0.65 -12.60
C CYS C 347 -6.02 -0.05 -13.95
N GLY C 348 -5.52 -1.28 -14.00
CA GLY C 348 -5.59 -2.09 -15.20
C GLY C 348 -4.39 -1.91 -16.12
N LYS C 349 -4.32 -2.81 -17.10
CA LYS C 349 -3.25 -2.77 -18.09
C LYS C 349 -3.40 -1.56 -19.00
N GLY C 350 -2.28 -0.99 -19.41
CA GLY C 350 -2.27 0.18 -20.27
C GLY C 350 -2.46 1.47 -19.50
N TYR C 351 -2.47 2.56 -20.25
CA TYR C 351 -2.62 3.88 -19.64
C TYR C 351 -4.05 4.08 -19.15
N HIS C 352 -4.18 4.48 -17.90
CA HIS C 352 -5.50 4.62 -17.28
C HIS C 352 -6.19 5.87 -17.79
N LEU C 353 -7.41 5.68 -18.33
CA LEU C 353 -8.28 6.79 -18.70
C LEU C 353 -9.32 7.05 -17.61
N MET C 354 -10.12 6.04 -17.29
CA MET C 354 -11.12 6.15 -16.24
C MET C 354 -11.55 4.74 -15.87
N SER C 355 -12.29 4.65 -14.76
CA SER C 355 -12.82 3.37 -14.30
C SER C 355 -14.22 3.57 -13.75
N PHE C 356 -14.99 2.47 -13.73
CA PHE C 356 -16.36 2.48 -13.25
C PHE C 356 -16.53 1.41 -12.17
N PRO C 357 -17.11 1.76 -11.02
CA PRO C 357 -17.32 0.75 -9.99
C PRO C 357 -18.64 0.00 -10.14
N GLN C 358 -18.62 -1.26 -9.70
CA GLN C 358 -19.79 -2.11 -9.69
C GLN C 358 -19.83 -2.88 -8.38
N SER C 359 -21.00 -2.93 -7.75
CA SER C 359 -21.15 -3.63 -6.49
C SER C 359 -21.21 -5.14 -6.72
N ALA C 360 -20.70 -5.88 -5.74
CA ALA C 360 -20.71 -7.33 -5.75
C ALA C 360 -20.91 -7.83 -4.33
N PRO C 361 -21.45 -9.03 -4.16
CA PRO C 361 -21.66 -9.55 -2.81
C PRO C 361 -20.35 -9.68 -2.03
N HIS C 362 -20.22 -8.88 -0.96
CA HIS C 362 -19.03 -8.87 -0.12
C HIS C 362 -17.78 -8.45 -0.87
N GLY C 363 -17.94 -7.75 -1.98
CA GLY C 363 -16.79 -7.31 -2.76
C GLY C 363 -17.16 -6.17 -3.69
N VAL C 364 -16.16 -5.73 -4.44
CA VAL C 364 -16.31 -4.67 -5.42
C VAL C 364 -15.62 -5.09 -6.71
N VAL C 365 -16.23 -4.76 -7.84
CA VAL C 365 -15.68 -5.03 -9.16
C VAL C 365 -15.39 -3.71 -9.84
N PHE C 366 -14.13 -3.49 -10.21
CA PHE C 366 -13.70 -2.27 -10.89
C PHE C 366 -13.53 -2.54 -12.37
N LEU C 367 -14.21 -1.74 -13.19
CA LEU C 367 -14.08 -1.81 -14.65
C LEU C 367 -13.14 -0.69 -15.08
N HIS C 368 -11.90 -1.06 -15.41
CA HIS C 368 -10.88 -0.11 -15.78
C HIS C 368 -10.83 0.06 -17.29
N VAL C 369 -10.96 1.30 -17.75
CA VAL C 369 -10.86 1.64 -19.17
C VAL C 369 -9.47 2.20 -19.40
N THR C 370 -8.70 1.59 -20.31
CA THR C 370 -7.33 1.96 -20.53
C THR C 370 -7.04 2.12 -22.02
N TYR C 371 -6.01 2.92 -22.31
CA TYR C 371 -5.53 3.17 -23.66
C TYR C 371 -4.25 2.35 -23.87
N VAL C 372 -4.27 1.46 -24.85
CA VAL C 372 -3.10 0.67 -25.21
C VAL C 372 -2.78 0.94 -26.68
N PRO C 373 -1.55 1.36 -27.02
CA PRO C 373 -1.23 1.61 -28.42
C PRO C 373 -1.20 0.35 -29.25
N ALA C 374 -1.47 0.50 -30.54
CA ALA C 374 -1.51 -0.63 -31.47
C ALA C 374 -0.97 -0.19 -32.83
N GLN C 375 -0.70 -1.18 -33.67
CA GLN C 375 -0.23 -0.98 -35.04
C GLN C 375 1.00 -0.07 -35.07
N GLU C 376 2.05 -0.52 -34.39
CA GLU C 376 3.31 0.21 -34.39
C GLU C 376 4.00 0.14 -35.74
N LYS C 377 4.70 1.22 -36.08
CA LYS C 377 5.45 1.31 -37.33
C LYS C 377 6.84 1.87 -37.05
N ASN C 378 7.84 1.28 -37.71
CA ASN C 378 9.22 1.72 -37.52
C ASN C 378 9.47 3.04 -38.24
N PHE C 379 10.30 3.89 -37.61
CA PHE C 379 10.69 5.15 -38.20
C PHE C 379 12.10 5.48 -37.75
N THR C 380 12.86 6.11 -38.66
CA THR C 380 14.19 6.60 -38.32
C THR C 380 14.08 7.88 -37.51
N THR C 381 14.88 7.98 -36.46
CA THR C 381 14.82 9.12 -35.55
C THR C 381 16.22 9.68 -35.32
N ALA C 382 16.26 10.96 -34.94
CA ALA C 382 17.50 11.65 -34.60
C ALA C 382 17.25 12.45 -33.34
N PRO C 383 18.26 12.56 -32.46
CA PRO C 383 18.04 13.27 -31.19
C PRO C 383 17.89 14.78 -31.35
N ALA C 384 18.49 15.38 -32.38
CA ALA C 384 18.41 16.82 -32.55
C ALA C 384 18.53 17.16 -34.02
N ILE C 385 18.12 18.38 -34.36
CA ILE C 385 18.21 18.91 -35.71
C ILE C 385 19.21 20.07 -35.71
N CYS C 386 20.03 20.14 -36.76
CA CYS C 386 21.06 21.16 -36.91
C CYS C 386 20.62 22.12 -38.00
N HIS C 387 20.60 23.42 -37.69
CA HIS C 387 20.22 24.43 -38.66
C HIS C 387 20.96 25.72 -38.32
N ASP C 388 21.63 26.29 -39.32
CA ASP C 388 22.40 27.52 -39.14
C ASP C 388 23.42 27.35 -38.00
N GLY C 389 23.97 26.15 -37.88
CA GLY C 389 24.91 25.84 -36.84
C GLY C 389 24.31 25.61 -35.47
N LYS C 390 23.05 26.00 -35.27
CA LYS C 390 22.37 25.81 -33.99
C LYS C 390 21.72 24.44 -33.94
N ALA C 391 21.78 23.81 -32.78
CA ALA C 391 21.16 22.51 -32.55
C ALA C 391 19.76 22.72 -31.99
N HIS C 392 18.76 22.14 -32.65
CA HIS C 392 17.36 22.28 -32.28
C HIS C 392 16.86 20.98 -31.67
N PHE C 393 16.10 21.10 -30.59
CA PHE C 393 15.53 19.96 -29.90
C PHE C 393 14.01 20.03 -29.91
N PRO C 394 13.33 18.89 -29.86
CA PRO C 394 11.86 18.90 -29.93
C PRO C 394 11.25 19.35 -28.60
N ARG C 395 10.32 20.30 -28.68
CA ARG C 395 9.65 20.76 -27.46
C ARG C 395 8.70 19.70 -26.95
N GLU C 396 8.00 19.01 -27.85
CA GLU C 396 7.15 17.88 -27.52
C GLU C 396 7.21 16.90 -28.66
N GLY C 397 7.11 15.61 -28.33
CA GLY C 397 7.16 14.58 -29.34
C GLY C 397 8.57 14.20 -29.74
N VAL C 398 8.66 13.50 -30.86
CA VAL C 398 9.92 12.95 -31.34
C VAL C 398 10.07 13.28 -32.82
N PHE C 399 11.31 13.48 -33.24
CA PHE C 399 11.62 13.66 -34.65
C PHE C 399 11.63 12.31 -35.34
N VAL C 400 10.98 12.23 -36.50
CA VAL C 400 10.88 11.01 -37.28
C VAL C 400 11.14 11.34 -38.74
N SER C 401 11.64 10.37 -39.48
CA SER C 401 11.98 10.55 -40.88
C SER C 401 11.11 9.65 -41.75
N ASN C 402 10.35 10.28 -42.64
CA ASN C 402 9.56 9.56 -43.64
C ASN C 402 10.39 9.46 -44.92
N GLY C 403 11.40 8.59 -44.86
CA GLY C 403 12.33 8.47 -45.96
C GLY C 403 13.18 9.71 -46.16
N THR C 404 12.87 10.48 -47.19
CA THR C 404 13.64 11.68 -47.53
C THR C 404 13.27 12.90 -46.69
N HIS C 405 12.20 12.85 -45.90
CA HIS C 405 11.74 14.02 -45.16
C HIS C 405 11.70 13.73 -43.66
N TRP C 406 11.97 14.77 -42.88
CA TRP C 406 11.98 14.71 -41.43
C TRP C 406 10.77 15.43 -40.86
N PHE C 407 10.12 14.82 -39.87
CA PHE C 407 8.91 15.34 -39.26
C PHE C 407 8.98 15.14 -37.75
N VAL C 408 8.08 15.81 -37.04
CA VAL C 408 7.91 15.64 -35.60
C VAL C 408 6.52 15.08 -35.35
N THR C 409 6.42 14.18 -34.37
CA THR C 409 5.15 13.53 -34.07
C THR C 409 5.06 13.16 -32.60
N GLN C 410 3.82 13.09 -32.12
CA GLN C 410 3.55 12.65 -30.76
C GLN C 410 4.10 11.24 -30.53
N ARG C 411 4.45 10.96 -29.28
CA ARG C 411 5.08 9.67 -28.96
C ARG C 411 4.07 8.53 -28.94
N ASN C 412 2.81 8.79 -28.59
CA ASN C 412 1.80 7.76 -28.50
C ASN C 412 0.82 7.78 -29.66
N PHE C 413 1.01 8.65 -30.66
CA PHE C 413 0.15 8.66 -31.83
C PHE C 413 0.93 9.28 -32.99
N TYR C 414 0.92 8.60 -34.13
CA TYR C 414 1.62 9.10 -35.31
C TYR C 414 0.88 10.29 -35.88
N GLU C 415 1.52 11.46 -35.82
CA GLU C 415 0.94 12.70 -36.36
C GLU C 415 2.08 13.56 -36.87
N PRO C 416 2.53 13.33 -38.10
CA PRO C 416 3.70 14.04 -38.60
C PRO C 416 3.39 15.51 -38.85
N GLN C 417 4.20 16.38 -38.26
CA GLN C 417 4.08 17.82 -38.44
C GLN C 417 5.42 18.39 -38.91
N ILE C 418 5.34 19.49 -39.65
CA ILE C 418 6.55 20.15 -40.13
C ILE C 418 7.32 20.71 -38.95
N ILE C 419 8.64 20.57 -38.99
CA ILE C 419 9.49 21.07 -37.91
C ILE C 419 9.57 22.58 -38.03
N THR C 420 9.09 23.28 -37.00
CA THR C 420 9.08 24.73 -36.98
C THR C 420 9.50 25.21 -35.60
N THR C 421 9.78 26.50 -35.50
CA THR C 421 10.14 27.09 -34.21
C THR C 421 9.02 26.98 -33.19
N ASP C 422 7.78 26.79 -33.65
CA ASP C 422 6.64 26.70 -32.72
C ASP C 422 6.57 25.36 -32.00
N ASN C 423 7.29 24.34 -32.48
CA ASN C 423 7.27 23.03 -31.86
C ASN C 423 8.67 22.53 -31.52
N THR C 424 9.67 23.40 -31.53
CA THR C 424 11.03 23.03 -31.17
C THR C 424 11.67 24.16 -30.39
N PHE C 425 12.78 23.85 -29.72
CA PHE C 425 13.60 24.83 -29.04
C PHE C 425 15.06 24.55 -29.37
N VAL C 426 15.90 25.56 -29.16
CA VAL C 426 17.27 25.56 -29.66
C VAL C 426 18.24 25.65 -28.50
N SER C 427 19.36 24.95 -28.62
CA SER C 427 20.43 24.99 -27.63
C SER C 427 21.68 24.35 -28.21
N GLY C 428 22.82 24.94 -27.95
CA GLY C 428 24.09 24.40 -28.36
C GLY C 428 24.47 24.74 -29.79
N ASN C 429 25.75 24.53 -30.10
CA ASN C 429 26.35 24.91 -31.36
C ASN C 429 26.41 23.78 -32.38
N CYS C 430 25.58 22.74 -32.23
CA CYS C 430 25.49 21.61 -33.15
C CYS C 430 26.76 20.76 -33.21
N ASP C 431 27.72 20.97 -32.30
CA ASP C 431 28.95 20.20 -32.30
C ASP C 431 29.06 19.26 -31.11
N VAL C 432 28.04 19.20 -30.25
CA VAL C 432 28.09 18.39 -29.05
C VAL C 432 27.11 17.23 -29.09
N VAL C 433 25.94 17.39 -29.70
CA VAL C 433 24.93 16.33 -29.70
C VAL C 433 25.39 15.22 -30.62
N ILE C 434 25.60 14.04 -30.04
CA ILE C 434 26.00 12.86 -30.82
C ILE C 434 24.81 12.36 -31.62
N GLY C 435 24.96 12.30 -32.93
CA GLY C 435 23.91 11.83 -33.81
C GLY C 435 23.00 12.90 -34.35
N ILE C 436 23.35 14.17 -34.19
CA ILE C 436 22.54 15.25 -34.74
C ILE C 436 22.54 15.18 -36.26
N VAL C 437 21.41 15.53 -36.86
CA VAL C 437 21.23 15.48 -38.31
C VAL C 437 20.90 16.87 -38.81
N ASN C 438 21.39 17.20 -40.00
CA ASN C 438 21.15 18.51 -40.60
C ASN C 438 19.80 18.50 -41.29
N ASN C 439 18.92 19.42 -40.90
CA ASN C 439 17.62 19.56 -41.55
C ASN C 439 17.13 20.98 -41.35
N THR C 440 16.35 21.46 -42.32
CA THR C 440 15.82 22.81 -42.27
C THR C 440 14.70 22.93 -41.25
N VAL C 441 14.68 24.04 -40.53
CA VAL C 441 13.60 24.39 -39.62
C VAL C 441 12.92 25.65 -40.17
N TYR C 442 11.62 25.55 -40.42
CA TYR C 442 10.88 26.63 -41.04
C TYR C 442 10.35 27.61 -39.99
N ASP C 443 10.17 28.86 -40.42
CA ASP C 443 9.63 29.88 -39.55
C ASP C 443 8.11 29.81 -39.53
N PRO C 444 7.47 29.56 -38.37
CA PRO C 444 6.01 29.45 -38.35
C PRO C 444 5.31 30.79 -38.57
#